data_4RU5
#
_entry.id   4RU5
#
_cell.length_a   210.617
_cell.length_b   124.705
_cell.length_c   83.563
_cell.angle_alpha   90.00
_cell.angle_beta   97.93
_cell.angle_gamma   90.00
#
_symmetry.space_group_name_H-M   'C 1 2 1'
#
loop_
_entity.id
_entity.type
_entity.pdbx_description
1 polymer 'tailspike gp27'
2 non-polymer 'CALCIUM ION'
3 non-polymer 'SODIUM ION'
4 non-polymer 1,2-ETHANEDIOL
5 non-polymer 'ACETATE ION'
6 water water
#
_entity_poly.entity_id   1
_entity_poly.type   'polypeptide(L)'
_entity_poly.pdbx_seq_one_letter_code
;STVADRLNDTANVKDYGAIADGAYHPLSERFATLAEAQAVYPHATALTDSIDWAAYQAAINSGAPHVHAPGGHYVMNRGT
LAERDIRYTGDGYATRVDFSLADGPGSCMLTQGELVQIGDLSVSVVKGARTLTFAAAPDLAPGDVVIVYNPANGSWLADR
DPYRAGEMWKVHSVSGSTVTIYGNSSSVYLFSEVDVYRMRGVRVSVDQMHFSPSDTYAIAPFRVVFGDGVKVSNYYASDV
TRYTGLEVERCFDVSINAVSSPNRSPAVNDEYGITISNCHNFSVYGGYAAATRHAVALGGMDAVCCVPNRNGLIYGMHIE
GIDIDSDIGAGDMHGNADKITYDNCEFRNGVILQGRDATVRNSTIYGVSSVSGEALYGTEVYGGTYTIENNRFISYGNGA
SFGIIHISPGTSQREALLIIARNNTFELPNATGSTKVLFLRGRNSPLPCSVNIDGMHVHMAPVAMQCFLFADDQVAATLN
SNYLIIDGVYGPSGTYLLYPTSKNAAIPTRQMHQSGAVNVTTTASATVAAPAQTIRYPYSKIPNVSVQVSSQSGGGQSAI
GSITPVAIAYNVQPNSIRPAIMAPSGSFAAGGSARLHWSASLDDI
;
_entity_poly.pdbx_strand_id   A,B,C
#
loop_
_chem_comp.id
_chem_comp.type
_chem_comp.name
_chem_comp.formula
ACT non-polymer 'ACETATE ION' 'C2 H3 O2 -1'
CA non-polymer 'CALCIUM ION' 'Ca 2'
EDO non-polymer 1,2-ETHANEDIOL 'C2 H6 O2'
NA non-polymer 'SODIUM ION' 'Na 1'
#
# COMPACT_ATOMS: atom_id res chain seq x y z
N ARG A 6 19.66 -37.71 -20.89
CA ARG A 6 20.50 -36.49 -20.95
C ARG A 6 21.73 -36.62 -20.00
N LEU A 7 22.85 -35.99 -20.36
CA LEU A 7 24.04 -35.90 -19.45
C LEU A 7 23.95 -34.65 -18.55
N ASN A 8 23.26 -33.62 -19.02
CA ASN A 8 23.32 -32.27 -18.47
C ASN A 8 21.90 -31.82 -18.18
N ASP A 9 21.70 -31.42 -16.91
CA ASP A 9 20.42 -30.88 -16.34
C ASP A 9 20.16 -29.46 -16.75
N THR A 10 21.21 -28.83 -17.31
CA THR A 10 21.10 -27.59 -18.08
C THR A 10 21.33 -27.83 -19.55
N ALA A 11 20.36 -27.50 -20.36
CA ALA A 11 20.47 -27.61 -21.79
C ALA A 11 20.62 -26.19 -22.33
N ASN A 12 21.74 -25.94 -22.99
CA ASN A 12 22.02 -24.67 -23.61
C ASN A 12 21.67 -24.77 -25.07
N VAL A 13 20.78 -23.89 -25.52
CA VAL A 13 20.21 -24.03 -26.84
C VAL A 13 21.28 -24.02 -27.95
N LYS A 14 22.33 -23.19 -27.81
CA LYS A 14 23.39 -23.22 -28.77
C LYS A 14 24.16 -24.54 -28.82
N ASP A 15 24.22 -25.28 -27.72
CA ASP A 15 24.86 -26.55 -27.69
C ASP A 15 24.06 -27.62 -28.44
N TYR A 16 22.85 -27.27 -28.84
CA TYR A 16 22.00 -28.15 -29.65
C TYR A 16 21.95 -27.69 -31.13
N GLY A 17 22.77 -26.67 -31.47
CA GLY A 17 22.89 -26.26 -32.86
C GLY A 17 22.34 -24.89 -33.25
N ALA A 18 21.73 -24.15 -32.36
CA ALA A 18 21.21 -22.84 -32.74
C ALA A 18 22.28 -21.92 -33.24
N ILE A 19 21.90 -21.13 -34.23
CA ILE A 19 22.72 -20.06 -34.82
C ILE A 19 22.41 -18.68 -34.18
N ALA A 20 21.12 -18.32 -34.16
CA ALA A 20 20.65 -17.16 -33.43
C ALA A 20 21.40 -15.90 -33.80
N ASP A 21 21.51 -15.68 -35.12
CA ASP A 21 22.17 -14.46 -35.59
C ASP A 21 21.20 -13.49 -36.26
N GLY A 22 19.91 -13.68 -35.99
CA GLY A 22 18.87 -12.78 -36.46
C GLY A 22 18.39 -13.01 -37.89
N ALA A 23 18.96 -14.01 -38.54
CA ALA A 23 18.48 -14.41 -39.87
C ALA A 23 17.74 -15.74 -39.80
N TYR A 24 16.87 -15.93 -40.75
CA TYR A 24 16.18 -17.20 -40.99
C TYR A 24 17.14 -18.20 -41.61
N HIS A 25 17.43 -19.27 -40.87
CA HIS A 25 18.24 -20.36 -41.39
C HIS A 25 17.43 -21.64 -41.45
N PRO A 26 16.84 -21.95 -42.63
CA PRO A 26 16.14 -23.23 -42.73
C PRO A 26 17.10 -24.44 -42.65
N LEU A 27 16.59 -25.57 -42.21
CA LEU A 27 17.34 -26.79 -42.17
C LEU A 27 17.95 -27.16 -43.51
N SER A 28 17.32 -26.74 -44.61
CA SER A 28 17.86 -26.94 -45.96
C SER A 28 19.25 -26.32 -46.15
N GLU A 29 19.68 -25.37 -45.27
CA GLU A 29 21.03 -24.83 -45.37
C GLU A 29 22.07 -25.83 -44.94
N ARG A 30 21.67 -26.79 -44.13
CA ARG A 30 22.56 -27.71 -43.48
C ARG A 30 22.40 -29.18 -43.94
N PHE A 31 21.19 -29.52 -44.42
CA PHE A 31 20.78 -30.89 -44.79
C PHE A 31 20.18 -30.90 -46.17
N ALA A 32 20.62 -31.85 -47.02
CA ALA A 32 20.13 -31.96 -48.38
C ALA A 32 18.76 -32.59 -48.47
N THR A 33 18.43 -33.47 -47.52
CA THR A 33 17.13 -34.13 -47.51
C THR A 33 16.53 -34.09 -46.11
N LEU A 34 15.22 -34.24 -46.06
CA LEU A 34 14.50 -34.25 -44.77
C LEU A 34 14.95 -35.41 -43.92
N ALA A 35 15.19 -36.57 -44.52
CA ALA A 35 15.65 -37.73 -43.78
C ALA A 35 16.95 -37.42 -43.07
N GLU A 36 17.87 -36.77 -43.77
CA GLU A 36 19.17 -36.40 -43.18
C GLU A 36 18.94 -35.42 -42.02
N ALA A 37 18.06 -34.45 -42.21
CA ALA A 37 17.75 -33.53 -41.12
C ALA A 37 17.20 -34.28 -39.86
N GLN A 38 16.31 -35.23 -40.13
CA GLN A 38 15.65 -35.93 -39.08
C GLN A 38 16.56 -36.89 -38.34
N ALA A 39 17.66 -37.27 -38.95
CA ALA A 39 18.65 -38.07 -38.27
C ALA A 39 19.33 -37.28 -37.13
N VAL A 40 19.36 -35.96 -37.25
CA VAL A 40 19.85 -35.06 -36.21
C VAL A 40 18.73 -34.47 -35.33
N TYR A 41 17.60 -34.08 -35.98
CA TYR A 41 16.46 -33.49 -35.30
C TYR A 41 15.20 -34.27 -35.67
N PRO A 42 14.90 -35.31 -34.91
CA PRO A 42 13.82 -36.19 -35.30
C PRO A 42 12.47 -35.51 -35.35
N HIS A 43 12.34 -34.44 -34.58
CA HIS A 43 11.15 -33.60 -34.54
C HIS A 43 10.95 -32.71 -35.75
N ALA A 44 11.96 -32.56 -36.58
CA ALA A 44 11.82 -31.79 -37.79
C ALA A 44 10.73 -32.38 -38.70
N THR A 45 9.92 -31.52 -39.29
N THR A 45 9.89 -31.52 -39.27
CA THR A 45 8.86 -31.91 -40.21
CA THR A 45 8.83 -31.94 -40.17
C THR A 45 9.11 -31.54 -41.64
C THR A 45 8.94 -31.44 -41.59
N ALA A 46 9.82 -30.46 -41.85
CA ALA A 46 10.12 -29.96 -43.15
C ALA A 46 11.47 -29.29 -43.14
N LEU A 47 12.12 -29.29 -44.31
CA LEU A 47 13.40 -28.61 -44.47
C LEU A 47 13.28 -27.07 -44.32
N THR A 48 12.05 -26.54 -44.41
CA THR A 48 11.82 -25.15 -44.11
C THR A 48 11.90 -24.80 -42.63
N ASP A 49 11.80 -25.81 -41.78
CA ASP A 49 11.83 -25.51 -40.33
C ASP A 49 13.15 -24.87 -39.94
N SER A 50 13.13 -23.88 -39.10
CA SER A 50 14.38 -23.19 -38.80
C SER A 50 15.32 -23.96 -37.88
N ILE A 51 16.58 -23.78 -38.09
CA ILE A 51 17.62 -24.42 -37.28
C ILE A 51 17.46 -23.92 -35.81
N ASP A 52 17.20 -22.63 -35.58
CA ASP A 52 17.05 -22.13 -34.23
C ASP A 52 15.93 -22.87 -33.53
N TRP A 53 14.78 -23.05 -34.21
CA TRP A 53 13.67 -23.80 -33.62
C TRP A 53 14.08 -25.26 -33.36
N ALA A 54 14.70 -25.91 -34.33
CA ALA A 54 15.04 -27.31 -34.19
C ALA A 54 15.91 -27.51 -32.96
N ALA A 55 16.91 -26.67 -32.76
CA ALA A 55 17.79 -26.69 -31.59
C ALA A 55 17.03 -26.46 -30.27
N TYR A 56 16.13 -25.47 -30.30
CA TYR A 56 15.43 -25.12 -29.11
C TYR A 56 14.53 -26.31 -28.66
N GLN A 57 13.76 -26.88 -29.58
CA GLN A 57 12.94 -28.04 -29.26
C GLN A 57 13.81 -29.24 -28.88
N ALA A 58 14.98 -29.40 -29.49
CA ALA A 58 15.90 -30.46 -29.14
C ALA A 58 16.35 -30.33 -27.65
N ALA A 59 16.68 -29.10 -27.25
CA ALA A 59 17.05 -28.77 -25.88
C ALA A 59 15.94 -29.15 -24.92
N ILE A 60 14.73 -28.75 -25.22
CA ILE A 60 13.60 -29.09 -24.37
C ILE A 60 13.39 -30.64 -24.32
N ASN A 61 13.56 -31.28 -25.44
CA ASN A 61 13.34 -32.71 -25.57
C ASN A 61 14.37 -33.54 -24.81
N SER A 62 15.48 -32.94 -24.38
CA SER A 62 16.42 -33.62 -23.55
C SER A 62 15.84 -33.95 -22.16
N GLY A 63 14.79 -33.24 -21.76
CA GLY A 63 14.28 -33.33 -20.42
C GLY A 63 14.95 -32.47 -19.39
N ALA A 64 15.95 -31.71 -19.80
CA ALA A 64 16.63 -30.85 -18.85
C ALA A 64 15.65 -29.94 -18.13
N PRO A 65 15.70 -29.89 -16.81
CA PRO A 65 14.83 -28.95 -16.09
C PRO A 65 15.11 -27.50 -16.39
N HIS A 66 16.37 -27.18 -16.69
CA HIS A 66 16.83 -25.80 -16.99
C HIS A 66 17.24 -25.70 -18.48
N VAL A 67 16.53 -24.85 -19.23
CA VAL A 67 16.87 -24.61 -20.63
C VAL A 67 17.30 -23.14 -20.72
N HIS A 68 18.59 -22.95 -21.14
CA HIS A 68 19.19 -21.64 -21.24
C HIS A 68 19.41 -21.30 -22.71
N ALA A 69 18.92 -20.15 -23.11
CA ALA A 69 19.16 -19.61 -24.46
C ALA A 69 20.14 -18.43 -24.35
N PRO A 70 21.43 -18.70 -24.64
CA PRO A 70 22.38 -17.63 -24.58
C PRO A 70 22.05 -16.52 -25.52
N GLY A 71 22.62 -15.38 -25.29
CA GLY A 71 22.42 -14.21 -26.12
C GLY A 71 22.49 -14.50 -27.61
N GLY A 72 21.51 -13.95 -28.31
CA GLY A 72 21.30 -14.18 -29.73
C GLY A 72 19.89 -13.85 -30.12
N HIS A 73 19.70 -13.71 -31.44
CA HIS A 73 18.38 -13.45 -32.00
C HIS A 73 17.94 -14.74 -32.67
N TYR A 74 17.08 -15.47 -31.96
CA TYR A 74 16.58 -16.77 -32.38
C TYR A 74 15.39 -16.55 -33.29
N VAL A 75 15.52 -17.02 -34.52
CA VAL A 75 14.46 -16.82 -35.53
C VAL A 75 13.68 -18.14 -35.65
N MET A 76 12.52 -18.15 -35.01
CA MET A 76 11.68 -19.32 -34.80
C MET A 76 10.49 -19.25 -35.71
N ASN A 77 10.41 -20.20 -36.65
CA ASN A 77 9.24 -20.30 -37.49
C ASN A 77 8.29 -21.46 -37.16
N ARG A 78 8.46 -22.01 -35.97
CA ARG A 78 7.54 -22.95 -35.32
C ARG A 78 7.61 -22.67 -33.81
N GLY A 79 6.55 -23.05 -33.13
CA GLY A 79 6.51 -22.92 -31.70
C GLY A 79 7.22 -24.05 -30.99
N THR A 80 7.41 -23.91 -29.69
CA THR A 80 8.00 -24.95 -28.88
C THR A 80 6.97 -25.41 -27.83
N LEU A 81 7.16 -26.68 -27.38
CA LEU A 81 6.23 -27.27 -26.43
C LEU A 81 7.02 -27.99 -25.30
N ALA A 82 6.65 -27.71 -24.07
CA ALA A 82 7.08 -28.46 -22.89
C ALA A 82 5.83 -28.77 -22.07
N GLU A 83 5.81 -29.95 -21.50
CA GLU A 83 4.67 -30.45 -20.72
C GLU A 83 5.18 -31.00 -19.38
N ARG A 84 5.97 -30.20 -18.67
CA ARG A 84 6.70 -30.58 -17.46
C ARG A 84 7.23 -29.34 -16.80
N ASP A 85 7.65 -29.47 -15.54
CA ASP A 85 8.28 -28.41 -14.80
C ASP A 85 9.54 -27.98 -15.59
N ILE A 86 9.73 -26.67 -15.75
CA ILE A 86 10.86 -26.16 -16.53
C ILE A 86 11.18 -24.75 -16.15
N ARG A 87 12.49 -24.49 -16.15
N ARG A 87 12.50 -24.48 -16.14
CA ARG A 87 13.06 -23.17 -15.90
CA ARG A 87 13.10 -23.16 -15.87
C ARG A 87 13.76 -22.69 -17.19
C ARG A 87 13.79 -22.67 -17.17
N TYR A 88 13.24 -21.61 -17.75
CA TYR A 88 13.81 -20.98 -18.91
C TYR A 88 14.64 -19.75 -18.51
N THR A 89 15.83 -19.63 -19.06
CA THR A 89 16.60 -18.44 -18.85
C THR A 89 17.25 -17.96 -20.15
N GLY A 90 17.65 -16.70 -20.13
CA GLY A 90 18.47 -16.13 -21.19
C GLY A 90 19.49 -15.19 -20.58
N ASP A 91 20.09 -14.37 -21.44
CA ASP A 91 21.10 -13.45 -21.06
C ASP A 91 20.60 -11.99 -20.95
N GLY A 92 19.27 -11.84 -20.90
CA GLY A 92 18.61 -10.55 -20.80
C GLY A 92 17.99 -10.14 -22.12
N TYR A 93 17.94 -8.85 -22.36
CA TYR A 93 17.36 -8.37 -23.59
C TYR A 93 18.05 -8.93 -24.80
N ALA A 94 19.33 -9.26 -24.66
CA ALA A 94 20.11 -9.84 -25.74
C ALA A 94 19.71 -11.25 -26.16
N THR A 95 18.93 -11.94 -25.32
CA THR A 95 18.32 -13.23 -25.73
C THR A 95 16.92 -12.93 -26.27
N ARG A 96 16.83 -12.83 -27.60
CA ARG A 96 15.60 -12.44 -28.27
C ARG A 96 15.04 -13.67 -28.99
N VAL A 97 13.94 -14.19 -28.46
CA VAL A 97 13.29 -15.33 -29.07
C VAL A 97 12.15 -14.84 -29.88
N ASP A 98 12.31 -14.92 -31.21
CA ASP A 98 11.44 -14.19 -32.13
C ASP A 98 10.58 -15.15 -32.95
N PHE A 99 9.28 -15.21 -32.65
CA PHE A 99 8.31 -16.06 -33.31
C PHE A 99 7.60 -15.37 -34.50
N SER A 100 8.14 -14.25 -34.98
CA SER A 100 7.54 -13.49 -36.10
C SER A 100 7.07 -14.40 -37.22
N LEU A 101 7.96 -15.29 -37.68
CA LEU A 101 7.73 -16.14 -38.85
C LEU A 101 6.81 -17.32 -38.57
N ALA A 102 6.53 -17.63 -37.32
CA ALA A 102 5.66 -18.77 -37.00
C ALA A 102 4.22 -18.35 -37.24
N ASP A 103 3.42 -19.30 -37.75
CA ASP A 103 1.99 -19.05 -37.94
C ASP A 103 1.19 -20.29 -37.55
N GLY A 104 -0.02 -20.06 -37.08
CA GLY A 104 -0.91 -21.16 -36.65
C GLY A 104 -0.91 -21.39 -35.15
N PRO A 105 -1.78 -22.27 -34.70
CA PRO A 105 -1.96 -22.55 -33.27
C PRO A 105 -0.62 -22.94 -32.70
N GLY A 106 -0.41 -22.56 -31.48
CA GLY A 106 0.91 -22.88 -30.86
C GLY A 106 2.19 -22.19 -31.40
N SER A 107 2.02 -21.07 -32.11
CA SER A 107 3.13 -20.22 -32.61
C SER A 107 3.80 -19.41 -31.46
N CYS A 108 4.34 -20.13 -30.50
CA CYS A 108 4.80 -19.55 -29.26
C CYS A 108 5.65 -20.57 -28.51
N MET A 109 6.23 -20.14 -27.40
CA MET A 109 6.86 -21.02 -26.42
C MET A 109 5.76 -21.36 -25.41
N LEU A 110 5.25 -22.58 -25.53
CA LEU A 110 4.11 -23.06 -24.71
C LEU A 110 4.64 -24.07 -23.64
N THR A 111 4.22 -23.90 -22.43
CA THR A 111 4.40 -24.90 -21.37
C THR A 111 3.06 -25.17 -20.78
N GLN A 112 2.71 -26.46 -20.73
CA GLN A 112 1.35 -26.84 -20.29
C GLN A 112 1.33 -28.01 -19.35
N GLY A 113 0.60 -27.82 -18.25
CA GLY A 113 0.36 -28.88 -17.25
C GLY A 113 -0.80 -29.78 -17.56
N GLU A 114 -1.38 -30.35 -16.49
N GLU A 114 -1.37 -30.36 -16.50
CA GLU A 114 -2.39 -31.39 -16.64
CA GLU A 114 -2.39 -31.40 -16.68
C GLU A 114 -3.70 -30.95 -16.02
C GLU A 114 -3.70 -30.98 -16.02
N LEU A 115 -4.80 -31.27 -16.72
CA LEU A 115 -6.14 -30.99 -16.23
C LEU A 115 -7.00 -32.17 -16.62
N VAL A 116 -7.72 -32.73 -15.65
N VAL A 116 -7.70 -32.75 -15.65
CA VAL A 116 -8.60 -33.87 -15.93
CA VAL A 116 -8.58 -33.88 -15.91
C VAL A 116 -9.83 -33.77 -15.07
C VAL A 116 -9.83 -33.77 -15.08
N GLN A 117 -10.97 -34.17 -15.65
CA GLN A 117 -12.22 -34.14 -14.91
C GLN A 117 -12.23 -35.33 -13.91
N ILE A 118 -12.68 -35.04 -12.71
CA ILE A 118 -12.89 -36.04 -11.66
C ILE A 118 -14.34 -36.18 -11.31
N GLY A 119 -14.63 -36.91 -10.24
CA GLY A 119 -16.04 -37.14 -9.89
C GLY A 119 -16.76 -35.93 -9.36
N ASP A 120 -18.08 -36.02 -9.36
CA ASP A 120 -18.91 -34.92 -8.90
C ASP A 120 -18.98 -34.74 -7.37
N LEU A 121 -19.26 -33.50 -6.95
CA LEU A 121 -19.63 -33.21 -5.58
C LEU A 121 -20.98 -33.88 -5.24
N SER A 122 -21.18 -34.18 -3.96
CA SER A 122 -22.49 -34.63 -3.45
C SER A 122 -23.16 -33.63 -2.53
N VAL A 123 -22.43 -32.59 -2.16
CA VAL A 123 -22.88 -31.52 -1.23
C VAL A 123 -22.61 -30.15 -1.94
N SER A 124 -23.61 -29.27 -1.95
CA SER A 124 -23.40 -27.94 -2.54
C SER A 124 -22.44 -27.15 -1.69
N VAL A 125 -21.57 -26.44 -2.37
CA VAL A 125 -20.62 -25.55 -1.70
C VAL A 125 -21.32 -24.24 -1.33
N VAL A 126 -21.25 -23.81 -0.06
CA VAL A 126 -21.76 -22.54 0.38
C VAL A 126 -20.64 -21.48 0.43
N LYS A 127 -21.00 -20.20 0.39
CA LYS A 127 -20.00 -19.18 0.63
C LYS A 127 -19.33 -19.38 1.95
N GLY A 128 -18.01 -19.30 1.88
CA GLY A 128 -17.17 -19.47 3.06
C GLY A 128 -16.80 -20.90 3.32
N ALA A 129 -17.29 -21.88 2.56
CA ALA A 129 -16.99 -23.28 2.79
C ALA A 129 -15.51 -23.54 2.71
N ARG A 130 -15.05 -24.48 3.53
CA ARG A 130 -13.62 -24.81 3.63
C ARG A 130 -13.32 -26.29 3.41
N THR A 131 -14.35 -27.00 2.92
CA THR A 131 -14.25 -28.39 2.49
C THR A 131 -15.13 -28.57 1.27
N LEU A 132 -14.83 -29.66 0.56
CA LEU A 132 -15.65 -30.19 -0.54
C LEU A 132 -15.99 -31.63 -0.21
N THR A 133 -17.21 -32.05 -0.51
CA THR A 133 -17.69 -33.40 -0.33
C THR A 133 -18.11 -33.98 -1.63
N PHE A 134 -17.52 -35.13 -1.96
CA PHE A 134 -17.70 -35.87 -3.22
C PHE A 134 -18.58 -37.08 -3.02
N ALA A 135 -19.26 -37.47 -4.12
CA ALA A 135 -20.11 -38.66 -4.11
C ALA A 135 -19.34 -39.94 -3.82
N ALA A 136 -18.09 -39.99 -4.27
CA ALA A 136 -17.19 -41.08 -4.00
C ALA A 136 -15.80 -40.53 -3.70
N ALA A 137 -14.91 -41.38 -3.16
CA ALA A 137 -13.60 -40.91 -2.78
C ALA A 137 -12.94 -40.28 -4.01
N PRO A 138 -12.42 -39.06 -3.85
CA PRO A 138 -11.90 -38.37 -5.00
C PRO A 138 -10.46 -38.71 -5.31
N ASP A 139 -10.11 -38.59 -6.60
CA ASP A 139 -8.76 -38.85 -7.06
C ASP A 139 -7.90 -37.57 -6.96
N LEU A 140 -7.67 -37.17 -5.71
CA LEU A 140 -6.92 -35.95 -5.33
C LEU A 140 -5.91 -36.31 -4.23
N ALA A 141 -4.80 -35.60 -4.28
CA ALA A 141 -3.70 -35.71 -3.32
C ALA A 141 -3.34 -34.32 -2.79
N PRO A 142 -2.78 -34.25 -1.60
CA PRO A 142 -2.30 -32.97 -1.14
C PRO A 142 -1.42 -32.27 -2.18
N GLY A 143 -1.65 -30.98 -2.36
CA GLY A 143 -0.92 -30.17 -3.34
C GLY A 143 -1.56 -30.05 -4.67
N ASP A 144 -2.49 -30.96 -5.00
CA ASP A 144 -3.25 -30.79 -6.23
C ASP A 144 -4.11 -29.52 -6.14
N VAL A 145 -4.50 -28.99 -7.30
CA VAL A 145 -5.47 -27.94 -7.32
C VAL A 145 -6.79 -28.58 -7.79
N VAL A 146 -7.87 -28.29 -7.07
CA VAL A 146 -9.22 -28.78 -7.38
C VAL A 146 -9.96 -27.57 -7.93
N ILE A 147 -10.65 -27.78 -9.06
CA ILE A 147 -11.40 -26.68 -9.73
C ILE A 147 -12.86 -27.09 -9.91
N VAL A 148 -13.78 -26.28 -9.42
N VAL A 148 -13.77 -26.27 -9.44
CA VAL A 148 -15.19 -26.44 -9.72
CA VAL A 148 -15.17 -26.46 -9.68
C VAL A 148 -15.46 -25.49 -10.87
C VAL A 148 -15.49 -25.50 -10.83
N TYR A 149 -16.30 -25.96 -11.79
CA TYR A 149 -16.59 -25.26 -13.01
C TYR A 149 -18.04 -25.44 -13.43
N ASN A 150 -18.70 -24.32 -13.69
CA ASN A 150 -20.09 -24.32 -14.17
C ASN A 150 -20.03 -24.12 -15.69
N PRO A 151 -20.31 -25.17 -16.46
CA PRO A 151 -20.21 -25.05 -17.92
C PRO A 151 -21.28 -24.22 -18.62
N ALA A 152 -22.30 -23.79 -17.90
CA ALA A 152 -23.34 -22.98 -18.50
C ALA A 152 -22.77 -21.60 -18.90
N ASN A 153 -23.06 -21.24 -20.15
CA ASN A 153 -22.66 -19.95 -20.65
C ASN A 153 -23.16 -18.80 -19.82
N GLY A 154 -22.25 -17.87 -19.54
CA GLY A 154 -22.61 -16.66 -18.78
C GLY A 154 -22.97 -16.92 -17.33
N SER A 155 -22.57 -18.09 -16.79
CA SER A 155 -22.92 -18.44 -15.41
C SER A 155 -22.26 -17.57 -14.35
N TRP A 156 -21.14 -16.90 -14.72
CA TRP A 156 -20.64 -15.78 -13.92
C TRP A 156 -21.37 -14.52 -14.29
N LEU A 157 -21.17 -14.04 -15.55
CA LEU A 157 -21.90 -12.85 -16.04
C LEU A 157 -22.41 -13.11 -17.44
N ALA A 158 -23.69 -12.80 -17.64
CA ALA A 158 -24.31 -13.00 -18.92
C ALA A 158 -23.72 -12.21 -20.07
N ASP A 159 -22.97 -11.16 -19.76
CA ASP A 159 -22.39 -10.30 -20.78
C ASP A 159 -21.63 -11.05 -21.86
N ARG A 160 -20.93 -12.13 -21.49
N ARG A 160 -20.93 -12.13 -21.49
CA ARG A 160 -20.17 -12.90 -22.47
CA ARG A 160 -20.18 -12.92 -22.46
C ARG A 160 -20.30 -14.38 -22.11
C ARG A 160 -20.30 -14.38 -22.11
N ASP A 161 -20.54 -15.23 -23.12
CA ASP A 161 -20.72 -16.65 -22.86
C ASP A 161 -19.54 -17.29 -22.08
N PRO A 162 -18.26 -16.93 -22.38
CA PRO A 162 -17.18 -17.54 -21.62
C PRO A 162 -16.97 -17.03 -20.19
N TYR A 163 -17.80 -16.11 -19.73
CA TYR A 163 -17.77 -15.64 -18.34
C TYR A 163 -18.57 -16.65 -17.52
N ARG A 164 -17.89 -17.75 -17.26
CA ARG A 164 -18.46 -18.88 -16.49
C ARG A 164 -17.99 -18.89 -15.05
N ALA A 165 -18.87 -19.42 -14.18
CA ALA A 165 -18.58 -19.54 -12.76
C ALA A 165 -17.66 -20.69 -12.47
N GLY A 166 -16.90 -20.55 -11.40
CA GLY A 166 -16.07 -21.61 -10.89
C GLY A 166 -14.94 -21.07 -10.10
N GLU A 167 -14.09 -21.95 -9.57
CA GLU A 167 -13.09 -21.56 -8.54
C GLU A 167 -12.05 -22.64 -8.42
N MET A 168 -10.83 -22.21 -8.09
CA MET A 168 -9.72 -23.08 -7.80
C MET A 168 -9.29 -23.01 -6.34
N TRP A 169 -8.94 -24.15 -5.75
CA TRP A 169 -8.33 -24.21 -4.41
C TRP A 169 -7.23 -25.28 -4.42
N LYS A 170 -6.21 -25.03 -3.64
CA LYS A 170 -5.20 -26.02 -3.39
C LYS A 170 -5.73 -27.00 -2.31
N VAL A 171 -5.37 -28.28 -2.47
CA VAL A 171 -5.81 -29.35 -1.59
C VAL A 171 -4.81 -29.50 -0.43
N HIS A 172 -5.32 -29.43 0.79
CA HIS A 172 -4.53 -29.71 2.01
C HIS A 172 -4.50 -31.20 2.29
N SER A 173 -5.67 -31.84 2.28
CA SER A 173 -5.76 -33.24 2.70
C SER A 173 -7.10 -33.81 2.29
N VAL A 174 -7.19 -35.13 2.29
CA VAL A 174 -8.41 -35.88 1.86
C VAL A 174 -8.68 -36.89 2.95
N SER A 175 -9.90 -36.97 3.40
CA SER A 175 -10.35 -37.98 4.33
C SER A 175 -11.66 -38.54 3.79
N GLY A 176 -11.64 -39.80 3.36
CA GLY A 176 -12.80 -40.42 2.77
C GLY A 176 -13.20 -39.63 1.50
N SER A 177 -14.43 -39.14 1.48
CA SER A 177 -14.93 -38.33 0.41
C SER A 177 -14.86 -36.82 0.65
N THR A 178 -14.20 -36.41 1.72
CA THR A 178 -14.13 -35.04 2.09
C THR A 178 -12.73 -34.48 1.86
N VAL A 179 -12.68 -33.37 1.12
CA VAL A 179 -11.43 -32.69 0.80
C VAL A 179 -11.37 -31.40 1.60
N THR A 180 -10.26 -31.23 2.30
CA THR A 180 -9.95 -29.99 3.02
C THR A 180 -9.16 -29.12 2.07
N ILE A 181 -9.71 -27.93 1.82
CA ILE A 181 -9.09 -26.94 0.91
C ILE A 181 -8.45 -25.80 1.69
N TYR A 182 -7.35 -25.29 1.15
CA TYR A 182 -6.83 -24.04 1.64
C TYR A 182 -7.70 -22.87 1.17
N GLY A 183 -7.82 -21.85 1.99
CA GLY A 183 -8.68 -20.75 1.62
C GLY A 183 -10.13 -21.01 1.89
N ASN A 184 -11.00 -20.39 1.08
CA ASN A 184 -12.46 -20.56 1.32
C ASN A 184 -13.23 -20.32 0.01
N SER A 185 -14.46 -20.77 -0.05
CA SER A 185 -15.26 -20.54 -1.24
C SER A 185 -15.84 -19.14 -1.33
N SER A 186 -15.59 -18.48 -2.46
CA SER A 186 -16.18 -17.15 -2.74
C SER A 186 -17.66 -17.23 -3.06
N SER A 187 -18.19 -18.41 -3.41
CA SER A 187 -19.50 -18.53 -4.02
C SER A 187 -20.24 -19.78 -3.60
N VAL A 188 -21.53 -19.80 -3.92
CA VAL A 188 -22.34 -21.01 -3.86
C VAL A 188 -22.17 -21.80 -5.14
N TYR A 189 -21.89 -23.09 -5.01
CA TYR A 189 -21.79 -24.01 -6.16
C TYR A 189 -22.71 -25.19 -5.90
N LEU A 190 -23.81 -25.22 -6.61
CA LEU A 190 -24.77 -26.33 -6.40
C LEU A 190 -24.18 -27.60 -6.98
N PHE A 191 -24.25 -28.69 -6.23
CA PHE A 191 -23.53 -29.85 -6.69
C PHE A 191 -24.03 -30.41 -8.00
N SER A 192 -25.31 -30.22 -8.31
N SER A 192 -25.29 -30.20 -8.34
CA SER A 192 -25.84 -30.69 -9.59
CA SER A 192 -25.80 -30.65 -9.63
C SER A 192 -25.54 -29.78 -10.80
C SER A 192 -25.26 -29.89 -10.83
N GLU A 193 -24.84 -28.67 -10.57
CA GLU A 193 -24.62 -27.69 -11.65
C GLU A 193 -23.17 -27.55 -12.06
N VAL A 194 -22.25 -28.12 -11.27
CA VAL A 194 -20.86 -27.97 -11.54
C VAL A 194 -20.19 -29.30 -11.87
N ASP A 195 -19.15 -29.17 -12.71
CA ASP A 195 -18.20 -30.22 -12.94
C ASP A 195 -16.95 -29.95 -12.08
N VAL A 196 -16.20 -31.01 -11.76
CA VAL A 196 -15.01 -30.88 -10.91
C VAL A 196 -13.81 -31.44 -11.68
N TYR A 197 -12.70 -30.72 -11.58
CA TYR A 197 -11.47 -31.04 -12.21
C TYR A 197 -10.32 -31.05 -11.21
N ARG A 198 -9.30 -31.83 -11.57
CA ARG A 198 -8.00 -31.84 -10.93
C ARG A 198 -6.98 -31.23 -11.84
N MET A 199 -6.26 -30.20 -11.35
N MET A 199 -6.26 -30.20 -11.34
CA MET A 199 -5.17 -29.57 -12.10
CA MET A 199 -5.18 -29.60 -12.08
C MET A 199 -3.87 -29.89 -11.37
C MET A 199 -3.88 -29.92 -11.36
N ARG A 200 -3.00 -30.62 -12.08
CA ARG A 200 -1.65 -30.89 -11.63
C ARG A 200 -0.79 -30.01 -12.51
N GLY A 201 -0.54 -28.83 -12.02
CA GLY A 201 0.11 -27.84 -12.80
C GLY A 201 1.60 -27.99 -12.86
N VAL A 202 2.19 -27.34 -13.83
CA VAL A 202 3.63 -27.32 -13.98
C VAL A 202 4.21 -26.08 -13.29
N ARG A 203 5.38 -26.25 -12.65
CA ARG A 203 6.14 -25.13 -12.07
C ARG A 203 7.00 -24.65 -13.22
N VAL A 204 6.80 -23.41 -13.63
CA VAL A 204 7.45 -22.81 -14.78
C VAL A 204 8.04 -21.50 -14.32
N SER A 205 9.30 -21.27 -14.74
CA SER A 205 9.98 -20.01 -14.47
C SER A 205 10.54 -19.47 -15.79
N VAL A 206 10.54 -18.16 -15.91
CA VAL A 206 11.27 -17.49 -17.00
C VAL A 206 11.97 -16.29 -16.41
N ASP A 207 13.21 -16.08 -16.81
CA ASP A 207 14.02 -14.94 -16.29
C ASP A 207 15.03 -14.50 -17.36
N GLN A 208 15.14 -13.19 -17.56
CA GLN A 208 16.19 -12.64 -18.40
C GLN A 208 16.04 -13.06 -19.87
N MET A 209 14.85 -12.83 -20.42
CA MET A 209 14.54 -13.18 -21.77
C MET A 209 13.70 -12.11 -22.42
N HIS A 210 13.82 -12.03 -23.73
CA HIS A 210 13.09 -11.08 -24.58
C HIS A 210 12.38 -11.86 -25.70
N PHE A 211 11.10 -11.62 -25.86
CA PHE A 211 10.29 -12.31 -26.87
C PHE A 211 9.67 -11.34 -27.87
N SER A 212 9.49 -11.85 -29.09
CA SER A 212 8.69 -11.17 -30.08
C SER A 212 7.69 -12.18 -30.64
N PRO A 213 6.42 -11.74 -30.86
CA PRO A 213 5.39 -12.70 -31.25
C PRO A 213 5.28 -12.90 -32.74
N SER A 214 4.50 -13.89 -33.11
CA SER A 214 4.08 -14.13 -34.47
C SER A 214 3.53 -12.84 -35.11
N ASP A 215 3.90 -12.64 -36.36
CA ASP A 215 3.39 -11.51 -37.08
C ASP A 215 1.96 -11.70 -37.55
N THR A 216 1.53 -12.95 -37.70
CA THR A 216 0.28 -13.28 -38.34
C THR A 216 -0.78 -13.92 -37.50
N TYR A 217 -0.39 -14.55 -36.42
CA TYR A 217 -1.31 -15.33 -35.60
C TYR A 217 -1.34 -14.73 -34.17
N ALA A 218 -2.54 -14.43 -33.66
CA ALA A 218 -2.68 -13.75 -32.39
C ALA A 218 -2.50 -14.71 -31.23
N ILE A 219 -1.27 -14.78 -30.72
CA ILE A 219 -0.93 -15.65 -29.58
C ILE A 219 0.27 -15.04 -28.91
N ALA A 220 0.28 -15.07 -27.60
CA ALA A 220 1.45 -14.58 -26.81
C ALA A 220 2.66 -15.40 -27.18
N PRO A 221 3.86 -14.78 -27.17
CA PRO A 221 5.06 -15.53 -27.55
C PRO A 221 5.57 -16.47 -26.47
N PHE A 222 5.14 -16.23 -25.23
CA PHE A 222 5.48 -17.11 -24.11
C PHE A 222 4.15 -17.27 -23.38
N ARG A 223 3.76 -18.54 -23.21
CA ARG A 223 2.43 -18.87 -22.69
C ARG A 223 2.57 -20.03 -21.71
N VAL A 224 1.87 -19.93 -20.59
CA VAL A 224 1.80 -21.04 -19.64
C VAL A 224 0.30 -21.35 -19.42
N VAL A 225 -0.03 -22.63 -19.57
CA VAL A 225 -1.41 -23.14 -19.36
C VAL A 225 -1.34 -24.24 -18.31
N PHE A 226 -2.18 -24.18 -17.32
CA PHE A 226 -2.19 -25.14 -16.20
C PHE A 226 -0.85 -25.11 -15.47
N GLY A 227 -0.40 -23.91 -15.17
CA GLY A 227 0.71 -23.68 -14.30
C GLY A 227 0.27 -23.70 -12.81
N ASP A 228 1.23 -24.07 -11.93
CA ASP A 228 1.06 -23.97 -10.49
C ASP A 228 2.40 -23.55 -9.94
N GLY A 229 2.57 -22.35 -9.39
CA GLY A 229 3.86 -21.92 -8.96
C GLY A 229 4.72 -21.34 -10.07
N VAL A 230 4.10 -20.51 -10.88
CA VAL A 230 4.70 -19.88 -12.04
C VAL A 230 5.41 -18.60 -11.63
N LYS A 231 6.65 -18.44 -12.09
CA LYS A 231 7.55 -17.31 -11.68
C LYS A 231 8.05 -16.63 -12.94
N VAL A 232 7.69 -15.35 -13.12
CA VAL A 232 8.16 -14.57 -14.27
C VAL A 232 8.91 -13.34 -13.72
N SER A 233 10.15 -13.16 -14.16
CA SER A 233 10.92 -11.99 -13.79
C SER A 233 11.81 -11.51 -14.93
N ASN A 234 12.11 -10.21 -14.97
CA ASN A 234 13.11 -9.67 -15.86
C ASN A 234 12.83 -10.13 -17.28
N TYR A 235 11.60 -9.87 -17.68
CA TYR A 235 11.01 -10.36 -18.91
C TYR A 235 10.68 -9.18 -19.81
N TYR A 236 11.09 -9.29 -21.08
CA TYR A 236 10.87 -8.22 -22.06
C TYR A 236 10.11 -8.73 -23.28
N ALA A 237 9.42 -7.83 -23.92
CA ALA A 237 8.83 -8.10 -25.22
C ALA A 237 9.13 -6.91 -26.20
N SER A 238 9.13 -7.20 -27.47
CA SER A 238 9.21 -6.17 -28.51
C SER A 238 8.50 -6.64 -29.75
N ASP A 239 8.16 -5.70 -30.59
CA ASP A 239 7.40 -5.93 -31.85
C ASP A 239 6.09 -6.69 -31.58
N VAL A 240 5.40 -6.26 -30.53
CA VAL A 240 4.10 -6.78 -30.18
C VAL A 240 3.07 -5.98 -30.99
N THR A 241 2.93 -6.40 -32.24
CA THR A 241 2.21 -5.65 -33.25
C THR A 241 0.81 -6.21 -33.58
N ARG A 242 0.38 -7.25 -32.91
CA ARG A 242 -0.93 -7.85 -33.13
C ARG A 242 -1.74 -8.10 -31.86
N TYR A 243 -1.14 -8.65 -30.80
CA TYR A 243 -1.94 -9.13 -29.66
C TYR A 243 -1.32 -8.84 -28.29
N THR A 244 -0.39 -9.67 -27.83
CA THR A 244 0.16 -9.49 -26.48
C THR A 244 1.59 -9.99 -26.39
N GLY A 245 2.27 -9.54 -25.32
CA GLY A 245 3.62 -9.93 -25.10
C GLY A 245 3.89 -11.11 -24.16
N LEU A 246 2.84 -11.54 -23.43
CA LEU A 246 2.95 -12.57 -22.40
C LEU A 246 1.55 -13.01 -21.99
N GLU A 247 1.33 -14.32 -21.82
CA GLU A 247 0.05 -14.76 -21.28
C GLU A 247 0.20 -15.96 -20.35
N VAL A 248 -0.48 -15.89 -19.23
CA VAL A 248 -0.69 -17.03 -18.35
C VAL A 248 -2.18 -17.31 -18.34
N GLU A 249 -2.52 -18.58 -18.41
CA GLU A 249 -3.89 -19.02 -18.60
C GLU A 249 -4.18 -20.22 -17.68
N ARG A 250 -5.31 -20.15 -16.96
CA ARG A 250 -5.74 -21.29 -16.15
C ARG A 250 -4.59 -21.79 -15.25
N CYS A 251 -3.98 -20.83 -14.56
CA CYS A 251 -2.91 -21.08 -13.64
C CYS A 251 -3.31 -20.70 -12.21
N PHE A 252 -2.57 -21.28 -11.25
CA PHE A 252 -2.76 -21.04 -9.85
C PHE A 252 -1.37 -20.66 -9.29
N ASP A 253 -1.26 -19.60 -8.51
CA ASP A 253 -0.03 -19.16 -7.85
C ASP A 253 0.97 -18.69 -8.92
N VAL A 254 0.81 -17.45 -9.34
CA VAL A 254 1.60 -16.85 -10.40
C VAL A 254 2.21 -15.56 -9.85
N SER A 255 3.51 -15.39 -9.98
CA SER A 255 4.23 -14.19 -9.51
C SER A 255 4.95 -13.57 -10.69
N ILE A 256 4.65 -12.32 -11.01
CA ILE A 256 5.22 -11.61 -12.17
C ILE A 256 5.87 -10.31 -11.65
N ASN A 257 7.18 -10.20 -11.78
N ASN A 257 7.19 -10.21 -11.83
CA ASN A 257 7.78 -8.95 -11.40
CA ASN A 257 8.00 -9.19 -11.20
C ASN A 257 8.85 -8.52 -12.35
C ASN A 257 8.95 -8.56 -12.26
N ALA A 258 9.10 -7.22 -12.29
CA ALA A 258 10.14 -6.60 -13.09
C ALA A 258 10.02 -6.88 -14.59
N VAL A 259 8.79 -6.86 -15.07
N VAL A 259 8.79 -6.93 -15.09
CA VAL A 259 8.53 -7.10 -16.48
CA VAL A 259 8.60 -7.18 -16.52
C VAL A 259 8.53 -5.74 -17.19
C VAL A 259 8.41 -5.84 -17.24
N SER A 260 8.97 -5.80 -18.45
CA SER A 260 8.91 -4.67 -19.36
C SER A 260 8.37 -5.22 -20.69
N SER A 261 7.02 -5.42 -20.79
CA SER A 261 6.40 -6.09 -21.95
C SER A 261 5.39 -5.18 -22.64
N PRO A 262 5.84 -4.24 -23.49
CA PRO A 262 4.96 -3.31 -24.16
C PRO A 262 4.24 -3.89 -25.35
N ASN A 263 2.99 -3.48 -25.52
CA ASN A 263 2.21 -3.72 -26.72
C ASN A 263 2.14 -2.45 -27.55
N ARG A 264 2.18 -2.60 -28.88
CA ARG A 264 2.05 -1.46 -29.75
C ARG A 264 1.23 -1.73 -30.99
N SER A 265 0.19 -2.55 -30.82
CA SER A 265 -0.60 -2.99 -31.97
C SER A 265 -1.77 -2.07 -32.31
N PRO A 266 -2.32 -2.21 -33.54
CA PRO A 266 -3.47 -1.35 -33.89
C PRO A 266 -4.66 -1.63 -32.97
N ALA A 267 -5.44 -0.59 -32.63
CA ALA A 267 -6.57 -0.73 -31.75
C ALA A 267 -7.71 -1.38 -32.51
N VAL A 268 -7.95 -2.68 -32.25
CA VAL A 268 -8.96 -3.46 -32.96
C VAL A 268 -9.84 -4.30 -32.05
N ASN A 269 -9.22 -5.25 -31.36
CA ASN A 269 -9.94 -6.20 -30.59
C ASN A 269 -9.38 -6.52 -29.20
N ASP A 270 -8.14 -6.15 -28.94
CA ASP A 270 -7.50 -6.56 -27.69
C ASP A 270 -6.38 -5.55 -27.38
N GLU A 271 -5.15 -5.86 -27.82
CA GLU A 271 -3.96 -4.97 -27.68
C GLU A 271 -3.53 -4.87 -26.19
N TYR A 272 -2.90 -5.94 -25.75
CA TYR A 272 -2.60 -6.15 -24.33
C TYR A 272 -1.11 -6.24 -24.11
N GLY A 273 -0.60 -5.56 -23.09
CA GLY A 273 0.81 -5.67 -22.77
C GLY A 273 1.21 -7.03 -22.22
N ILE A 274 0.61 -7.35 -21.08
CA ILE A 274 0.61 -8.69 -20.50
C ILE A 274 -0.84 -9.10 -20.27
N THR A 275 -1.08 -10.40 -20.35
CA THR A 275 -2.41 -10.96 -20.25
C THR A 275 -2.47 -12.06 -19.18
N ILE A 276 -3.45 -11.94 -18.27
CA ILE A 276 -3.69 -12.94 -17.28
C ILE A 276 -5.14 -13.43 -17.53
N SER A 277 -5.30 -14.73 -17.85
CA SER A 277 -6.57 -15.27 -18.29
C SER A 277 -7.00 -16.41 -17.38
N ASN A 278 -8.10 -16.24 -16.69
CA ASN A 278 -8.66 -17.32 -15.83
C ASN A 278 -7.65 -17.89 -14.83
N CYS A 279 -6.96 -17.04 -14.08
CA CYS A 279 -6.02 -17.43 -13.06
C CYS A 279 -6.48 -17.10 -11.64
N HIS A 280 -5.89 -17.80 -10.67
CA HIS A 280 -6.15 -17.57 -9.24
C HIS A 280 -4.84 -17.34 -8.53
N ASN A 281 -4.85 -16.48 -7.52
CA ASN A 281 -3.64 -16.23 -6.65
C ASN A 281 -2.46 -15.73 -7.49
N PHE A 282 -2.66 -14.60 -8.10
CA PHE A 282 -1.65 -14.00 -8.91
C PHE A 282 -1.22 -12.64 -8.38
N SER A 283 0.04 -12.29 -8.66
CA SER A 283 0.62 -11.02 -8.27
C SER A 283 1.39 -10.47 -9.43
N VAL A 284 1.32 -9.17 -9.67
CA VAL A 284 2.01 -8.47 -10.75
C VAL A 284 2.55 -7.21 -10.08
N TYR A 285 3.87 -7.05 -10.03
CA TYR A 285 4.46 -5.94 -9.30
C TYR A 285 5.82 -5.54 -9.85
N GLY A 286 6.25 -4.35 -9.48
CA GLY A 286 7.62 -3.95 -9.74
C GLY A 286 8.03 -3.77 -11.15
N GLY A 287 7.09 -3.38 -11.99
CA GLY A 287 7.34 -3.33 -13.42
C GLY A 287 6.67 -2.15 -14.15
N TYR A 288 6.88 -2.21 -15.44
CA TYR A 288 6.46 -1.18 -16.40
C TYR A 288 5.68 -1.87 -17.49
N ALA A 289 4.40 -1.54 -17.56
CA ALA A 289 3.50 -2.13 -18.50
C ALA A 289 2.93 -1.05 -19.42
N ALA A 290 2.84 -1.31 -20.72
CA ALA A 290 2.43 -0.31 -21.72
C ALA A 290 1.68 -1.03 -22.83
N ALA A 291 0.61 -0.39 -23.37
CA ALA A 291 -0.10 -0.98 -24.50
C ALA A 291 -0.88 0.07 -25.24
N THR A 292 -1.38 -0.36 -26.40
CA THR A 292 -2.35 0.45 -27.10
C THR A 292 -3.66 0.59 -26.29
N ARG A 293 -4.14 -0.55 -25.76
CA ARG A 293 -5.36 -0.58 -24.99
C ARG A 293 -5.12 -0.89 -23.53
N HIS A 294 -4.79 -2.14 -23.21
CA HIS A 294 -4.64 -2.55 -21.83
C HIS A 294 -3.23 -2.99 -21.56
N ALA A 295 -2.48 -2.16 -20.82
CA ALA A 295 -1.14 -2.50 -20.43
C ALA A 295 -1.10 -3.81 -19.62
N VAL A 296 -2.03 -3.92 -18.69
CA VAL A 296 -2.28 -5.14 -17.97
C VAL A 296 -3.70 -5.51 -18.33
N ALA A 297 -3.85 -6.72 -18.91
CA ALA A 297 -5.15 -7.25 -19.29
C ALA A 297 -5.54 -8.42 -18.45
N LEU A 298 -6.75 -8.39 -17.91
CA LEU A 298 -7.27 -9.47 -17.04
C LEU A 298 -8.50 -10.02 -17.75
N GLY A 299 -8.34 -11.12 -18.45
CA GLY A 299 -9.33 -11.62 -19.35
C GLY A 299 -9.68 -13.06 -19.12
N GLY A 300 -10.09 -13.70 -20.19
CA GLY A 300 -10.45 -15.05 -20.16
C GLY A 300 -10.58 -15.64 -21.52
N MET A 301 -10.52 -16.94 -21.55
N MET A 301 -10.53 -16.95 -21.54
CA MET A 301 -10.68 -17.66 -22.79
CA MET A 301 -10.62 -17.73 -22.74
C MET A 301 -11.90 -18.58 -22.70
C MET A 301 -11.89 -18.60 -22.68
N ASP A 302 -12.15 -19.40 -23.72
CA ASP A 302 -13.38 -20.19 -23.79
C ASP A 302 -12.97 -21.64 -23.87
N ALA A 303 -12.87 -22.25 -22.71
CA ALA A 303 -12.48 -23.68 -22.58
C ALA A 303 -12.91 -24.14 -21.21
N VAL A 304 -12.82 -25.45 -20.97
CA VAL A 304 -13.21 -25.96 -19.67
C VAL A 304 -12.33 -25.29 -18.58
N CYS A 305 -12.92 -25.05 -17.40
CA CYS A 305 -12.23 -24.43 -16.29
C CYS A 305 -11.74 -23.00 -16.59
N CYS A 306 -12.41 -22.32 -17.53
N CYS A 306 -12.38 -22.33 -17.55
CA CYS A 306 -12.24 -20.87 -17.76
CA CYS A 306 -12.13 -20.89 -17.77
C CYS A 306 -12.97 -20.04 -16.72
C CYS A 306 -12.94 -20.06 -16.75
N VAL A 307 -12.55 -20.24 -15.47
CA VAL A 307 -13.18 -19.62 -14.31
C VAL A 307 -12.71 -18.17 -14.14
N PRO A 308 -13.38 -17.42 -13.28
CA PRO A 308 -12.95 -16.01 -13.13
C PRO A 308 -11.54 -15.82 -12.70
N ASN A 309 -10.92 -14.73 -13.11
CA ASN A 309 -9.70 -14.27 -12.43
C ASN A 309 -10.11 -13.96 -10.99
N ARG A 310 -9.36 -14.48 -10.02
CA ARG A 310 -9.75 -14.30 -8.65
C ARG A 310 -8.47 -14.21 -7.76
N ASN A 311 -8.57 -13.41 -6.74
CA ASN A 311 -7.50 -13.28 -5.74
C ASN A 311 -6.22 -12.81 -6.46
N GLY A 312 -6.29 -11.61 -7.03
CA GLY A 312 -5.23 -11.01 -7.75
C GLY A 312 -4.79 -9.69 -7.13
N LEU A 313 -3.50 -9.51 -7.05
CA LEU A 313 -2.84 -8.35 -6.45
C LEU A 313 -1.91 -7.72 -7.50
N ILE A 314 -2.22 -6.55 -7.97
CA ILE A 314 -1.40 -5.81 -8.95
C ILE A 314 -0.99 -4.55 -8.24
N TYR A 315 0.34 -4.41 -8.03
CA TYR A 315 0.83 -3.35 -7.15
C TYR A 315 2.19 -2.79 -7.51
N GLY A 316 2.39 -1.52 -7.23
CA GLY A 316 3.70 -0.96 -7.47
C GLY A 316 4.09 -0.98 -8.94
N MET A 317 3.13 -0.77 -9.84
CA MET A 317 3.27 -0.84 -11.26
C MET A 317 3.07 0.54 -11.91
N HIS A 318 3.86 0.77 -12.99
CA HIS A 318 3.70 1.90 -13.86
C HIS A 318 2.92 1.41 -15.06
N ILE A 319 1.71 1.91 -15.27
CA ILE A 319 0.78 1.31 -16.23
C ILE A 319 0.39 2.42 -17.25
N GLU A 320 0.85 2.28 -18.48
CA GLU A 320 0.67 3.31 -19.51
C GLU A 320 -0.12 2.79 -20.69
N GLY A 321 -0.93 3.66 -21.28
CA GLY A 321 -1.61 3.45 -22.56
C GLY A 321 -1.42 4.63 -23.47
N ILE A 322 -2.20 4.64 -24.56
CA ILE A 322 -2.20 5.73 -25.49
C ILE A 322 -3.62 6.23 -25.74
N ASP A 323 -3.71 7.44 -26.30
CA ASP A 323 -4.99 7.99 -26.79
C ASP A 323 -5.42 7.22 -28.01
N ILE A 324 -6.67 6.79 -28.04
CA ILE A 324 -7.26 6.12 -29.22
C ILE A 324 -8.66 6.67 -29.40
N ASP A 325 -9.34 6.27 -30.46
N ASP A 325 -9.34 6.27 -30.47
CA ASP A 325 -10.70 6.77 -30.72
CA ASP A 325 -10.70 6.77 -30.75
C ASP A 325 -11.66 6.29 -29.65
C ASP A 325 -11.67 6.29 -29.67
N SER A 326 -11.68 4.97 -29.42
CA SER A 326 -12.55 4.41 -28.35
C SER A 326 -11.77 4.25 -27.05
N ASP A 327 -11.52 5.37 -26.39
CA ASP A 327 -10.66 5.42 -25.25
C ASP A 327 -11.03 4.39 -24.21
N ILE A 328 -10.00 3.79 -23.60
CA ILE A 328 -10.25 2.74 -22.62
C ILE A 328 -9.06 2.73 -21.65
N GLY A 329 -9.35 2.36 -20.40
CA GLY A 329 -8.32 2.38 -19.38
C GLY A 329 -7.19 1.42 -19.59
N ALA A 330 -5.99 1.83 -19.24
CA ALA A 330 -4.80 1.05 -19.39
C ALA A 330 -4.70 -0.11 -18.41
N GLY A 331 -5.30 0.04 -17.24
CA GLY A 331 -5.40 -1.00 -16.26
C GLY A 331 -6.77 -1.70 -16.37
N ASP A 332 -6.78 -2.90 -16.95
CA ASP A 332 -8.01 -3.63 -17.28
C ASP A 332 -8.56 -4.44 -16.12
N MET A 333 -9.84 -4.75 -16.21
CA MET A 333 -10.44 -5.81 -15.45
C MET A 333 -11.67 -6.24 -16.24
N HIS A 334 -11.62 -7.36 -16.96
CA HIS A 334 -12.84 -7.88 -17.60
C HIS A 334 -13.85 -8.32 -16.56
N GLY A 335 -15.11 -8.49 -16.96
CA GLY A 335 -16.17 -8.80 -16.01
C GLY A 335 -16.00 -10.12 -15.28
N ASN A 336 -15.22 -11.05 -15.83
CA ASN A 336 -14.91 -12.31 -15.19
C ASN A 336 -13.78 -12.17 -14.12
N ALA A 337 -14.04 -11.34 -13.14
CA ALA A 337 -13.07 -10.95 -12.12
C ALA A 337 -13.77 -10.94 -10.76
N ASP A 338 -13.07 -11.47 -9.73
CA ASP A 338 -13.57 -11.46 -8.38
C ASP A 338 -12.35 -11.18 -7.44
N LYS A 339 -12.46 -10.22 -6.55
CA LYS A 339 -11.41 -9.99 -5.56
C LYS A 339 -10.06 -9.66 -6.23
N ILE A 340 -10.12 -8.79 -7.22
CA ILE A 340 -8.93 -8.23 -7.85
C ILE A 340 -8.70 -6.84 -7.28
N THR A 341 -7.45 -6.62 -6.84
CA THR A 341 -7.04 -5.38 -6.18
C THR A 341 -5.84 -4.78 -6.84
N TYR A 342 -6.01 -3.55 -7.33
CA TYR A 342 -4.87 -2.73 -7.75
C TYR A 342 -4.49 -1.86 -6.54
N ASP A 343 -3.18 -1.77 -6.27
CA ASP A 343 -2.71 -0.95 -5.14
C ASP A 343 -1.41 -0.24 -5.48
N ASN A 344 -1.31 1.05 -5.18
CA ASN A 344 -0.05 1.76 -5.36
C ASN A 344 0.46 1.62 -6.76
N CYS A 345 -0.40 1.91 -7.72
CA CYS A 345 -0.05 1.98 -9.16
C CYS A 345 -0.22 3.39 -9.71
N GLU A 346 0.36 3.57 -10.89
CA GLU A 346 0.12 4.71 -11.70
C GLU A 346 -0.60 4.27 -12.95
N PHE A 347 -1.69 4.98 -13.33
CA PHE A 347 -2.45 4.64 -14.52
C PHE A 347 -2.51 5.88 -15.45
N ARG A 348 -1.72 5.81 -16.52
CA ARG A 348 -1.63 6.87 -17.54
C ARG A 348 -2.02 6.32 -18.88
N ASN A 349 -3.32 6.09 -19.07
CA ASN A 349 -4.43 6.66 -18.36
C ASN A 349 -5.53 5.59 -18.14
N GLY A 350 -6.15 5.63 -16.96
CA GLY A 350 -7.41 4.97 -16.68
C GLY A 350 -7.28 3.57 -16.07
N VAL A 351 -8.24 3.26 -15.20
CA VAL A 351 -8.42 1.92 -14.64
C VAL A 351 -9.88 1.48 -14.88
N ILE A 352 -10.06 0.18 -14.88
CA ILE A 352 -11.37 -0.45 -15.00
C ILE A 352 -11.61 -1.27 -13.73
N LEU A 353 -12.80 -1.14 -13.16
CA LEU A 353 -13.26 -2.03 -12.08
C LEU A 353 -14.51 -2.70 -12.60
N GLN A 354 -14.45 -4.01 -12.73
CA GLN A 354 -15.56 -4.85 -13.14
C GLN A 354 -15.60 -6.16 -12.36
N GLY A 355 -16.62 -6.98 -12.58
CA GLY A 355 -16.73 -8.17 -11.84
C GLY A 355 -17.32 -7.96 -10.46
N ARG A 356 -16.83 -8.74 -9.50
CA ARG A 356 -17.27 -8.64 -8.12
C ARG A 356 -16.08 -8.20 -7.27
N ASP A 357 -16.35 -7.43 -6.23
CA ASP A 357 -15.33 -7.20 -5.18
C ASP A 357 -14.01 -6.67 -5.78
N ALA A 358 -14.16 -5.62 -6.58
CA ALA A 358 -13.06 -4.95 -7.27
C ALA A 358 -12.57 -3.80 -6.44
N THR A 359 -11.23 -3.60 -6.42
CA THR A 359 -10.61 -2.57 -5.58
C THR A 359 -9.50 -1.83 -6.28
N VAL A 360 -9.41 -0.52 -6.08
CA VAL A 360 -8.19 0.26 -6.35
C VAL A 360 -7.91 1.22 -5.20
N ARG A 361 -6.69 1.09 -4.67
CA ARG A 361 -6.25 1.93 -3.62
C ARG A 361 -4.91 2.57 -3.89
N ASN A 362 -4.64 3.71 -3.20
CA ASN A 362 -3.25 4.18 -3.11
C ASN A 362 -2.62 4.55 -4.45
N SER A 363 -3.42 4.89 -5.46
CA SER A 363 -2.93 5.00 -6.82
C SER A 363 -3.12 6.42 -7.38
N THR A 364 -2.34 6.72 -8.43
CA THR A 364 -2.46 7.96 -9.20
C THR A 364 -3.18 7.56 -10.50
N ILE A 365 -4.37 8.08 -10.73
CA ILE A 365 -5.22 7.60 -11.78
C ILE A 365 -5.64 8.73 -12.71
N TYR A 366 -5.25 8.68 -13.99
CA TYR A 366 -5.64 9.69 -14.96
C TYR A 366 -6.90 9.30 -15.72
N GLY A 367 -7.75 10.28 -16.00
CA GLY A 367 -8.86 10.11 -16.90
C GLY A 367 -8.41 9.78 -18.31
N VAL A 368 -9.09 8.88 -19.00
CA VAL A 368 -8.83 8.62 -20.39
C VAL A 368 -9.10 9.86 -21.22
N SER A 369 -8.56 9.85 -22.44
N SER A 369 -8.52 9.86 -22.42
CA SER A 369 -8.66 11.01 -23.34
CA SER A 369 -8.61 11.00 -23.32
C SER A 369 -9.88 11.02 -24.21
C SER A 369 -9.85 10.92 -24.22
N SER A 370 -11.02 10.80 -23.57
CA SER A 370 -12.32 10.97 -24.12
C SER A 370 -12.86 12.33 -23.73
N VAL A 371 -14.02 12.71 -24.28
CA VAL A 371 -14.65 13.98 -23.91
C VAL A 371 -14.91 14.01 -22.38
N SER A 372 -15.40 12.93 -21.86
CA SER A 372 -15.76 12.79 -20.42
C SER A 372 -14.52 12.72 -19.51
N GLY A 373 -13.47 12.04 -19.96
CA GLY A 373 -12.29 11.86 -19.15
C GLY A 373 -12.50 10.92 -17.98
N GLU A 374 -13.33 9.88 -18.16
CA GLU A 374 -13.52 8.89 -17.14
C GLU A 374 -12.17 8.26 -16.72
N ALA A 375 -11.90 8.29 -15.45
CA ALA A 375 -10.68 7.72 -14.89
C ALA A 375 -10.88 6.29 -14.36
N LEU A 376 -12.06 5.94 -13.92
CA LEU A 376 -12.36 4.63 -13.42
C LEU A 376 -13.74 4.30 -14.02
N TYR A 377 -13.83 3.17 -14.70
CA TYR A 377 -15.02 2.83 -15.46
C TYR A 377 -15.32 1.37 -15.30
N GLY A 378 -16.61 1.03 -15.29
CA GLY A 378 -17.01 -0.37 -15.36
C GLY A 378 -18.50 -0.52 -15.68
N THR A 379 -18.79 -1.54 -16.53
CA THR A 379 -20.18 -1.85 -16.88
C THR A 379 -20.53 -3.32 -16.66
N GLU A 380 -19.55 -4.20 -16.80
CA GLU A 380 -19.74 -5.62 -16.62
C GLU A 380 -19.61 -5.89 -15.11
N VAL A 381 -20.66 -5.55 -14.38
CA VAL A 381 -20.63 -5.46 -12.94
C VAL A 381 -21.46 -6.60 -12.35
N TYR A 382 -20.79 -7.46 -11.60
CA TYR A 382 -21.44 -8.58 -10.92
C TYR A 382 -22.19 -8.10 -9.65
N GLY A 383 -21.50 -7.22 -8.90
CA GLY A 383 -21.94 -6.72 -7.64
C GLY A 383 -20.86 -6.84 -6.59
N GLY A 384 -21.27 -6.99 -5.33
CA GLY A 384 -20.35 -6.95 -4.23
C GLY A 384 -19.86 -5.55 -3.99
N THR A 385 -18.63 -5.44 -3.52
CA THR A 385 -18.15 -4.17 -2.99
C THR A 385 -17.06 -3.66 -3.92
N TYR A 386 -17.24 -2.44 -4.42
CA TYR A 386 -16.23 -1.77 -5.23
C TYR A 386 -15.59 -0.71 -4.34
N THR A 387 -14.28 -0.94 -4.05
CA THR A 387 -13.57 -0.10 -3.06
C THR A 387 -12.58 0.79 -3.75
N ILE A 388 -12.69 2.08 -3.49
CA ILE A 388 -11.93 3.12 -4.17
C ILE A 388 -11.39 4.03 -3.04
N GLU A 389 -10.13 3.85 -2.63
CA GLU A 389 -9.62 4.53 -1.44
C GLU A 389 -8.21 5.05 -1.61
N ASN A 390 -7.98 6.25 -1.12
N ASN A 390 -7.98 6.23 -1.10
CA ASN A 390 -6.65 6.83 -1.09
CA ASN A 390 -6.64 6.81 -1.04
C ASN A 390 -6.02 6.98 -2.44
C ASN A 390 -6.01 7.01 -2.42
N ASN A 391 -6.85 7.36 -3.41
CA ASN A 391 -6.34 7.66 -4.73
C ASN A 391 -6.31 9.14 -5.03
N ARG A 392 -5.45 9.49 -5.98
CA ARG A 392 -5.42 10.86 -6.55
C ARG A 392 -5.79 10.70 -8.04
N PHE A 393 -6.93 11.28 -8.43
CA PHE A 393 -7.44 11.24 -9.75
C PHE A 393 -7.14 12.56 -10.43
N ILE A 394 -6.75 12.50 -11.72
CA ILE A 394 -6.53 13.67 -12.54
C ILE A 394 -7.22 13.47 -13.85
N SER A 395 -8.12 14.38 -14.23
CA SER A 395 -8.78 14.28 -15.52
C SER A 395 -8.86 15.61 -16.18
N TYR A 396 -8.69 15.55 -17.49
CA TYR A 396 -8.87 16.74 -18.34
C TYR A 396 -10.21 16.80 -19.04
N GLY A 397 -11.10 15.80 -18.80
CA GLY A 397 -12.40 15.73 -19.37
C GLY A 397 -13.41 16.55 -18.58
N ASN A 398 -14.67 16.41 -19.00
CA ASN A 398 -15.75 17.13 -18.36
C ASN A 398 -16.70 16.33 -17.49
N GLY A 399 -16.51 15.02 -17.38
CA GLY A 399 -17.34 14.21 -16.53
C GLY A 399 -18.82 14.33 -16.75
N ALA A 400 -19.24 14.65 -17.99
CA ALA A 400 -20.63 15.00 -18.22
C ALA A 400 -21.47 13.79 -18.63
N SER A 401 -21.15 13.17 -19.75
CA SER A 401 -21.87 11.99 -20.20
C SER A 401 -21.56 10.78 -19.38
N PHE A 402 -20.28 10.69 -18.95
CA PHE A 402 -19.76 9.64 -18.06
C PHE A 402 -19.06 10.33 -16.93
N GLY A 403 -19.19 9.84 -15.72
CA GLY A 403 -18.53 10.45 -14.60
C GLY A 403 -17.02 10.22 -14.59
N ILE A 404 -16.33 10.99 -13.75
CA ILE A 404 -14.89 10.77 -13.53
C ILE A 404 -14.69 9.34 -12.99
N ILE A 405 -15.54 8.95 -12.06
CA ILE A 405 -15.75 7.55 -11.70
C ILE A 405 -17.13 7.23 -12.29
N HIS A 406 -17.20 6.18 -13.11
CA HIS A 406 -18.45 5.83 -13.81
C HIS A 406 -18.69 4.33 -13.67
N ILE A 407 -19.66 3.95 -12.87
N ILE A 407 -19.69 3.95 -12.88
CA ILE A 407 -19.97 2.55 -12.60
CA ILE A 407 -19.97 2.54 -12.61
C ILE A 407 -21.44 2.31 -13.00
C ILE A 407 -21.45 2.30 -12.98
N SER A 408 -21.63 1.35 -13.90
CA SER A 408 -22.91 1.22 -14.61
C SER A 408 -23.34 -0.22 -14.82
N PRO A 409 -23.84 -0.85 -13.74
CA PRO A 409 -24.27 -2.23 -13.87
C PRO A 409 -25.53 -2.32 -14.75
N GLY A 410 -25.72 -3.49 -15.34
CA GLY A 410 -26.87 -3.77 -16.17
C GLY A 410 -27.69 -4.95 -15.67
N THR A 411 -28.40 -5.55 -16.61
CA THR A 411 -29.25 -6.72 -16.31
C THR A 411 -28.48 -7.95 -15.80
N SER A 412 -27.19 -7.99 -16.10
CA SER A 412 -26.38 -9.13 -15.76
C SER A 412 -25.97 -9.14 -14.26
N GLN A 413 -26.19 -8.04 -13.54
CA GLN A 413 -25.85 -7.94 -12.14
C GLN A 413 -26.45 -9.11 -11.36
N ARG A 414 -25.66 -9.76 -10.54
CA ARG A 414 -26.13 -10.90 -9.75
C ARG A 414 -26.21 -10.69 -8.24
N GLU A 415 -25.52 -9.68 -7.68
CA GLU A 415 -25.56 -9.34 -6.22
C GLU A 415 -25.70 -7.86 -6.06
N ALA A 416 -26.24 -7.40 -4.94
CA ALA A 416 -26.27 -5.98 -4.62
C ALA A 416 -24.86 -5.44 -4.75
N LEU A 417 -24.76 -4.21 -5.20
CA LEU A 417 -23.55 -3.47 -5.35
C LEU A 417 -23.42 -2.43 -4.27
N LEU A 418 -22.20 -2.33 -3.69
CA LEU A 418 -21.84 -1.30 -2.74
C LEU A 418 -20.59 -0.62 -3.28
N ILE A 419 -20.64 0.68 -3.52
CA ILE A 419 -19.49 1.45 -3.91
C ILE A 419 -19.02 2.24 -2.68
N ILE A 420 -17.79 1.98 -2.27
CA ILE A 420 -17.13 2.59 -1.15
C ILE A 420 -16.02 3.51 -1.70
N ALA A 421 -16.14 4.84 -1.56
CA ALA A 421 -15.16 5.77 -2.11
C ALA A 421 -14.76 6.67 -0.99
N ARG A 422 -13.59 6.37 -0.37
CA ARG A 422 -13.13 7.05 0.82
C ARG A 422 -11.75 7.62 0.63
N ASN A 423 -11.61 8.87 0.99
CA ASN A 423 -10.34 9.64 0.92
C ASN A 423 -9.68 9.60 -0.44
N ASN A 424 -10.38 10.21 -1.42
CA ASN A 424 -9.87 10.40 -2.74
C ASN A 424 -9.80 11.91 -3.03
N THR A 425 -8.89 12.24 -3.95
CA THR A 425 -8.67 13.60 -4.46
C THR A 425 -8.92 13.60 -5.95
N PHE A 426 -9.53 14.68 -6.45
CA PHE A 426 -9.89 14.78 -7.87
C PHE A 426 -9.43 16.13 -8.41
N GLU A 427 -8.51 16.10 -9.35
CA GLU A 427 -7.98 17.28 -9.98
C GLU A 427 -8.67 17.43 -11.33
N LEU A 428 -9.57 18.41 -11.43
CA LEU A 428 -10.51 18.53 -12.53
C LEU A 428 -10.49 19.94 -13.14
N PRO A 429 -9.38 20.30 -13.81
CA PRO A 429 -9.26 21.68 -14.30
C PRO A 429 -10.19 22.13 -15.38
N ASN A 430 -10.83 21.14 -16.05
CA ASN A 430 -11.82 21.43 -17.09
C ASN A 430 -13.25 21.09 -16.70
N ALA A 431 -13.49 20.97 -15.39
CA ALA A 431 -14.86 20.72 -14.91
C ALA A 431 -15.78 21.82 -15.39
N THR A 432 -17.05 21.46 -15.60
CA THR A 432 -18.11 22.36 -15.99
C THR A 432 -19.32 22.17 -15.09
N GLY A 433 -20.41 22.89 -15.38
CA GLY A 433 -21.64 22.72 -14.69
C GLY A 433 -22.36 21.42 -14.96
N SER A 434 -21.82 20.62 -15.89
CA SER A 434 -22.30 19.26 -16.11
C SER A 434 -21.46 18.15 -15.51
N THR A 435 -20.38 18.51 -14.84
CA THR A 435 -19.48 17.49 -14.33
C THR A 435 -20.08 16.75 -13.15
N LYS A 436 -19.93 15.42 -13.23
CA LYS A 436 -20.38 14.48 -12.17
C LYS A 436 -19.16 13.74 -11.69
N VAL A 437 -18.79 13.87 -10.43
CA VAL A 437 -17.52 13.25 -9.99
C VAL A 437 -17.67 11.70 -9.96
N LEU A 438 -18.71 11.23 -9.30
CA LEU A 438 -19.01 9.82 -9.22
C LEU A 438 -20.43 9.63 -9.81
N PHE A 439 -20.51 8.83 -10.88
CA PHE A 439 -21.75 8.63 -11.57
C PHE A 439 -22.08 7.14 -11.50
N LEU A 440 -23.10 6.80 -10.69
CA LEU A 440 -23.71 5.51 -10.64
C LEU A 440 -24.92 5.47 -11.57
N ARG A 441 -24.86 4.62 -12.59
CA ARG A 441 -25.93 4.59 -13.59
C ARG A 441 -26.37 3.15 -13.81
N GLY A 442 -27.40 2.71 -13.09
CA GLY A 442 -27.94 1.43 -13.40
C GLY A 442 -28.52 1.43 -14.83
N ARG A 443 -28.49 0.25 -15.49
CA ARG A 443 -29.10 0.11 -16.82
C ARG A 443 -30.09 -1.05 -16.71
N ASN A 444 -31.26 -0.71 -16.18
CA ASN A 444 -32.23 -1.74 -15.75
C ASN A 444 -31.60 -2.73 -14.77
N SER A 445 -30.86 -2.22 -13.81
N SER A 445 -30.85 -2.22 -13.81
CA SER A 445 -30.29 -3.07 -12.81
CA SER A 445 -30.18 -3.07 -12.84
C SER A 445 -31.35 -3.77 -12.00
C SER A 445 -31.17 -3.71 -11.85
N PRO A 446 -31.10 -5.06 -11.67
CA PRO A 446 -32.11 -5.83 -10.94
C PRO A 446 -32.02 -5.84 -9.45
N LEU A 447 -30.95 -5.26 -8.94
CA LEU A 447 -30.65 -5.34 -7.52
C LEU A 447 -30.14 -4.02 -7.00
N PRO A 448 -30.14 -3.86 -5.67
CA PRO A 448 -29.72 -2.58 -5.17
C PRO A 448 -28.27 -2.16 -5.47
N CYS A 449 -28.08 -0.90 -5.73
CA CYS A 449 -26.77 -0.28 -5.85
C CYS A 449 -26.70 0.90 -4.91
N SER A 450 -25.74 0.87 -3.97
CA SER A 450 -25.65 1.81 -2.87
C SER A 450 -24.26 2.40 -2.83
N VAL A 451 -24.15 3.57 -2.23
CA VAL A 451 -22.90 4.34 -2.28
C VAL A 451 -22.55 4.91 -0.93
N ASN A 452 -21.25 4.82 -0.56
CA ASN A 452 -20.72 5.53 0.58
C ASN A 452 -19.49 6.36 0.10
N ILE A 453 -19.68 7.65 -0.13
CA ILE A 453 -18.59 8.59 -0.32
C ILE A 453 -18.26 9.29 0.96
N ASP A 454 -16.98 9.19 1.39
CA ASP A 454 -16.50 9.91 2.55
C ASP A 454 -15.11 10.39 2.30
N GLY A 455 -14.95 11.66 2.00
CA GLY A 455 -13.63 12.24 1.71
C GLY A 455 -13.41 12.32 0.19
N MET A 456 -13.87 13.38 -0.40
CA MET A 456 -13.84 13.59 -1.84
C MET A 456 -13.47 15.04 -2.03
N HIS A 457 -12.17 15.25 -2.31
CA HIS A 457 -11.62 16.57 -2.36
C HIS A 457 -11.35 16.99 -3.80
N VAL A 458 -12.11 17.93 -4.34
CA VAL A 458 -11.97 18.33 -5.70
C VAL A 458 -11.07 19.61 -5.78
N HIS A 459 -9.99 19.51 -6.60
CA HIS A 459 -9.00 20.51 -6.79
C HIS A 459 -9.03 21.04 -8.21
N MET A 460 -8.91 22.36 -8.37
N MET A 460 -8.91 22.36 -8.37
CA MET A 460 -8.78 23.01 -9.68
CA MET A 460 -8.81 23.03 -9.68
C MET A 460 -10.05 23.18 -10.47
C MET A 460 -10.06 23.17 -10.48
N ALA A 461 -11.19 22.73 -9.96
CA ALA A 461 -12.44 22.90 -10.73
C ALA A 461 -12.73 24.38 -10.76
N PRO A 462 -13.03 24.92 -11.97
CA PRO A 462 -13.14 26.36 -12.17
C PRO A 462 -14.52 26.99 -11.96
N VAL A 463 -15.56 26.12 -11.91
CA VAL A 463 -16.92 26.55 -11.75
C VAL A 463 -17.68 25.52 -10.95
N ALA A 464 -18.88 25.85 -10.50
CA ALA A 464 -19.78 24.88 -9.88
C ALA A 464 -19.93 23.71 -10.80
N MET A 465 -19.85 22.49 -10.23
CA MET A 465 -20.07 21.27 -10.96
C MET A 465 -21.53 20.84 -10.81
N GLN A 466 -21.94 19.84 -11.58
CA GLN A 466 -23.28 19.32 -11.42
C GLN A 466 -23.44 18.72 -10.06
N CYS A 467 -22.51 17.86 -9.69
CA CYS A 467 -22.64 17.14 -8.43
C CYS A 467 -21.40 16.38 -8.10
N PHE A 468 -21.24 16.05 -6.81
CA PHE A 468 -20.32 15.06 -6.35
C PHE A 468 -20.80 13.66 -6.73
N LEU A 469 -22.06 13.35 -6.47
CA LEU A 469 -22.68 12.12 -6.83
C LEU A 469 -23.89 12.30 -7.75
N PHE A 470 -23.89 11.57 -8.85
CA PHE A 470 -25.06 11.41 -9.69
C PHE A 470 -25.47 9.97 -9.58
N ALA A 471 -26.71 9.69 -9.29
CA ALA A 471 -27.18 8.32 -9.18
C ALA A 471 -28.54 8.13 -9.78
N ASP A 472 -28.61 7.25 -10.80
CA ASP A 472 -29.90 6.95 -11.40
C ASP A 472 -29.87 5.60 -12.08
N ASP A 473 -30.98 5.24 -12.69
CA ASP A 473 -31.04 4.15 -13.60
C ASP A 473 -31.49 4.76 -14.93
N GLN A 474 -30.77 4.44 -16.01
CA GLN A 474 -31.06 4.99 -17.32
C GLN A 474 -32.37 4.50 -17.92
N VAL A 475 -32.78 3.28 -17.55
CA VAL A 475 -33.94 2.61 -18.12
C VAL A 475 -35.16 2.62 -17.19
N ALA A 476 -34.94 2.24 -15.96
CA ALA A 476 -36.02 2.05 -15.03
C ALA A 476 -36.58 3.36 -14.51
N ALA A 477 -37.81 3.31 -13.97
CA ALA A 477 -38.40 4.51 -13.46
C ALA A 477 -37.74 5.10 -12.27
N THR A 478 -37.13 4.21 -11.49
CA THR A 478 -36.35 4.59 -10.29
C THR A 478 -35.09 3.73 -10.23
N LEU A 479 -34.12 4.23 -9.49
CA LEU A 479 -32.93 3.51 -9.13
C LEU A 479 -33.22 2.66 -7.88
N ASN A 480 -32.92 1.37 -7.97
CA ASN A 480 -32.97 0.47 -6.85
C ASN A 480 -31.72 0.64 -6.03
N SER A 481 -31.87 1.09 -4.80
CA SER A 481 -30.76 1.38 -3.91
C SER A 481 -31.17 1.32 -2.46
N ASN A 482 -30.24 0.94 -1.56
CA ASN A 482 -30.50 1.02 -0.16
C ASN A 482 -30.09 2.33 0.53
N TYR A 483 -29.10 3.04 -0.04
CA TYR A 483 -28.64 4.26 0.53
C TYR A 483 -27.65 4.96 -0.38
N LEU A 484 -27.60 6.27 -0.26
CA LEU A 484 -26.56 7.11 -0.91
C LEU A 484 -26.01 8.03 0.16
N ILE A 485 -24.73 7.84 0.51
CA ILE A 485 -24.09 8.63 1.53
C ILE A 485 -23.06 9.53 0.84
N ILE A 486 -23.08 10.83 1.10
CA ILE A 486 -22.16 11.77 0.52
C ILE A 486 -21.63 12.75 1.59
N ASP A 487 -20.38 12.45 2.05
CA ASP A 487 -19.80 13.12 3.18
C ASP A 487 -18.36 13.51 2.91
N GLY A 488 -17.88 14.50 3.63
CA GLY A 488 -16.49 14.87 3.53
C GLY A 488 -16.01 15.41 2.22
N VAL A 489 -16.84 16.21 1.60
CA VAL A 489 -16.54 16.74 0.29
C VAL A 489 -15.96 18.15 0.39
N TYR A 490 -15.22 18.53 -0.64
CA TYR A 490 -14.77 19.91 -0.89
C TYR A 490 -14.82 20.11 -2.41
N GLY A 491 -15.31 21.24 -2.85
CA GLY A 491 -15.19 21.64 -4.20
C GLY A 491 -15.81 23.01 -4.40
N PRO A 492 -16.09 23.36 -5.68
CA PRO A 492 -16.66 24.71 -5.95
C PRO A 492 -18.03 24.90 -5.34
N SER A 493 -18.27 26.09 -4.84
CA SER A 493 -19.60 26.45 -4.34
C SER A 493 -20.65 26.24 -5.41
N GLY A 494 -21.78 25.70 -5.00
CA GLY A 494 -22.91 25.44 -5.89
C GLY A 494 -23.02 24.04 -6.40
N THR A 495 -22.06 23.19 -6.02
CA THR A 495 -22.05 21.82 -6.46
C THR A 495 -22.95 20.95 -5.56
N TYR A 496 -23.96 20.32 -6.13
CA TYR A 496 -24.87 19.46 -5.36
C TYR A 496 -24.06 18.32 -4.71
N LEU A 497 -24.48 17.88 -3.52
CA LEU A 497 -23.94 16.67 -2.93
C LEU A 497 -24.43 15.46 -3.78
N LEU A 498 -25.73 15.40 -4.02
CA LEU A 498 -26.41 14.43 -4.86
C LEU A 498 -27.33 15.25 -5.77
N TYR A 499 -27.20 15.03 -7.10
CA TYR A 499 -28.09 15.76 -8.02
C TYR A 499 -29.48 15.11 -7.95
N PRO A 500 -30.50 15.88 -7.55
CA PRO A 500 -31.82 15.26 -7.31
C PRO A 500 -32.60 15.02 -8.60
N THR A 501 -33.17 13.86 -8.72
CA THR A 501 -34.10 13.50 -9.78
C THR A 501 -35.24 12.64 -9.23
N SER A 502 -36.29 12.47 -10.00
CA SER A 502 -37.40 11.59 -9.63
C SER A 502 -36.90 10.13 -9.41
N LYS A 503 -35.82 9.78 -10.08
CA LYS A 503 -35.28 8.42 -9.99
C LYS A 503 -34.58 8.07 -8.71
N ASN A 504 -34.10 9.10 -8.00
CA ASN A 504 -33.37 8.88 -6.74
C ASN A 504 -34.04 9.51 -5.56
N ALA A 505 -35.19 10.18 -5.72
CA ALA A 505 -35.79 10.91 -4.62
C ALA A 505 -36.17 10.06 -3.40
N ALA A 506 -36.52 8.81 -3.63
CA ALA A 506 -37.01 7.93 -2.56
C ALA A 506 -35.89 7.23 -1.80
N ILE A 507 -34.65 7.36 -2.25
CA ILE A 507 -33.54 6.60 -1.64
C ILE A 507 -33.05 7.28 -0.36
N PRO A 508 -32.93 6.50 0.73
CA PRO A 508 -32.39 7.09 1.99
C PRO A 508 -30.99 7.69 1.72
N THR A 509 -30.72 8.84 2.28
CA THR A 509 -29.47 9.53 2.03
C THR A 509 -28.96 10.15 3.31
N ARG A 510 -27.62 10.20 3.40
CA ARG A 510 -26.87 10.89 4.42
C ARG A 510 -26.01 11.91 3.66
N GLN A 511 -26.07 13.18 4.05
CA GLN A 511 -25.39 14.26 3.36
C GLN A 511 -24.70 15.19 4.35
N MET A 512 -23.49 15.60 3.97
CA MET A 512 -22.56 16.37 4.78
C MET A 512 -23.19 17.53 5.56
N HIS A 513 -22.84 17.60 6.82
CA HIS A 513 -23.17 18.72 7.71
C HIS A 513 -22.52 20.01 7.21
N GLN A 514 -23.26 21.09 7.22
CA GLN A 514 -22.83 22.44 6.85
C GLN A 514 -23.31 23.43 7.87
N SER A 515 -22.70 24.60 7.90
CA SER A 515 -23.11 25.62 8.90
C SER A 515 -22.67 26.99 8.53
N GLY A 516 -23.22 27.96 9.19
CA GLY A 516 -22.87 29.37 8.96
C GLY A 516 -23.44 30.31 9.99
N ALA A 517 -23.24 31.58 9.80
CA ALA A 517 -23.82 32.61 10.66
C ALA A 517 -23.81 33.93 9.93
N VAL A 518 -24.68 34.83 10.34
CA VAL A 518 -24.85 36.11 9.72
C VAL A 518 -25.31 37.13 10.76
N ASN A 519 -24.69 38.33 10.68
CA ASN A 519 -25.12 39.43 11.50
C ASN A 519 -26.36 40.11 10.94
N VAL A 520 -27.28 40.48 11.83
CA VAL A 520 -28.52 41.18 11.46
C VAL A 520 -28.81 42.39 12.36
N THR A 521 -29.57 43.32 11.81
CA THR A 521 -30.08 44.46 12.52
C THR A 521 -31.59 44.28 12.51
N THR A 522 -32.19 44.42 13.65
CA THR A 522 -33.65 44.31 13.74
C THR A 522 -34.40 45.43 13.06
N THR A 523 -35.57 45.06 12.53
CA THR A 523 -36.58 46.00 12.03
C THR A 523 -37.73 46.01 13.09
N ALA A 524 -38.66 46.93 12.91
CA ALA A 524 -39.78 47.06 13.83
C ALA A 524 -40.84 46.05 13.36
N SER A 525 -40.57 44.80 13.64
CA SER A 525 -41.28 43.64 13.08
C SER A 525 -41.43 42.54 14.14
N ALA A 526 -42.42 41.68 13.95
CA ALA A 526 -42.56 40.51 14.82
C ALA A 526 -41.46 39.47 14.52
N THR A 527 -41.01 39.40 13.26
CA THR A 527 -40.04 38.46 12.82
C THR A 527 -38.96 39.23 12.09
N VAL A 528 -37.72 38.93 12.43
CA VAL A 528 -36.54 39.43 11.79
C VAL A 528 -35.79 38.25 11.16
N ALA A 529 -35.89 38.10 9.82
CA ALA A 529 -35.27 37.02 9.13
C ALA A 529 -34.00 37.54 8.46
N ALA A 530 -32.87 36.87 8.72
CA ALA A 530 -31.63 37.15 8.04
C ALA A 530 -31.82 36.92 6.57
N PRO A 531 -30.96 37.58 5.78
CA PRO A 531 -30.97 37.25 4.34
C PRO A 531 -30.73 35.76 4.12
N ALA A 532 -31.08 35.28 2.95
CA ALA A 532 -30.82 33.89 2.54
C ALA A 532 -29.33 33.64 2.62
N GLN A 533 -28.99 32.58 3.35
CA GLN A 533 -27.63 32.11 3.45
C GLN A 533 -27.40 30.93 2.51
N THR A 534 -26.44 31.04 1.63
CA THR A 534 -26.12 29.99 0.71
C THR A 534 -25.59 28.78 1.43
N ILE A 535 -26.07 27.65 1.01
CA ILE A 535 -25.57 26.34 1.36
C ILE A 535 -24.62 25.99 0.23
N ARG A 536 -23.32 25.89 0.55
CA ARG A 536 -22.29 25.74 -0.44
C ARG A 536 -22.50 24.54 -1.32
N TYR A 537 -22.81 23.38 -0.72
CA TYR A 537 -23.03 22.14 -1.45
C TYR A 537 -24.49 21.78 -1.24
N PRO A 538 -25.36 22.14 -2.18
CA PRO A 538 -26.78 21.95 -1.91
C PRO A 538 -27.17 20.49 -1.71
N TYR A 539 -28.17 20.28 -0.84
CA TYR A 539 -28.75 19.00 -0.55
C TYR A 539 -29.69 18.60 -1.65
N SER A 540 -30.10 17.32 -1.65
CA SER A 540 -31.04 16.81 -2.62
C SER A 540 -32.50 17.01 -2.24
N LYS A 541 -32.73 17.47 -1.02
CA LYS A 541 -34.06 17.73 -0.45
C LYS A 541 -33.85 18.66 0.73
N ILE A 542 -34.93 19.14 1.33
CA ILE A 542 -34.80 20.05 2.48
C ILE A 542 -33.96 19.38 3.59
N PRO A 543 -32.91 20.04 4.06
CA PRO A 543 -32.12 19.45 5.10
C PRO A 543 -32.76 19.58 6.48
N ASN A 544 -32.21 18.82 7.42
CA ASN A 544 -32.47 18.97 8.84
C ASN A 544 -31.62 20.07 9.42
N VAL A 545 -32.23 21.04 10.05
CA VAL A 545 -31.58 22.27 10.39
C VAL A 545 -31.62 22.62 11.90
N SER A 546 -30.63 23.44 12.31
N SER A 546 -30.63 23.44 12.29
CA SER A 546 -30.66 24.20 13.55
CA SER A 546 -30.62 24.16 13.57
C SER A 546 -30.43 25.66 13.30
C SER A 546 -30.41 25.64 13.30
N VAL A 547 -30.91 26.47 14.22
CA VAL A 547 -30.74 27.95 14.19
C VAL A 547 -30.56 28.37 15.63
N GLN A 548 -29.71 29.37 15.85
CA GLN A 548 -29.56 30.00 17.11
C GLN A 548 -29.22 31.48 17.01
N VAL A 549 -29.28 32.18 18.11
CA VAL A 549 -29.01 33.62 18.19
C VAL A 549 -27.92 33.92 19.25
N SER A 550 -26.96 34.76 18.89
CA SER A 550 -25.96 35.28 19.79
C SER A 550 -25.83 36.79 19.55
N SER A 551 -24.91 37.42 20.27
CA SER A 551 -24.43 38.76 19.90
C SER A 551 -23.53 38.63 18.66
N GLN A 552 -23.34 39.78 18.03
CA GLN A 552 -22.43 39.86 16.94
C GLN A 552 -20.96 39.61 17.33
N SER A 553 -20.57 40.06 18.52
CA SER A 553 -19.19 39.95 19.00
C SER A 553 -18.92 38.62 19.67
N GLY A 554 -19.98 37.95 20.10
CA GLY A 554 -19.87 36.84 21.01
C GLY A 554 -19.89 37.17 22.48
N GLY A 555 -19.88 38.46 22.79
CA GLY A 555 -20.02 38.85 24.20
C GLY A 555 -21.41 38.60 24.70
N GLY A 556 -21.60 38.74 26.01
CA GLY A 556 -22.90 38.43 26.63
C GLY A 556 -24.05 39.25 26.01
N GLN A 557 -25.11 38.54 25.67
CA GLN A 557 -26.33 39.17 25.15
C GLN A 557 -27.50 38.21 25.37
N SER A 558 -28.61 38.76 25.87
CA SER A 558 -29.84 38.04 26.09
C SER A 558 -30.97 38.73 25.37
N ALA A 559 -31.64 39.67 26.02
CA ALA A 559 -32.68 40.47 25.38
C ALA A 559 -32.16 41.36 24.29
N ILE A 560 -33.00 41.55 23.28
CA ILE A 560 -32.74 42.52 22.23
C ILE A 560 -33.75 43.63 22.42
N GLY A 561 -33.29 44.74 22.93
CA GLY A 561 -34.21 45.74 23.47
C GLY A 561 -35.00 45.12 24.62
N SER A 562 -36.32 45.18 24.55
CA SER A 562 -37.11 44.61 25.59
C SER A 562 -37.60 43.15 25.18
N ILE A 563 -37.07 42.55 24.13
CA ILE A 563 -37.62 41.31 23.53
C ILE A 563 -36.70 40.09 23.77
N THR A 564 -37.29 38.99 24.25
CA THR A 564 -36.63 37.65 24.29
C THR A 564 -36.67 37.04 22.91
N PRO A 565 -35.51 36.99 22.22
CA PRO A 565 -35.56 36.54 20.80
C PRO A 565 -35.72 35.01 20.72
N VAL A 566 -36.62 34.54 19.85
CA VAL A 566 -36.91 33.15 19.63
C VAL A 566 -36.42 32.75 18.27
N ALA A 567 -35.35 31.99 18.24
CA ALA A 567 -34.77 31.52 16.99
C ALA A 567 -35.75 30.54 16.29
N ILE A 568 -35.89 30.68 14.96
CA ILE A 568 -36.65 29.79 14.10
C ILE A 568 -35.92 29.65 12.75
N ALA A 569 -36.31 28.65 11.97
CA ALA A 569 -35.92 28.49 10.58
C ALA A 569 -37.08 29.07 9.74
N TYR A 570 -36.93 30.34 9.29
CA TYR A 570 -38.00 31.01 8.57
C TYR A 570 -38.23 30.38 7.18
N ASN A 571 -37.18 30.00 6.47
CA ASN A 571 -37.33 29.28 5.22
C ASN A 571 -36.11 28.40 5.06
N VAL A 572 -36.32 27.26 4.41
CA VAL A 572 -35.30 26.26 4.14
C VAL A 572 -35.48 25.72 2.71
N GLN A 573 -34.42 25.84 1.93
CA GLN A 573 -34.32 25.29 0.64
C GLN A 573 -33.19 24.31 0.62
N PRO A 574 -33.06 23.53 -0.46
CA PRO A 574 -31.96 22.63 -0.55
C PRO A 574 -30.61 23.40 -0.65
N ASN A 575 -30.67 24.63 -1.18
CA ASN A 575 -29.49 25.42 -1.42
C ASN A 575 -29.34 26.70 -0.60
N SER A 576 -30.22 26.93 0.36
CA SER A 576 -30.19 28.14 1.13
C SER A 576 -31.06 28.02 2.36
N ILE A 577 -30.82 28.92 3.31
CA ILE A 577 -31.67 29.03 4.47
C ILE A 577 -31.80 30.46 4.91
N ARG A 578 -32.97 30.81 5.47
CA ARG A 578 -33.16 32.08 6.22
C ARG A 578 -33.41 31.80 7.68
N PRO A 579 -32.39 31.87 8.51
CA PRO A 579 -32.60 31.84 9.97
C PRO A 579 -33.29 33.14 10.40
N ALA A 580 -34.08 33.09 11.49
CA ALA A 580 -34.74 34.27 11.93
C ALA A 580 -34.89 34.23 13.41
N ILE A 581 -35.25 35.40 13.95
CA ILE A 581 -35.72 35.51 15.32
C ILE A 581 -37.09 36.17 15.40
N MET A 582 -37.93 35.67 16.30
CA MET A 582 -39.25 36.19 16.49
C MET A 582 -39.39 36.78 17.88
N ALA A 583 -40.30 37.75 18.02
CA ALA A 583 -40.77 38.21 19.32
C ALA A 583 -41.86 37.24 19.83
N PRO A 584 -41.82 36.90 21.10
CA PRO A 584 -42.92 36.08 21.65
C PRO A 584 -44.28 36.72 21.52
N SER A 585 -44.32 38.06 21.68
CA SER A 585 -45.50 38.86 21.42
C SER A 585 -45.01 40.22 21.04
N GLY A 586 -45.83 40.95 20.28
CA GLY A 586 -45.42 42.28 19.81
C GLY A 586 -44.32 42.19 18.78
N SER A 587 -43.51 43.24 18.74
CA SER A 587 -42.50 43.43 17.72
C SER A 587 -41.20 43.80 18.38
N PHE A 588 -40.09 43.48 17.68
CA PHE A 588 -38.86 44.10 18.00
C PHE A 588 -38.94 45.60 17.75
N ALA A 589 -38.06 46.35 18.40
CA ALA A 589 -37.72 47.72 17.99
C ALA A 589 -36.66 47.68 16.91
N ALA A 590 -36.71 48.62 15.97
CA ALA A 590 -35.68 48.70 14.97
C ALA A 590 -34.34 49.07 15.63
N GLY A 591 -33.24 48.51 15.07
CA GLY A 591 -31.87 48.95 15.38
C GLY A 591 -31.16 48.10 16.37
N GLY A 592 -31.77 46.99 16.81
CA GLY A 592 -31.05 46.04 17.71
C GLY A 592 -30.12 45.17 16.89
N SER A 593 -29.17 44.54 17.53
N SER A 593 -29.16 44.54 17.53
CA SER A 593 -28.20 43.75 16.83
CA SER A 593 -28.16 43.75 16.82
C SER A 593 -28.16 42.29 17.31
C SER A 593 -28.12 42.30 17.30
N ALA A 594 -27.90 41.40 16.35
CA ALA A 594 -27.73 40.00 16.67
C ALA A 594 -26.95 39.29 15.59
N ARG A 595 -26.55 38.08 15.90
CA ARG A 595 -25.93 37.18 14.97
C ARG A 595 -26.77 35.90 14.92
N LEU A 596 -27.21 35.48 13.75
CA LEU A 596 -28.04 34.28 13.60
C LEU A 596 -27.19 33.17 13.00
N HIS A 597 -27.20 32.06 13.67
CA HIS A 597 -26.40 30.88 13.36
C HIS A 597 -27.27 29.84 12.79
N TRP A 598 -26.74 29.02 11.92
CA TRP A 598 -27.52 27.94 11.29
C TRP A 598 -26.58 26.72 11.03
N SER A 599 -27.22 25.55 10.96
CA SER A 599 -26.56 24.34 10.53
C SER A 599 -27.57 23.46 9.80
N ALA A 600 -27.04 22.50 9.07
CA ALA A 600 -27.84 21.63 8.19
C ALA A 600 -27.14 20.29 8.00
N SER A 601 -27.94 19.26 7.82
N SER A 601 -27.93 19.24 7.85
CA SER A 601 -27.44 17.93 7.56
CA SER A 601 -27.43 17.92 7.49
C SER A 601 -28.59 17.04 7.12
C SER A 601 -28.60 17.05 7.08
N LEU A 602 -28.28 15.90 6.49
CA LEU A 602 -29.26 14.80 6.26
C LEU A 602 -28.63 13.54 6.79
N ASP A 603 -29.42 12.70 7.45
CA ASP A 603 -28.92 11.49 8.09
C ASP A 603 -30.01 10.41 8.12
N ASP A 604 -30.48 9.99 6.95
CA ASP A 604 -31.54 9.02 6.81
C ASP A 604 -31.05 7.60 7.21
N ILE A 605 -29.76 7.39 7.03
CA ILE A 605 -29.02 6.21 7.41
C ILE A 605 -27.70 6.62 8.00
N ARG B 6 31.34 -11.62 -32.05
CA ARG B 6 31.72 -12.08 -30.68
C ARG B 6 31.94 -13.61 -30.65
N LEU B 7 32.95 -14.06 -29.85
CA LEU B 7 33.34 -15.50 -29.74
C LEU B 7 32.65 -16.20 -28.54
N ASN B 8 31.88 -15.41 -27.81
CA ASN B 8 31.44 -15.66 -26.44
C ASN B 8 30.10 -15.10 -26.12
N ASP B 9 29.18 -15.90 -25.48
CA ASP B 9 28.00 -15.28 -24.86
C ASP B 9 28.00 -15.07 -23.36
N THR B 10 28.62 -15.99 -22.58
CA THR B 10 28.94 -15.64 -21.16
C THR B 10 30.48 -15.47 -21.07
N ALA B 11 30.93 -14.30 -20.63
CA ALA B 11 32.34 -14.04 -20.40
C ALA B 11 32.54 -14.04 -18.90
N ASN B 12 33.45 -14.95 -18.47
CA ASN B 12 33.79 -15.11 -17.06
C ASN B 12 35.06 -14.31 -16.82
N VAL B 13 35.02 -13.37 -15.90
CA VAL B 13 36.11 -12.40 -15.75
C VAL B 13 37.39 -13.11 -15.34
N LYS B 14 37.30 -14.18 -14.56
CA LYS B 14 38.56 -14.95 -14.25
C LYS B 14 39.13 -15.67 -15.45
N ASP B 15 38.26 -16.14 -16.36
CA ASP B 15 38.76 -16.73 -17.58
C ASP B 15 39.54 -15.68 -18.47
N TYR B 16 39.21 -14.40 -18.28
CA TYR B 16 39.90 -13.31 -18.98
C TYR B 16 41.12 -12.81 -18.26
N GLY B 17 41.45 -13.44 -17.13
CA GLY B 17 42.73 -13.25 -16.46
C GLY B 17 42.70 -12.75 -15.04
N ALA B 18 41.54 -12.39 -14.49
CA ALA B 18 41.49 -11.77 -13.15
C ALA B 18 42.03 -12.73 -12.11
N ILE B 19 42.64 -12.15 -11.09
CA ILE B 19 43.12 -12.86 -9.91
C ILE B 19 42.12 -12.73 -8.74
N ALA B 20 41.68 -11.48 -8.47
CA ALA B 20 40.61 -11.24 -7.55
C ALA B 20 40.84 -11.86 -6.17
N ASP B 21 42.03 -11.63 -5.64
CA ASP B 21 42.33 -12.16 -4.30
C ASP B 21 42.45 -11.06 -3.25
N GLY B 22 41.94 -9.88 -3.59
CA GLY B 22 41.89 -8.75 -2.63
C GLY B 22 43.14 -7.88 -2.60
N ALA B 23 44.15 -8.27 -3.36
CA ALA B 23 45.36 -7.49 -3.46
C ALA B 23 45.47 -6.79 -4.80
N TYR B 24 46.19 -5.69 -4.79
CA TYR B 24 46.53 -5.00 -6.02
C TYR B 24 47.63 -5.79 -6.78
N HIS B 25 47.28 -6.19 -8.01
CA HIS B 25 48.22 -6.87 -8.90
C HIS B 25 48.35 -6.06 -10.19
N PRO B 26 49.42 -5.27 -10.31
CA PRO B 26 49.60 -4.54 -11.56
C PRO B 26 49.98 -5.48 -12.68
N LEU B 27 49.68 -5.09 -13.90
CA LEU B 27 50.07 -5.84 -15.10
C LEU B 27 51.56 -6.17 -15.16
N SER B 28 52.41 -5.36 -14.55
CA SER B 28 53.85 -5.65 -14.46
C SER B 28 54.17 -6.98 -13.79
N GLU B 29 53.24 -7.49 -12.98
CA GLU B 29 53.48 -8.83 -12.35
C GLU B 29 53.45 -9.96 -13.41
N ARG B 30 52.73 -9.73 -14.52
CA ARG B 30 52.50 -10.71 -15.51
C ARG B 30 53.25 -10.48 -16.81
N PHE B 31 53.52 -9.21 -17.11
CA PHE B 31 54.09 -8.78 -18.39
C PHE B 31 55.30 -7.91 -18.09
N ALA B 32 56.45 -8.28 -18.67
CA ALA B 32 57.69 -7.47 -18.45
C ALA B 32 57.58 -6.08 -19.10
N THR B 33 56.90 -6.01 -20.25
CA THR B 33 56.81 -4.78 -21.05
C THR B 33 55.35 -4.44 -21.40
N LEU B 34 55.12 -3.14 -21.62
CA LEU B 34 53.82 -2.67 -22.02
C LEU B 34 53.41 -3.27 -23.37
N ALA B 35 54.36 -3.52 -24.27
CA ALA B 35 54.05 -4.15 -25.57
C ALA B 35 53.39 -5.52 -25.34
N GLU B 36 53.90 -6.27 -24.36
CA GLU B 36 53.37 -7.60 -24.13
C GLU B 36 52.01 -7.48 -23.47
N ALA B 37 51.85 -6.55 -22.55
CA ALA B 37 50.55 -6.34 -21.91
C ALA B 37 49.50 -5.96 -22.96
N GLN B 38 49.85 -5.07 -23.86
CA GLN B 38 48.90 -4.59 -24.87
C GLN B 38 48.57 -5.64 -25.88
N ALA B 39 49.44 -6.60 -26.15
CA ALA B 39 49.12 -7.67 -27.05
C ALA B 39 47.99 -8.51 -26.53
N VAL B 40 47.93 -8.69 -25.21
CA VAL B 40 46.84 -9.43 -24.58
C VAL B 40 45.62 -8.54 -24.33
N TYR B 41 45.89 -7.33 -23.82
CA TYR B 41 44.89 -6.37 -23.42
C TYR B 41 45.12 -5.03 -24.12
N PRO B 42 44.52 -4.88 -25.33
CA PRO B 42 44.85 -3.68 -26.07
C PRO B 42 44.48 -2.37 -25.39
N HIS B 43 43.51 -2.44 -24.49
CA HIS B 43 43.05 -1.36 -23.68
C HIS B 43 43.98 -0.94 -22.58
N ALA B 44 44.98 -1.77 -22.23
CA ALA B 44 45.92 -1.40 -21.19
C ALA B 44 46.69 -0.17 -21.59
N THR B 45 46.79 0.80 -20.68
N THR B 45 46.79 0.80 -20.67
CA THR B 45 47.51 2.05 -20.87
CA THR B 45 47.52 2.04 -20.90
C THR B 45 48.86 2.08 -20.22
C THR B 45 48.87 2.07 -20.21
N ALA B 46 49.00 1.37 -19.10
CA ALA B 46 50.20 1.36 -18.37
C ALA B 46 50.33 0.04 -17.64
N LEU B 47 51.58 -0.34 -17.34
N LEU B 47 51.57 -0.34 -17.33
CA LEU B 47 51.83 -1.56 -16.57
CA LEU B 47 51.82 -1.56 -16.54
C LEU B 47 51.35 -1.49 -15.10
C LEU B 47 51.29 -1.50 -15.10
N THR B 48 51.03 -0.28 -14.63
CA THR B 48 50.44 -0.10 -13.31
C THR B 48 48.94 -0.48 -13.29
N ASP B 49 48.31 -0.56 -14.45
CA ASP B 49 46.89 -0.87 -14.51
C ASP B 49 46.70 -2.26 -13.89
N SER B 50 45.65 -2.44 -13.10
CA SER B 50 45.52 -3.73 -12.46
C SER B 50 45.04 -4.83 -13.38
N ILE B 51 45.52 -6.03 -13.08
CA ILE B 51 45.11 -7.23 -13.79
C ILE B 51 43.64 -7.48 -13.71
N ASP B 52 43.06 -7.28 -12.53
CA ASP B 52 41.64 -7.48 -12.34
C ASP B 52 40.84 -6.54 -13.29
N TRP B 53 41.28 -5.27 -13.37
CA TRP B 53 40.62 -4.31 -14.26
C TRP B 53 40.80 -4.73 -15.74
N ALA B 54 42.00 -5.12 -16.11
CA ALA B 54 42.28 -5.43 -17.47
C ALA B 54 41.39 -6.59 -17.94
N ALA B 55 41.28 -7.61 -17.09
CA ALA B 55 40.45 -8.78 -17.35
C ALA B 55 38.98 -8.39 -17.46
N TYR B 56 38.50 -7.54 -16.54
CA TYR B 56 37.08 -7.19 -16.51
C TYR B 56 36.75 -6.42 -17.86
N GLN B 57 37.59 -5.46 -18.22
CA GLN B 57 37.35 -4.69 -19.44
C GLN B 57 37.47 -5.61 -20.66
N ALA B 58 38.39 -6.59 -20.65
CA ALA B 58 38.51 -7.56 -21.73
C ALA B 58 37.21 -8.39 -21.86
N ALA B 59 36.64 -8.81 -20.73
CA ALA B 59 35.40 -9.56 -20.76
C ALA B 59 34.27 -8.73 -21.39
N ILE B 60 34.15 -7.45 -21.02
CA ILE B 60 33.16 -6.60 -21.63
C ILE B 60 33.45 -6.42 -23.14
N ASN B 61 34.72 -6.23 -23.49
CA ASN B 61 35.13 -5.98 -24.87
C ASN B 61 34.92 -7.15 -25.78
N SER B 62 34.70 -8.33 -25.21
CA SER B 62 34.37 -9.50 -25.99
C SER B 62 33.04 -9.39 -26.75
N GLY B 63 32.18 -8.53 -26.23
CA GLY B 63 30.82 -8.41 -26.68
C GLY B 63 29.83 -9.32 -26.04
N ALA B 64 30.29 -10.19 -25.13
CA ALA B 64 29.37 -11.14 -24.49
C ALA B 64 28.21 -10.36 -23.78
N PRO B 65 26.97 -10.76 -24.07
CA PRO B 65 25.87 -10.11 -23.39
C PRO B 65 25.90 -10.29 -21.88
N HIS B 66 26.43 -11.43 -21.41
CA HIS B 66 26.47 -11.74 -20.00
C HIS B 66 27.93 -11.75 -19.57
N VAL B 67 28.27 -10.90 -18.57
CA VAL B 67 29.56 -10.89 -17.98
C VAL B 67 29.42 -11.29 -16.51
N HIS B 68 30.03 -12.42 -16.18
CA HIS B 68 29.98 -13.01 -14.85
C HIS B 68 31.33 -12.85 -14.16
N ALA B 69 31.31 -12.29 -12.96
CA ALA B 69 32.53 -12.14 -12.12
C ALA B 69 32.36 -13.13 -10.95
N PRO B 70 33.04 -14.27 -11.07
CA PRO B 70 32.91 -15.28 -10.01
C PRO B 70 33.45 -14.72 -8.69
N GLY B 71 33.09 -15.38 -7.60
CA GLY B 71 33.56 -14.95 -6.28
C GLY B 71 35.01 -14.59 -6.22
N GLY B 72 35.30 -13.47 -5.56
CA GLY B 72 36.62 -12.93 -5.46
C GLY B 72 36.51 -11.44 -5.13
N HIS B 73 37.66 -10.87 -4.70
CA HIS B 73 37.76 -9.45 -4.36
C HIS B 73 38.61 -8.83 -5.47
N TYR B 74 37.91 -8.18 -6.41
CA TYR B 74 38.48 -7.61 -7.61
C TYR B 74 38.98 -6.22 -7.20
N VAL B 75 40.27 -5.98 -7.42
CA VAL B 75 40.94 -4.74 -7.00
C VAL B 75 41.17 -3.95 -8.30
N MET B 76 40.28 -2.98 -8.52
CA MET B 76 40.16 -2.22 -9.74
C MET B 76 40.71 -0.82 -9.58
N ASN B 77 41.83 -0.53 -10.26
CA ASN B 77 42.39 0.84 -10.19
C ASN B 77 42.11 1.70 -11.40
N ARG B 78 41.16 1.25 -12.18
CA ARG B 78 40.48 1.97 -13.25
C ARG B 78 39.04 1.54 -13.33
N GLY B 79 38.23 2.40 -13.91
CA GLY B 79 36.85 2.06 -14.18
C GLY B 79 36.65 1.23 -15.45
N THR B 80 35.46 0.66 -15.58
CA THR B 80 35.12 -0.07 -16.79
C THR B 80 34.02 0.68 -17.53
N LEU B 81 33.93 0.41 -18.83
CA LEU B 81 32.92 1.03 -19.67
C LEU B 81 32.23 0.01 -20.60
N ALA B 82 30.92 0.02 -20.63
CA ALA B 82 30.12 -0.72 -21.58
C ALA B 82 29.10 0.24 -22.19
N GLU B 83 28.88 0.14 -23.48
CA GLU B 83 27.95 1.01 -24.22
C GLU B 83 27.00 0.16 -25.06
N ARG B 84 26.37 -0.81 -24.42
CA ARG B 84 25.52 -1.74 -25.09
C ARG B 84 24.70 -2.45 -24.01
N ASP B 85 23.68 -3.20 -24.43
CA ASP B 85 22.92 -4.04 -23.52
C ASP B 85 23.85 -5.06 -22.84
N ILE B 86 23.74 -5.25 -21.53
CA ILE B 86 24.65 -6.09 -20.76
C ILE B 86 24.01 -6.54 -19.46
N ARG B 87 24.25 -7.83 -19.15
N ARG B 87 24.27 -7.81 -19.15
CA ARG B 87 23.85 -8.43 -17.91
CA ARG B 87 23.84 -8.41 -17.91
C ARG B 87 25.10 -8.74 -17.10
C ARG B 87 25.07 -8.79 -17.09
N TYR B 88 25.22 -8.14 -15.93
CA TYR B 88 26.31 -8.40 -15.01
C TYR B 88 25.82 -9.31 -13.90
N THR B 89 26.60 -10.32 -13.60
CA THR B 89 26.31 -11.17 -12.44
C THR B 89 27.56 -11.42 -11.62
N GLY B 90 27.35 -11.82 -10.36
CA GLY B 90 28.40 -12.38 -9.55
C GLY B 90 27.85 -13.54 -8.74
N ASP B 91 28.60 -13.91 -7.69
CA ASP B 91 28.25 -15.00 -6.82
C ASP B 91 27.66 -14.53 -5.52
N GLY B 92 27.28 -13.28 -5.41
CA GLY B 92 26.66 -12.69 -4.23
C GLY B 92 27.64 -11.74 -3.55
N TYR B 93 27.56 -11.64 -2.23
CA TYR B 93 28.41 -10.78 -1.47
C TYR B 93 29.89 -11.14 -1.73
N ALA B 94 30.16 -12.41 -2.00
CA ALA B 94 31.51 -12.85 -2.29
C ALA B 94 32.12 -12.33 -3.56
N THR B 95 31.31 -11.79 -4.52
CA THR B 95 31.88 -11.08 -5.66
C THR B 95 31.94 -9.62 -5.30
N ARG B 96 33.12 -9.17 -4.88
CA ARG B 96 33.34 -7.81 -4.42
C ARG B 96 34.17 -7.05 -5.44
N VAL B 97 33.54 -6.11 -6.14
CA VAL B 97 34.20 -5.31 -7.17
C VAL B 97 34.55 -3.99 -6.52
N ASP B 98 35.85 -3.77 -6.30
CA ASP B 98 36.35 -2.74 -5.41
C ASP B 98 37.13 -1.69 -6.22
N PHE B 99 36.55 -0.52 -6.40
CA PHE B 99 37.15 0.62 -7.10
C PHE B 99 37.89 1.59 -6.21
N SER B 100 38.19 1.18 -4.96
CA SER B 100 38.90 2.06 -4.00
C SER B 100 40.10 2.81 -4.63
N LEU B 101 40.93 2.09 -5.33
CA LEU B 101 42.15 2.60 -5.90
C LEU B 101 42.00 3.43 -7.17
N ALA B 102 40.82 3.40 -7.78
CA ALA B 102 40.58 4.18 -9.00
C ALA B 102 40.30 5.62 -8.62
N ASP B 103 40.75 6.53 -9.46
CA ASP B 103 40.57 7.98 -9.25
C ASP B 103 40.23 8.63 -10.60
N GLY B 104 39.44 9.69 -10.52
CA GLY B 104 39.06 10.46 -11.68
C GLY B 104 37.74 10.09 -12.26
N PRO B 105 37.30 10.86 -13.24
CA PRO B 105 36.04 10.66 -13.89
C PRO B 105 35.92 9.19 -14.35
N GLY B 106 34.75 8.66 -14.23
CA GLY B 106 34.64 7.24 -14.66
C GLY B 106 35.31 6.13 -13.81
N SER B 107 35.61 6.43 -12.56
N SER B 107 35.62 6.44 -12.56
CA SER B 107 36.17 5.46 -11.59
CA SER B 107 36.19 5.46 -11.60
C SER B 107 35.06 4.55 -11.02
C SER B 107 35.08 4.57 -11.01
N CYS B 108 34.47 3.78 -11.89
CA CYS B 108 33.28 3.00 -11.62
C CYS B 108 33.05 2.00 -12.73
N MET B 109 32.05 1.14 -12.53
CA MET B 109 31.51 0.27 -13.56
C MET B 109 30.39 1.06 -14.23
N LEU B 110 30.68 1.64 -15.39
CA LEU B 110 29.74 2.53 -16.12
C LEU B 110 29.14 1.74 -17.27
N THR B 111 27.81 1.83 -17.45
CA THR B 111 27.13 1.38 -18.67
C THR B 111 26.31 2.52 -19.17
N GLN B 112 26.50 2.90 -20.44
CA GLN B 112 25.87 4.10 -20.98
C GLN B 112 25.27 3.89 -22.37
N GLY B 113 24.01 4.26 -22.50
CA GLY B 113 23.28 4.23 -23.77
C GLY B 113 23.53 5.45 -24.61
N GLU B 114 22.57 5.76 -25.48
N GLU B 114 22.57 5.73 -25.51
CA GLU B 114 22.74 6.78 -26.52
CA GLU B 114 22.69 6.78 -26.54
C GLU B 114 21.68 7.90 -26.33
C GLU B 114 21.68 7.90 -26.27
N LEU B 115 22.14 9.13 -26.43
CA LEU B 115 21.29 10.30 -26.37
C LEU B 115 21.74 11.22 -27.51
N VAL B 116 20.80 11.64 -28.35
N VAL B 116 20.80 11.64 -28.35
CA VAL B 116 21.11 12.57 -29.43
CA VAL B 116 21.10 12.56 -29.44
C VAL B 116 19.99 13.59 -29.57
C VAL B 116 19.98 13.60 -29.60
N GLN B 117 20.35 14.83 -29.89
CA GLN B 117 19.36 15.84 -30.15
C GLN B 117 18.67 15.56 -31.51
N ILE B 118 17.37 15.68 -31.55
CA ILE B 118 16.60 15.61 -32.78
C ILE B 118 15.93 16.96 -33.12
N GLY B 119 14.99 16.93 -34.06
CA GLY B 119 14.34 18.13 -34.48
C GLY B 119 13.39 18.72 -33.48
N ASP B 120 13.10 20.02 -33.63
CA ASP B 120 12.21 20.73 -32.71
C ASP B 120 10.71 20.39 -32.91
N LEU B 121 9.94 20.56 -31.83
CA LEU B 121 8.52 20.58 -31.89
C LEU B 121 8.07 21.80 -32.70
N SER B 122 6.89 21.68 -33.30
CA SER B 122 6.18 22.77 -33.94
C SER B 122 4.89 23.19 -33.25
N VAL B 123 4.49 22.44 -32.27
CA VAL B 123 3.26 22.62 -31.46
C VAL B 123 3.65 22.53 -30.01
N SER B 124 3.16 23.48 -29.21
CA SER B 124 3.44 23.43 -27.78
C SER B 124 2.66 22.30 -27.16
N VAL B 125 3.31 21.66 -26.23
CA VAL B 125 2.73 20.53 -25.48
C VAL B 125 1.86 21.07 -24.34
N VAL B 126 0.61 20.65 -24.21
CA VAL B 126 -0.22 21.04 -23.11
C VAL B 126 -0.27 19.94 -22.03
N LYS B 127 -0.71 20.29 -20.84
CA LYS B 127 -0.88 19.28 -19.82
C LYS B 127 -1.90 18.28 -20.31
N GLY B 128 -1.57 16.99 -20.15
CA GLY B 128 -2.42 15.92 -20.59
C GLY B 128 -2.25 15.48 -22.02
N ALA B 129 -1.36 16.15 -22.78
CA ALA B 129 -1.17 15.82 -24.15
C ALA B 129 -0.66 14.42 -24.31
N ARG B 130 -1.08 13.76 -25.38
CA ARG B 130 -0.68 12.39 -25.65
C ARG B 130 -0.08 12.16 -27.03
N THR B 131 0.32 13.26 -27.67
CA THR B 131 1.05 13.23 -28.90
C THR B 131 2.04 14.44 -28.81
N LEU B 132 3.04 14.36 -29.70
CA LEU B 132 4.03 15.42 -29.98
C LEU B 132 4.05 15.68 -31.44
N THR B 133 4.05 16.94 -31.85
CA THR B 133 4.09 17.35 -33.25
C THR B 133 5.38 18.12 -33.54
N PHE B 134 6.13 17.60 -34.53
CA PHE B 134 7.42 18.13 -34.96
C PHE B 134 7.32 18.95 -36.22
N ALA B 135 8.28 19.83 -36.38
CA ALA B 135 8.35 20.69 -37.54
C ALA B 135 8.60 19.93 -38.83
N ALA B 136 9.30 18.82 -38.71
CA ALA B 136 9.57 17.89 -39.80
C ALA B 136 9.49 16.47 -39.24
N ALA B 137 9.43 15.49 -40.12
CA ALA B 137 9.27 14.10 -39.69
C ALA B 137 10.41 13.74 -38.75
N PRO B 138 10.08 13.22 -37.54
CA PRO B 138 11.13 13.05 -36.56
C PRO B 138 11.91 11.77 -36.74
N ASP B 139 13.19 11.82 -36.28
CA ASP B 139 14.00 10.66 -36.31
C ASP B 139 13.77 9.75 -35.10
N LEU B 140 12.58 9.16 -35.05
CA LEU B 140 12.13 8.33 -33.94
C LEU B 140 11.48 7.07 -34.48
N ALA B 141 11.59 6.03 -33.68
CA ALA B 141 10.97 4.72 -33.96
C ALA B 141 10.26 4.21 -32.73
N PRO B 142 9.28 3.33 -32.94
CA PRO B 142 8.61 2.75 -31.79
C PRO B 142 9.58 2.15 -30.82
N GLY B 143 9.37 2.41 -29.55
CA GLY B 143 10.29 1.95 -28.50
C GLY B 143 11.33 2.91 -28.05
N ASP B 144 11.63 3.87 -28.90
CA ASP B 144 12.55 4.93 -28.48
C ASP B 144 11.95 5.69 -27.32
N VAL B 145 12.82 6.38 -26.55
CA VAL B 145 12.37 7.36 -25.57
C VAL B 145 12.63 8.75 -26.15
N VAL B 146 11.62 9.58 -26.14
CA VAL B 146 11.68 10.96 -26.57
C VAL B 146 11.72 11.82 -25.30
N ILE B 147 12.65 12.78 -25.25
CA ILE B 147 12.84 13.66 -24.12
C ILE B 147 12.75 15.14 -24.55
N VAL B 148 11.80 15.87 -23.97
N VAL B 148 11.83 15.86 -23.94
CA VAL B 148 11.78 17.31 -24.10
CA VAL B 148 11.75 17.28 -24.09
C VAL B 148 12.54 17.91 -22.93
C VAL B 148 12.51 17.91 -22.93
N TYR B 149 13.31 18.94 -23.21
CA TYR B 149 14.22 19.52 -22.21
C TYR B 149 14.31 21.01 -22.36
N ASN B 150 14.09 21.73 -21.27
CA ASN B 150 14.21 23.18 -21.20
C ASN B 150 15.59 23.51 -20.62
N PRO B 151 16.50 23.99 -21.47
CA PRO B 151 17.85 24.24 -20.97
C PRO B 151 18.04 25.46 -20.07
N ALA B 152 16.99 26.27 -19.89
CA ALA B 152 17.09 27.43 -19.00
C ALA B 152 17.26 27.00 -17.55
N ASN B 153 18.22 27.63 -16.87
CA ASN B 153 18.51 27.32 -15.50
C ASN B 153 17.30 27.57 -14.62
N GLY B 154 17.07 26.65 -13.68
CA GLY B 154 15.94 26.76 -12.79
C GLY B 154 14.58 26.72 -13.42
N SER B 155 14.48 26.22 -14.63
CA SER B 155 13.15 26.19 -15.37
C SER B 155 12.13 25.26 -14.77
N TRP B 156 12.59 24.33 -13.92
CA TRP B 156 11.66 23.58 -13.09
C TRP B 156 11.50 24.39 -11.76
N LEU B 157 12.59 24.51 -10.98
CA LEU B 157 12.57 25.33 -9.73
C LEU B 157 13.80 26.20 -9.69
N ALA B 158 13.59 27.48 -9.37
CA ALA B 158 14.68 28.43 -9.28
C ALA B 158 15.71 28.14 -8.18
N ASP B 159 15.36 27.30 -7.21
CA ASP B 159 16.24 27.06 -6.13
C ASP B 159 17.64 26.63 -6.55
N ARG B 160 17.74 25.82 -7.59
N ARG B 160 17.75 25.82 -7.59
CA ARG B 160 19.02 25.35 -8.11
CA ARG B 160 19.02 25.35 -8.11
C ARG B 160 19.03 25.39 -9.63
C ARG B 160 19.03 25.38 -9.62
N ASP B 161 20.13 25.90 -10.19
CA ASP B 161 20.21 25.99 -11.63
C ASP B 161 19.92 24.69 -12.40
N PRO B 162 20.40 23.52 -11.93
CA PRO B 162 20.17 22.25 -12.64
C PRO B 162 18.76 21.68 -12.49
N TYR B 163 17.90 22.34 -11.71
CA TYR B 163 16.46 21.97 -11.60
C TYR B 163 15.75 22.55 -12.84
N ARG B 164 15.91 21.82 -13.95
CA ARG B 164 15.38 22.23 -15.27
C ARG B 164 14.18 21.39 -15.61
N ALA B 165 13.29 22.00 -16.39
CA ALA B 165 12.06 21.35 -16.82
C ALA B 165 12.31 20.38 -17.97
N GLY B 166 11.45 19.38 -18.07
CA GLY B 166 11.46 18.48 -19.15
C GLY B 166 10.83 17.15 -18.78
N GLU B 167 10.79 16.24 -19.69
CA GLU B 167 10.04 14.99 -19.53
C GLU B 167 10.42 13.95 -20.55
N MET B 168 10.33 12.68 -20.16
CA MET B 168 10.52 11.55 -20.97
C MET B 168 9.22 10.79 -21.27
N TRP B 169 9.10 10.30 -22.51
CA TRP B 169 8.03 9.38 -22.88
C TRP B 169 8.54 8.34 -23.78
N LYS B 170 7.98 7.14 -23.71
CA LYS B 170 8.24 6.06 -24.68
C LYS B 170 7.33 6.29 -25.93
N VAL B 171 7.93 6.07 -27.09
CA VAL B 171 7.25 6.19 -28.37
C VAL B 171 6.45 4.93 -28.73
N HIS B 172 5.16 5.11 -28.98
CA HIS B 172 4.30 4.05 -29.50
C HIS B 172 4.39 3.93 -31.04
N SER B 173 4.28 5.06 -31.73
CA SER B 173 4.20 5.08 -33.18
C SER B 173 4.45 6.52 -33.65
N VAL B 174 4.73 6.61 -34.95
CA VAL B 174 5.00 7.87 -35.63
C VAL B 174 4.21 7.89 -36.92
N SER B 175 3.46 8.95 -37.18
CA SER B 175 2.68 9.11 -38.42
C SER B 175 2.97 10.54 -38.91
N GLY B 176 3.68 10.64 -40.02
CA GLY B 176 4.13 11.93 -40.53
C GLY B 176 5.01 12.60 -39.51
N SER B 177 4.57 13.77 -39.08
CA SER B 177 5.33 14.53 -38.07
C SER B 177 4.73 14.41 -36.71
N THR B 178 3.80 13.46 -36.55
CA THR B 178 3.09 13.33 -35.24
C THR B 178 3.51 12.05 -34.52
N VAL B 179 3.99 12.19 -33.30
CA VAL B 179 4.43 11.06 -32.52
C VAL B 179 3.33 10.80 -31.46
N THR B 180 2.92 9.52 -31.37
CA THR B 180 2.01 8.98 -30.33
C THR B 180 2.88 8.46 -29.19
N ILE B 181 2.70 9.05 -28.02
CA ILE B 181 3.46 8.71 -26.83
C ILE B 181 2.60 7.86 -25.90
N TYR B 182 3.25 6.94 -25.19
CA TYR B 182 2.64 6.32 -24.03
C TYR B 182 2.59 7.27 -22.86
N GLY B 183 1.50 7.21 -22.11
CA GLY B 183 1.35 8.09 -20.98
C GLY B 183 0.82 9.43 -21.36
N ASN B 184 1.21 10.46 -20.64
CA ASN B 184 0.70 11.81 -20.94
C ASN B 184 1.69 12.86 -20.41
N SER B 185 1.53 14.09 -20.89
N SER B 185 1.56 14.08 -20.91
CA SER B 185 2.37 15.16 -20.43
CA SER B 185 2.47 15.16 -20.51
C SER B 185 1.98 15.75 -19.08
C SER B 185 2.03 15.83 -19.22
N SER B 186 2.96 15.79 -18.16
N SER B 186 2.90 15.81 -18.21
CA SER B 186 2.73 16.43 -16.87
CA SER B 186 2.55 16.45 -16.94
C SER B 186 2.66 17.97 -16.93
C SER B 186 2.60 17.97 -16.96
N SER B 187 3.17 18.54 -18.03
CA SER B 187 3.44 19.98 -18.03
C SER B 187 3.14 20.61 -19.38
N VAL B 188 3.14 21.93 -19.42
CA VAL B 188 3.18 22.67 -20.68
C VAL B 188 4.65 22.84 -21.10
N TYR B 189 4.95 22.55 -22.35
CA TYR B 189 6.26 22.74 -22.95
C TYR B 189 6.08 23.60 -24.22
N LEU B 190 6.48 24.85 -24.17
CA LEU B 190 6.33 25.74 -25.30
C LEU B 190 7.39 25.38 -26.36
N PHE B 191 6.95 25.26 -27.62
CA PHE B 191 7.80 24.66 -28.58
C PHE B 191 9.09 25.47 -28.80
N SER B 192 9.00 26.80 -28.60
CA SER B 192 10.18 27.61 -28.78
C SER B 192 11.17 27.60 -27.60
N GLU B 193 10.81 26.96 -26.49
CA GLU B 193 11.62 27.01 -25.31
C GLU B 193 12.34 25.72 -25.04
N VAL B 194 11.98 24.63 -25.70
CA VAL B 194 12.55 23.31 -25.41
C VAL B 194 13.31 22.71 -26.59
N ASP B 195 14.30 21.94 -26.26
CA ASP B 195 15.01 21.11 -27.19
C ASP B 195 14.46 19.69 -27.04
N VAL B 196 14.58 18.88 -28.10
CA VAL B 196 14.04 17.52 -28.13
C VAL B 196 15.19 16.55 -28.43
N TYR B 197 15.23 15.46 -27.65
CA TYR B 197 16.22 14.43 -27.73
C TYR B 197 15.59 13.04 -27.87
N ARG B 198 16.35 12.18 -28.50
CA ARG B 198 16.08 10.77 -28.58
C ARG B 198 17.04 9.99 -27.74
N MET B 199 16.48 9.20 -26.79
N MET B 199 16.48 9.20 -26.79
CA MET B 199 17.27 8.30 -26.01
CA MET B 199 17.27 8.31 -25.97
C MET B 199 16.99 6.86 -26.41
C MET B 199 16.99 6.85 -26.39
N ARG B 200 18.06 6.22 -26.88
CA ARG B 200 18.08 4.78 -27.21
C ARG B 200 18.89 4.14 -26.09
N GLY B 201 18.16 3.74 -25.05
CA GLY B 201 18.81 3.35 -23.85
C GLY B 201 19.30 1.93 -23.93
N VAL B 202 20.22 1.59 -23.03
CA VAL B 202 20.71 0.24 -22.85
C VAL B 202 19.89 -0.48 -21.80
N ARG B 203 19.63 -1.76 -22.08
CA ARG B 203 19.03 -2.69 -21.12
C ARG B 203 20.19 -3.25 -20.30
N VAL B 204 20.20 -2.95 -19.03
CA VAL B 204 21.28 -3.31 -18.15
C VAL B 204 20.68 -4.03 -16.95
N SER B 205 21.29 -5.14 -16.58
N SER B 205 21.30 -5.13 -16.56
CA SER B 205 20.90 -5.87 -15.37
CA SER B 205 20.93 -5.84 -15.35
C SER B 205 22.12 -6.12 -14.50
C SER B 205 22.12 -6.07 -14.51
N VAL B 206 21.92 -6.09 -13.18
CA VAL B 206 22.97 -6.47 -12.23
C VAL B 206 22.29 -7.32 -11.17
N ASP B 207 22.95 -8.45 -10.80
CA ASP B 207 22.38 -9.35 -9.79
C ASP B 207 23.53 -10.02 -9.05
N GLN B 208 23.40 -10.12 -7.74
CA GLN B 208 24.29 -10.93 -6.93
C GLN B 208 25.74 -10.41 -6.98
N MET B 209 25.89 -9.11 -6.71
CA MET B 209 27.20 -8.48 -6.71
C MET B 209 27.31 -7.48 -5.57
N HIS B 210 28.55 -7.25 -5.17
CA HIS B 210 28.94 -6.38 -4.08
C HIS B 210 29.97 -5.38 -4.63
N PHE B 211 29.73 -4.08 -4.39
CA PHE B 211 30.63 -3.07 -4.85
C PHE B 211 31.19 -2.23 -3.72
N SER B 212 32.44 -1.73 -3.93
CA SER B 212 32.99 -0.66 -3.11
C SER B 212 33.51 0.46 -3.98
N PRO B 213 33.30 1.70 -3.60
CA PRO B 213 33.65 2.83 -4.46
C PRO B 213 35.07 3.34 -4.32
N SER B 214 35.43 4.21 -5.23
CA SER B 214 36.67 4.98 -5.18
C SER B 214 36.81 5.63 -3.82
N ASP B 215 38.05 5.63 -3.29
CA ASP B 215 38.31 6.28 -2.05
C ASP B 215 38.41 7.80 -2.21
N THR B 216 38.72 8.27 -3.42
CA THR B 216 39.10 9.65 -3.62
C THR B 216 38.19 10.48 -4.52
N TYR B 217 37.44 9.81 -5.38
CA TYR B 217 36.61 10.50 -6.35
C TYR B 217 35.13 10.14 -6.11
N ALA B 218 34.29 11.17 -6.01
CA ALA B 218 32.88 10.96 -5.65
C ALA B 218 32.08 10.48 -6.85
N ILE B 219 31.94 9.17 -6.97
CA ILE B 219 31.18 8.54 -8.02
C ILE B 219 30.65 7.20 -7.53
N ALA B 220 29.44 6.84 -7.91
CA ALA B 220 28.92 5.51 -7.55
C ALA B 220 29.81 4.46 -8.18
N PRO B 221 29.92 3.29 -7.52
CA PRO B 221 30.77 2.24 -8.08
C PRO B 221 30.12 1.45 -9.24
N PHE B 222 28.79 1.50 -9.30
CA PHE B 222 28.02 0.93 -10.38
C PHE B 222 27.06 2.04 -10.83
N ARG B 223 27.12 2.39 -12.12
CA ARG B 223 26.42 3.55 -12.60
C ARG B 223 25.87 3.27 -13.99
N VAL B 224 24.59 3.58 -14.20
CA VAL B 224 23.98 3.47 -15.49
C VAL B 224 23.46 4.82 -15.92
N VAL B 225 23.82 5.19 -17.17
CA VAL B 225 23.41 6.44 -17.75
C VAL B 225 22.70 6.16 -19.08
N PHE B 226 21.52 6.73 -19.30
CA PHE B 226 20.77 6.45 -20.52
C PHE B 226 20.44 4.95 -20.60
N GLY B 227 19.96 4.43 -19.49
CA GLY B 227 19.35 3.12 -19.46
C GLY B 227 17.86 3.12 -19.80
N ASP B 228 17.38 2.01 -20.34
CA ASP B 228 15.95 1.79 -20.61
C ASP B 228 15.71 0.35 -20.31
N GLY B 229 14.92 0.06 -19.27
CA GLY B 229 14.73 -1.32 -18.84
C GLY B 229 15.84 -1.87 -17.98
N VAL B 230 16.23 -1.08 -16.99
CA VAL B 230 17.31 -1.36 -16.10
C VAL B 230 16.76 -2.19 -14.92
N LYS B 231 17.48 -3.25 -14.56
CA LYS B 231 17.08 -4.18 -13.55
C LYS B 231 18.18 -4.38 -12.54
N VAL B 232 17.93 -4.06 -11.30
CA VAL B 232 18.91 -4.22 -10.23
C VAL B 232 18.29 -5.11 -9.15
N SER B 233 19.00 -6.19 -8.75
CA SER B 233 18.52 -7.03 -7.69
C SER B 233 19.69 -7.57 -6.90
N ASN B 234 19.46 -7.88 -5.63
CA ASN B 234 20.45 -8.64 -4.85
C ASN B 234 21.83 -7.98 -4.95
N TYR B 235 21.82 -6.70 -4.68
CA TYR B 235 22.95 -5.79 -4.86
C TYR B 235 23.41 -5.27 -3.51
N TYR B 236 24.73 -5.31 -3.30
CA TYR B 236 25.33 -4.88 -2.05
C TYR B 236 26.40 -3.84 -2.27
N ALA B 237 26.64 -3.00 -1.27
CA ALA B 237 27.75 -2.08 -1.27
C ALA B 237 28.40 -2.10 0.07
N SER B 238 29.68 -1.80 0.12
CA SER B 238 30.41 -1.60 1.37
C SER B 238 31.47 -0.56 1.18
N ASP B 239 31.99 -0.04 2.29
CA ASP B 239 33.02 0.95 2.31
C ASP B 239 32.63 2.17 1.46
N VAL B 240 31.37 2.56 1.59
CA VAL B 240 30.86 3.76 0.93
C VAL B 240 31.18 4.93 1.89
N THR B 241 32.41 5.40 1.74
CA THR B 241 32.99 6.34 2.65
C THR B 241 33.04 7.80 2.13
N ARG B 242 32.56 8.04 0.89
CA ARG B 242 32.63 9.35 0.30
C ARG B 242 31.28 9.87 -0.24
N TYR B 243 30.56 9.01 -1.01
CA TYR B 243 29.38 9.47 -1.80
C TYR B 243 28.22 8.49 -1.79
N THR B 244 28.21 7.51 -2.71
CA THR B 244 27.06 6.61 -2.80
C THR B 244 27.42 5.22 -3.25
N GLY B 245 26.52 4.31 -3.01
CA GLY B 245 26.68 2.90 -3.35
C GLY B 245 26.20 2.45 -4.68
N LEU B 246 25.35 3.26 -5.33
CA LEU B 246 24.67 2.88 -6.60
C LEU B 246 24.06 4.13 -7.16
N GLU B 247 24.16 4.34 -8.48
CA GLU B 247 23.46 5.47 -9.10
C GLU B 247 22.95 5.10 -10.49
N VAL B 248 21.71 5.47 -10.74
CA VAL B 248 21.12 5.45 -12.10
C VAL B 248 20.76 6.91 -12.46
N GLU B 249 21.11 7.28 -13.68
CA GLU B 249 21.05 8.68 -14.11
C GLU B 249 20.42 8.79 -15.50
N ARG B 250 19.42 9.65 -15.70
CA ARG B 250 18.83 9.85 -17.01
C ARG B 250 18.45 8.49 -17.63
N CYS B 251 17.71 7.71 -16.86
CA CYS B 251 17.16 6.40 -17.26
C CYS B 251 15.65 6.47 -17.26
N PHE B 252 15.10 5.51 -17.99
CA PHE B 252 13.67 5.27 -18.15
C PHE B 252 13.39 3.81 -17.85
N ASP B 253 12.40 3.52 -16.99
CA ASP B 253 11.99 2.12 -16.65
C ASP B 253 13.15 1.46 -15.89
N VAL B 254 13.20 1.70 -14.59
CA VAL B 254 14.22 1.21 -13.68
C VAL B 254 13.53 0.47 -12.53
N SER B 255 13.91 -0.79 -12.29
N SER B 255 13.96 -0.76 -12.28
CA SER B 255 13.36 -1.62 -11.22
CA SER B 255 13.44 -1.58 -11.21
C SER B 255 14.51 -2.04 -10.28
C SER B 255 14.60 -1.91 -10.31
N ILE B 256 14.46 -1.65 -9.01
CA ILE B 256 15.50 -1.90 -8.01
C ILE B 256 14.87 -2.66 -6.85
N ASN B 257 15.29 -3.92 -6.64
N ASN B 257 15.34 -3.89 -6.64
CA ASN B 257 14.75 -4.63 -5.48
CA ASN B 257 14.72 -4.86 -5.72
C ASN B 257 15.78 -5.46 -4.77
C ASN B 257 15.76 -5.52 -4.81
N ALA B 258 15.48 -5.67 -3.51
CA ALA B 258 16.33 -6.46 -2.66
C ALA B 258 17.78 -5.93 -2.61
N VAL B 259 17.93 -4.62 -2.57
CA VAL B 259 19.24 -4.00 -2.45
C VAL B 259 19.59 -3.87 -0.98
N SER B 260 20.90 -3.98 -0.68
CA SER B 260 21.47 -3.69 0.60
C SER B 260 22.67 -2.79 0.44
N SER B 261 22.46 -1.50 0.24
CA SER B 261 23.53 -0.59 -0.15
C SER B 261 23.68 0.55 0.86
N PRO B 262 24.46 0.36 1.93
CA PRO B 262 24.63 1.35 2.95
C PRO B 262 25.71 2.36 2.64
N ASN B 263 25.44 3.61 2.94
CA ASN B 263 26.43 4.67 2.99
C ASN B 263 26.87 4.96 4.39
N ARG B 264 28.16 5.26 4.59
CA ARG B 264 28.67 5.60 5.89
C ARG B 264 29.70 6.72 5.83
N SER B 265 29.46 7.72 4.99
CA SER B 265 30.40 8.81 4.72
C SER B 265 30.24 9.98 5.71
N PRO B 266 31.29 10.81 5.84
CA PRO B 266 31.12 12.00 6.68
C PRO B 266 30.05 12.92 6.12
N ALA B 267 29.31 13.56 6.99
CA ALA B 267 28.24 14.45 6.61
C ALA B 267 28.76 15.79 6.09
N VAL B 268 28.80 15.93 4.76
CA VAL B 268 29.42 17.09 4.12
C VAL B 268 28.50 17.67 3.08
N ASN B 269 28.27 16.93 2.01
CA ASN B 269 27.60 17.45 0.84
C ASN B 269 26.50 16.58 0.22
N ASP B 270 26.47 15.33 0.58
CA ASP B 270 25.55 14.36 -0.05
C ASP B 270 25.25 13.18 0.85
N GLU B 271 26.03 12.10 0.75
CA GLU B 271 26.02 10.92 1.64
C GLU B 271 24.72 10.12 1.44
N TYR B 272 24.69 9.39 0.30
CA TYR B 272 23.52 8.76 -0.21
C TYR B 272 23.70 7.24 -0.28
N GLY B 273 22.73 6.48 0.16
CA GLY B 273 22.83 5.03 0.06
C GLY B 273 22.73 4.53 -1.35
N ILE B 274 21.60 4.82 -1.95
CA ILE B 274 21.41 4.72 -3.37
C ILE B 274 20.90 6.02 -3.92
N THR B 275 21.21 6.28 -5.21
CA THR B 275 20.93 7.55 -5.84
C THR B 275 20.22 7.38 -7.14
N ILE B 276 19.07 8.06 -7.28
N ILE B 276 19.08 8.08 -7.30
CA ILE B 276 18.31 8.08 -8.53
CA ILE B 276 18.33 8.09 -8.54
C ILE B 276 18.37 9.54 -9.01
C ILE B 276 18.31 9.52 -9.03
N SER B 277 18.93 9.78 -10.20
CA SER B 277 19.17 11.13 -10.69
C SER B 277 18.46 11.32 -12.02
N ASN B 278 17.47 12.22 -12.10
CA ASN B 278 16.84 12.56 -13.39
C ASN B 278 16.28 11.33 -14.12
N CYS B 279 15.54 10.46 -13.44
CA CYS B 279 14.96 9.28 -14.01
C CYS B 279 13.43 9.39 -14.12
N HIS B 280 12.85 8.54 -14.96
CA HIS B 280 11.41 8.42 -15.06
C HIS B 280 10.99 6.97 -15.01
N ASN B 281 9.83 6.70 -14.42
CA ASN B 281 9.24 5.29 -14.32
C ASN B 281 10.20 4.38 -13.56
N PHE B 282 10.44 4.72 -12.34
CA PHE B 282 11.32 3.92 -11.51
C PHE B 282 10.60 3.37 -10.30
N SER B 283 11.08 2.24 -9.84
CA SER B 283 10.54 1.53 -8.67
C SER B 283 11.69 1.05 -7.77
N VAL B 284 11.59 1.25 -6.47
CA VAL B 284 12.58 0.79 -5.48
C VAL B 284 11.76 0.12 -4.41
N TYR B 285 12.02 -1.17 -4.21
CA TYR B 285 11.22 -2.00 -3.28
C TYR B 285 11.97 -3.10 -2.69
N GLY B 286 11.44 -3.63 -1.60
CA GLY B 286 11.92 -4.91 -1.07
C GLY B 286 13.30 -4.92 -0.48
N GLY B 287 13.79 -3.80 -0.01
CA GLY B 287 15.16 -3.69 0.40
C GLY B 287 15.42 -2.88 1.64
N TYR B 288 16.71 -2.71 1.91
CA TYR B 288 17.19 -2.06 3.11
C TYR B 288 18.20 -1.01 2.68
N ALA B 289 17.88 0.25 2.93
CA ALA B 289 18.70 1.35 2.57
C ALA B 289 19.13 2.08 3.83
N ALA B 290 20.41 2.53 3.87
CA ALA B 290 20.94 3.17 5.05
C ALA B 290 21.98 4.20 4.61
N ALA B 291 22.07 5.31 5.31
CA ALA B 291 23.08 6.33 4.98
C ALA B 291 23.28 7.31 6.08
N THR B 292 24.38 8.06 5.97
CA THR B 292 24.58 9.21 6.86
C THR B 292 23.43 10.21 6.74
N ARG B 293 23.14 10.57 5.47
CA ARG B 293 22.12 11.57 5.19
C ARG B 293 20.88 10.97 4.56
N HIS B 294 20.98 10.58 3.29
CA HIS B 294 19.81 10.08 2.57
C HIS B 294 20.02 8.62 2.17
N ALA B 295 19.32 7.73 2.79
CA ALA B 295 19.36 6.32 2.44
C ALA B 295 18.92 6.09 1.00
N VAL B 296 17.85 6.77 0.60
CA VAL B 296 17.41 6.79 -0.76
C VAL B 296 17.46 8.29 -1.15
N ALA B 297 18.27 8.59 -2.16
CA ALA B 297 18.49 9.95 -2.60
C ALA B 297 17.86 10.12 -4.00
N LEU B 298 17.02 11.12 -4.17
CA LEU B 298 16.34 11.42 -5.42
C LEU B 298 16.80 12.80 -5.85
N GLY B 299 17.79 12.83 -6.72
CA GLY B 299 18.44 14.06 -7.05
C GLY B 299 18.55 14.35 -8.52
N GLY B 300 19.62 15.03 -8.86
CA GLY B 300 19.85 15.39 -10.23
C GLY B 300 21.25 15.87 -10.46
N MET B 301 21.63 15.82 -11.71
N MET B 301 21.64 15.81 -11.72
CA MET B 301 22.93 16.31 -12.15
CA MET B 301 22.94 16.30 -12.18
C MET B 301 22.74 17.49 -13.13
C MET B 301 22.75 17.50 -13.13
N ASP B 302 23.84 18.03 -13.66
CA ASP B 302 23.84 19.21 -14.46
C ASP B 302 24.36 18.82 -15.83
N ALA B 303 23.48 18.45 -16.71
CA ALA B 303 23.81 18.02 -18.11
C ALA B 303 22.53 18.09 -18.91
N VAL B 304 22.65 17.95 -20.23
CA VAL B 304 21.46 17.97 -21.08
C VAL B 304 20.50 16.85 -20.66
N CYS B 305 19.22 17.14 -20.72
CA CYS B 305 18.17 16.19 -20.35
C CYS B 305 18.17 15.79 -18.89
N CYS B 306 18.73 16.67 -18.05
N CYS B 306 18.76 16.63 -18.03
CA CYS B 306 18.65 16.54 -16.58
CA CYS B 306 18.67 16.39 -16.58
C CYS B 306 17.26 16.97 -16.07
C CYS B 306 17.29 16.93 -16.06
N VAL B 307 16.25 16.22 -16.51
CA VAL B 307 14.89 16.52 -16.24
C VAL B 307 14.46 16.03 -14.85
N PRO B 308 13.30 16.49 -14.35
CA PRO B 308 12.91 16.02 -13.02
C PRO B 308 12.80 14.51 -12.88
N ASN B 309 13.11 14.00 -11.67
CA ASN B 309 12.63 12.68 -11.35
C ASN B 309 11.12 12.67 -11.40
N ARG B 310 10.55 11.70 -12.11
CA ARG B 310 9.09 11.69 -12.27
C ARG B 310 8.57 10.26 -12.36
N ASN B 311 7.36 10.08 -11.83
CA ASN B 311 6.69 8.77 -11.86
C ASN B 311 7.57 7.71 -11.20
N GLY B 312 7.77 7.90 -9.91
CA GLY B 312 8.59 7.07 -9.07
C GLY B 312 7.78 6.49 -7.95
N LEU B 313 7.99 5.18 -7.70
CA LEU B 313 7.31 4.40 -6.66
C LEU B 313 8.38 3.79 -5.77
N ILE B 314 8.45 4.20 -4.53
CA ILE B 314 9.36 3.64 -3.54
C ILE B 314 8.50 3.01 -2.46
N TYR B 315 8.61 1.70 -2.31
CA TYR B 315 7.63 0.99 -1.48
C TYR B 315 8.24 -0.21 -0.77
N GLY B 316 7.71 -0.54 0.38
CA GLY B 316 8.14 -1.72 1.10
C GLY B 316 9.59 -1.72 1.43
N MET B 317 10.11 -0.56 1.78
CA MET B 317 11.53 -0.34 2.10
C MET B 317 11.73 -0.02 3.57
N HIS B 318 12.88 -0.51 4.09
CA HIS B 318 13.41 -0.12 5.38
C HIS B 318 14.47 0.95 5.15
N ILE B 319 14.24 2.19 5.61
CA ILE B 319 15.03 3.31 5.21
C ILE B 319 15.59 3.97 6.49
N GLU B 320 16.91 3.86 6.68
CA GLU B 320 17.56 4.26 7.92
C GLU B 320 18.61 5.34 7.72
N GLY B 321 18.72 6.28 8.63
CA GLY B 321 19.75 7.26 8.68
C GLY B 321 20.38 7.32 10.07
N ILE B 322 21.18 8.34 10.32
CA ILE B 322 21.81 8.60 11.59
C ILE B 322 21.55 9.99 12.04
N ASP B 323 21.79 10.24 13.33
CA ASP B 323 21.76 11.55 13.89
C ASP B 323 23.03 12.31 13.45
N ILE B 324 22.84 13.49 12.96
CA ILE B 324 23.92 14.40 12.56
C ILE B 324 23.60 15.80 13.12
N ASP B 325 24.57 16.75 12.98
CA ASP B 325 24.34 18.12 13.44
C ASP B 325 23.18 18.76 12.67
N SER B 326 23.25 18.73 11.34
N SER B 326 23.28 18.74 11.34
CA SER B 326 22.24 19.28 10.47
CA SER B 326 22.26 19.29 10.49
C SER B 326 21.29 18.18 10.06
C SER B 326 21.30 18.19 10.07
N ASP B 327 20.45 17.80 10.99
CA ASP B 327 19.55 16.66 10.80
C ASP B 327 18.72 16.77 9.54
N ILE B 328 18.59 15.65 8.84
N ILE B 328 18.60 15.65 8.83
CA ILE B 328 17.85 15.60 7.58
CA ILE B 328 17.84 15.61 7.59
C ILE B 328 17.22 14.22 7.40
C ILE B 328 17.22 14.22 7.40
N GLY B 329 16.08 14.19 6.75
CA GLY B 329 15.41 12.95 6.54
C GLY B 329 16.14 11.95 5.72
N ALA B 330 16.02 10.67 6.13
CA ALA B 330 16.63 9.57 5.44
C ALA B 330 16.01 9.21 4.11
N GLY B 331 14.70 9.49 3.92
CA GLY B 331 14.05 9.34 2.67
C GLY B 331 13.96 10.69 1.97
N ASP B 332 14.79 10.86 0.94
CA ASP B 332 14.95 12.15 0.27
C ASP B 332 13.91 12.38 -0.81
N MET B 333 13.78 13.63 -1.17
CA MET B 333 13.15 14.06 -2.42
C MET B 333 13.70 15.48 -2.70
N HIS B 334 14.66 15.61 -3.64
CA HIS B 334 15.10 16.96 -4.01
C HIS B 334 13.97 17.70 -4.75
N GLY B 335 14.10 19.00 -4.91
CA GLY B 335 13.01 19.80 -5.51
C GLY B 335 12.69 19.41 -6.94
N ASN B 336 13.63 18.81 -7.66
CA ASN B 336 13.36 18.36 -9.04
C ASN B 336 12.68 17.00 -9.07
N ALA B 337 11.47 16.98 -8.54
CA ALA B 337 10.64 15.78 -8.37
C ALA B 337 9.21 16.11 -8.74
N ASP B 338 8.58 15.16 -9.42
CA ASP B 338 7.17 15.30 -9.80
C ASP B 338 6.56 13.90 -9.69
N LYS B 339 5.43 13.77 -9.00
CA LYS B 339 4.73 12.47 -8.96
C LYS B 339 5.60 11.35 -8.41
N ILE B 340 6.29 11.67 -7.32
CA ILE B 340 7.02 10.68 -6.56
C ILE B 340 6.21 10.24 -5.34
N THR B 341 6.06 8.92 -5.18
CA THR B 341 5.25 8.34 -4.10
C THR B 341 6.06 7.36 -3.27
N TYR B 342 6.16 7.62 -1.99
CA TYR B 342 6.62 6.61 -1.04
C TYR B 342 5.37 5.95 -0.42
N ASP B 343 5.42 4.64 -0.36
CA ASP B 343 4.27 3.85 0.15
C ASP B 343 4.77 2.71 1.02
N ASN B 344 4.19 2.51 2.18
CA ASN B 344 4.51 1.34 3.00
C ASN B 344 6.01 1.20 3.25
N CYS B 345 6.63 2.29 3.71
CA CYS B 345 8.00 2.31 4.07
C CYS B 345 8.15 2.64 5.58
N GLU B 346 9.36 2.34 6.12
CA GLU B 346 9.78 2.74 7.43
C GLU B 346 10.86 3.80 7.26
N PHE B 347 10.75 4.92 7.97
CA PHE B 347 11.75 6.01 7.88
C PHE B 347 12.30 6.28 9.29
N ARG B 348 13.52 5.78 9.52
CA ARG B 348 14.24 5.93 10.79
C ARG B 348 15.55 6.69 10.55
N ASN B 349 15.46 7.99 10.29
CA ASN B 349 14.38 8.89 10.64
C ASN B 349 14.15 9.87 9.50
N GLY B 350 12.88 10.15 9.24
CA GLY B 350 12.45 11.31 8.45
C GLY B 350 12.24 11.06 6.98
N VAL B 351 11.24 11.77 6.40
CA VAL B 351 11.04 11.77 4.97
C VAL B 351 10.95 13.26 4.53
N ILE B 352 11.26 13.48 3.27
CA ILE B 352 11.18 14.78 2.61
C ILE B 352 10.15 14.69 1.49
N LEU B 353 9.26 15.69 1.43
CA LEU B 353 8.37 15.90 0.29
C LEU B 353 8.72 17.23 -0.33
N GLN B 354 9.17 17.19 -1.58
CA GLN B 354 9.51 18.41 -2.33
C GLN B 354 9.08 18.25 -3.78
N GLY B 355 9.23 19.32 -4.56
CA GLY B 355 8.83 19.30 -5.96
C GLY B 355 7.33 19.47 -6.10
N ARG B 356 6.72 18.75 -7.06
CA ARG B 356 5.29 18.79 -7.31
C ARG B 356 4.69 17.41 -7.06
N ASP B 357 3.46 17.38 -6.57
CA ASP B 357 2.70 16.13 -6.55
C ASP B 357 3.47 15.02 -5.81
N ALA B 358 3.89 15.32 -4.61
CA ALA B 358 4.66 14.45 -3.73
C ALA B 358 3.72 13.74 -2.77
N THR B 359 4.01 12.44 -2.52
CA THR B 359 3.14 11.59 -1.72
C THR B 359 3.88 10.70 -0.77
N VAL B 360 3.36 10.54 0.47
CA VAL B 360 3.75 9.46 1.33
C VAL B 360 2.49 8.89 2.02
N ARG B 361 2.34 7.57 1.85
CA ARG B 361 1.24 6.85 2.44
C ARG B 361 1.69 5.62 3.18
N ASN B 362 0.88 5.16 4.12
CA ASN B 362 0.99 3.80 4.65
C ASN B 362 2.32 3.51 5.32
N SER B 363 2.95 4.55 5.89
CA SER B 363 4.34 4.45 6.33
C SER B 363 4.46 4.71 7.83
N THR B 364 5.59 4.28 8.42
CA THR B 364 5.98 4.57 9.79
C THR B 364 7.14 5.57 9.74
N ILE B 365 6.90 6.79 10.20
CA ILE B 365 7.78 7.91 9.96
C ILE B 365 8.25 8.53 11.26
N TYR B 366 9.56 8.48 11.50
CA TYR B 366 10.11 9.12 12.67
C TYR B 366 10.62 10.54 12.44
N GLY B 367 10.45 11.41 13.41
CA GLY B 367 11.05 12.70 13.44
C GLY B 367 12.54 12.65 13.48
N VAL B 368 13.20 13.51 12.70
CA VAL B 368 14.64 13.59 12.78
C VAL B 368 15.09 14.08 14.19
N SER B 369 16.38 13.86 14.48
N SER B 369 16.36 13.82 14.51
CA SER B 369 16.91 14.19 15.78
CA SER B 369 16.84 14.09 15.86
C SER B 369 17.44 15.59 15.89
C SER B 369 17.32 15.55 16.10
N SER B 370 16.53 16.49 15.59
CA SER B 370 16.67 17.93 15.80
C SER B 370 15.85 18.33 17.01
N VAL B 371 15.98 19.59 17.45
N VAL B 371 15.98 19.56 17.48
CA VAL B 371 15.17 20.08 18.54
CA VAL B 371 15.13 19.96 18.61
C VAL B 371 13.67 19.94 18.21
C VAL B 371 13.64 19.94 18.22
N SER B 372 13.31 20.29 16.96
CA SER B 372 11.92 20.31 16.52
C SER B 372 11.38 18.86 16.26
N GLY B 373 12.24 17.95 15.82
CA GLY B 373 11.83 16.63 15.51
C GLY B 373 10.90 16.53 14.31
N GLU B 374 11.12 17.38 13.28
CA GLU B 374 10.34 17.32 12.07
C GLU B 374 10.48 15.92 11.40
N ALA B 375 9.34 15.29 11.13
CA ALA B 375 9.26 14.00 10.49
C ALA B 375 9.11 14.07 8.98
N LEU B 376 8.43 15.10 8.51
CA LEU B 376 8.18 15.30 7.08
C LEU B 376 8.46 16.78 6.84
N TYR B 377 9.41 17.07 5.93
CA TYR B 377 9.89 18.41 5.71
C TYR B 377 10.02 18.65 4.21
N GLY B 378 9.74 19.87 3.82
CA GLY B 378 10.08 20.33 2.48
C GLY B 378 10.03 21.84 2.32
N THR B 379 10.98 22.36 1.52
CA THR B 379 11.05 23.74 1.24
C THR B 379 11.15 24.06 -0.24
N GLU B 380 11.72 23.17 -1.01
CA GLU B 380 11.86 23.31 -2.50
C GLU B 380 10.57 22.83 -3.12
N VAL B 381 9.54 23.64 -2.97
CA VAL B 381 8.16 23.25 -3.25
C VAL B 381 7.66 23.91 -4.54
N TYR B 382 7.40 23.08 -5.54
CA TYR B 382 6.84 23.55 -6.81
C TYR B 382 5.35 23.91 -6.69
N GLY B 383 4.59 23.03 -6.02
CA GLY B 383 3.18 23.15 -5.83
C GLY B 383 2.50 21.84 -6.17
N GLY B 384 1.27 21.90 -6.66
CA GLY B 384 0.47 20.74 -6.83
C GLY B 384 0.01 20.19 -5.48
N THR B 385 -0.16 18.86 -5.40
CA THR B 385 -0.80 18.23 -4.27
C THR B 385 0.25 17.42 -3.50
N TYR B 386 0.34 17.70 -2.21
CA TYR B 386 1.20 16.95 -1.28
C TYR B 386 0.27 16.09 -0.42
N THR B 387 0.34 14.78 -0.68
CA THR B 387 -0.58 13.81 -0.09
C THR B 387 0.12 13.01 1.05
N ILE B 388 -0.49 13.06 2.23
CA ILE B 388 0.02 12.45 3.40
C ILE B 388 -1.09 11.65 4.06
N GLU B 389 -1.07 10.33 3.83
CA GLU B 389 -2.23 9.52 4.23
C GLU B 389 -1.85 8.22 4.87
N ASN B 390 -2.58 7.85 5.92
N ASN B 390 -2.58 7.85 5.90
CA ASN B 390 -2.40 6.54 6.54
CA ASN B 390 -2.41 6.52 6.52
C ASN B 390 -1.00 6.28 7.05
C ASN B 390 -1.01 6.28 7.06
N ASN B 391 -0.39 7.32 7.64
CA ASN B 391 0.94 7.18 8.24
C ASN B 391 0.81 7.19 9.73
N ARG B 392 1.84 6.62 10.37
CA ARG B 392 2.03 6.72 11.81
C ARG B 392 3.35 7.44 12.03
N PHE B 393 3.27 8.62 12.59
CA PHE B 393 4.43 9.50 12.86
C PHE B 393 4.82 9.35 14.34
N ILE B 394 6.12 9.31 14.59
CA ILE B 394 6.66 9.29 15.95
C ILE B 394 7.76 10.33 16.01
N SER B 395 7.70 11.24 16.98
CA SER B 395 8.72 12.22 17.09
C SER B 395 9.01 12.48 18.57
N TYR B 396 10.29 12.69 18.85
CA TYR B 396 10.75 13.01 20.21
C TYR B 396 11.07 14.51 20.36
N GLY B 397 10.83 15.26 19.29
CA GLY B 397 11.04 16.67 19.31
C GLY B 397 9.86 17.47 19.81
N ASN B 398 9.95 18.80 19.79
CA ASN B 398 8.89 19.66 20.28
C ASN B 398 8.02 20.35 19.21
N GLY B 399 8.34 20.15 17.90
CA GLY B 399 7.50 20.75 16.86
C GLY B 399 7.30 22.22 16.96
N ALA B 400 8.26 22.97 17.55
CA ALA B 400 8.02 24.35 17.88
C ALA B 400 8.53 25.27 16.81
N SER B 401 9.83 25.26 16.50
CA SER B 401 10.31 26.12 15.40
C SER B 401 9.97 25.62 14.03
N PHE B 402 9.89 24.28 13.90
CA PHE B 402 9.46 23.56 12.72
C PHE B 402 8.41 22.57 13.15
N GLY B 403 7.36 22.42 12.36
CA GLY B 403 6.33 21.45 12.71
C GLY B 403 6.76 20.01 12.60
N ILE B 404 5.93 19.11 13.13
CA ILE B 404 6.12 17.68 12.96
C ILE B 404 6.10 17.36 11.43
N ILE B 405 5.09 17.91 10.77
CA ILE B 405 5.03 18.07 9.32
C ILE B 405 5.29 19.59 9.10
N HIS B 406 6.34 19.88 8.27
CA HIS B 406 6.72 21.24 8.03
C HIS B 406 6.91 21.46 6.53
N ILE B 407 6.00 22.20 5.92
N ILE B 407 6.02 22.20 5.94
CA ILE B 407 6.03 22.44 4.47
CA ILE B 407 6.04 22.41 4.48
C ILE B 407 6.11 23.96 4.28
C ILE B 407 6.08 23.95 4.24
N SER B 408 7.14 24.40 3.56
CA SER B 408 7.52 25.81 3.54
C SER B 408 7.94 26.30 2.17
N PRO B 409 6.98 26.50 1.27
CA PRO B 409 7.33 26.97 -0.08
C PRO B 409 7.84 28.42 -0.03
N GLY B 410 8.69 28.77 -1.00
CA GLY B 410 9.25 30.08 -1.12
C GLY B 410 8.85 30.79 -2.40
N THR B 411 9.70 31.75 -2.79
CA THR B 411 9.44 32.48 -4.00
C THR B 411 9.45 31.64 -5.27
N SER B 412 10.08 30.45 -5.20
CA SER B 412 10.23 29.61 -6.39
C SER B 412 8.95 28.82 -6.73
N GLN B 413 7.97 28.82 -5.83
CA GLN B 413 6.73 28.09 -6.07
C GLN B 413 6.10 28.51 -7.44
N ARG B 414 5.67 27.55 -8.24
CA ARG B 414 5.12 27.77 -9.56
C ARG B 414 3.63 27.51 -9.72
N GLU B 415 3.05 26.68 -8.86
CA GLU B 415 1.65 26.34 -8.90
C GLU B 415 1.09 26.39 -7.50
N ALA B 416 -0.23 26.61 -7.38
CA ALA B 416 -0.92 26.54 -6.11
C ALA B 416 -0.57 25.19 -5.46
N LEU B 417 -0.44 25.22 -4.14
CA LEU B 417 -0.12 24.07 -3.30
C LEU B 417 -1.39 23.64 -2.52
N LEU B 418 -1.66 22.34 -2.54
CA LEU B 418 -2.68 21.73 -1.75
C LEU B 418 -2.03 20.63 -0.86
N ILE B 419 -2.13 20.76 0.45
CA ILE B 419 -1.64 19.73 1.36
C ILE B 419 -2.88 18.95 1.85
N ILE B 420 -2.87 17.66 1.55
CA ILE B 420 -3.94 16.72 1.88
C ILE B 420 -3.38 15.78 2.95
N ALA B 421 -3.82 15.87 4.23
CA ALA B 421 -3.32 15.04 5.32
C ALA B 421 -4.50 14.30 5.97
N ARG B 422 -4.73 13.06 5.53
CA ARG B 422 -5.90 12.31 5.91
C ARG B 422 -5.52 11.01 6.63
N ASN B 423 -6.11 10.77 7.78
CA ASN B 423 -5.89 9.56 8.61
C ASN B 423 -4.47 9.30 8.91
N ASN B 424 -3.89 10.22 9.71
CA ASN B 424 -2.54 10.03 10.26
C ASN B 424 -2.62 10.03 11.78
N THR B 425 -1.64 9.38 12.37
CA THR B 425 -1.46 9.29 13.80
C THR B 425 -0.12 9.89 14.15
N PHE B 426 -0.05 10.60 15.25
CA PHE B 426 1.17 11.33 15.66
C PHE B 426 1.46 11.00 17.13
N GLU B 427 2.61 10.37 17.40
CA GLU B 427 3.03 9.97 18.70
C GLU B 427 4.07 11.02 19.15
N LEU B 428 3.71 11.87 20.12
CA LEU B 428 4.45 13.07 20.47
C LEU B 428 4.70 13.23 21.97
N PRO B 429 5.48 12.26 22.50
CA PRO B 429 5.60 12.24 23.96
C PRO B 429 6.29 13.45 24.60
N ASN B 430 7.01 14.25 23.81
CA ASN B 430 7.66 15.45 24.29
C ASN B 430 7.03 16.73 23.77
N ALA B 431 5.77 16.65 23.35
CA ALA B 431 5.02 17.84 22.94
C ALA B 431 4.93 18.85 24.08
N THR B 432 4.91 20.13 23.70
CA THR B 432 4.80 21.26 24.60
C THR B 432 3.70 22.20 24.14
N GLY B 433 3.50 23.28 24.89
CA GLY B 433 2.61 24.33 24.48
C GLY B 433 2.97 25.12 23.22
N SER B 434 4.14 24.86 22.66
N SER B 434 4.14 24.86 22.66
CA SER B 434 4.58 25.43 21.43
CA SER B 434 4.52 25.45 21.38
C SER B 434 4.51 24.44 20.24
C SER B 434 4.50 24.44 20.22
N THR B 435 4.09 23.19 20.49
CA THR B 435 4.11 22.19 19.46
C THR B 435 3.02 22.51 18.39
N LYS B 436 3.43 22.39 17.11
CA LYS B 436 2.56 22.56 15.97
C LYS B 436 2.62 21.27 15.14
N VAL B 437 1.50 20.57 14.99
CA VAL B 437 1.55 19.25 14.35
C VAL B 437 1.87 19.40 12.88
N LEU B 438 1.11 20.26 12.19
CA LEU B 438 1.36 20.55 10.77
C LEU B 438 1.55 22.07 10.67
N PHE B 439 2.73 22.45 10.16
CA PHE B 439 3.13 23.83 10.05
C PHE B 439 3.34 24.14 8.56
N LEU B 440 2.44 24.94 8.04
CA LEU B 440 2.53 25.51 6.69
C LEU B 440 3.11 26.93 6.88
N ARG B 441 4.27 27.15 6.26
CA ARG B 441 4.94 28.45 6.38
C ARG B 441 5.39 28.94 4.98
N GLY B 442 4.59 29.75 4.33
CA GLY B 442 5.07 30.37 3.14
C GLY B 442 6.19 31.32 3.45
N ARG B 443 7.12 31.45 2.52
CA ARG B 443 8.28 32.37 2.66
C ARG B 443 8.22 33.33 1.46
N ASN B 444 7.31 34.29 1.56
CA ASN B 444 6.98 35.15 0.43
C ASN B 444 6.47 34.34 -0.75
N SER B 445 5.62 33.37 -0.45
N SER B 445 5.62 33.36 -0.45
CA SER B 445 5.08 32.55 -1.52
CA SER B 445 5.10 32.46 -1.48
C SER B 445 4.19 33.39 -2.44
C SER B 445 4.09 33.22 -2.41
N PRO B 446 4.28 33.15 -3.75
CA PRO B 446 3.50 33.90 -4.71
C PRO B 446 2.13 33.39 -5.04
N LEU B 447 1.76 32.21 -4.55
CA LEU B 447 0.56 31.51 -4.98
C LEU B 447 -0.13 30.89 -3.81
N PRO B 448 -1.43 30.51 -3.97
CA PRO B 448 -2.13 29.94 -2.82
C PRO B 448 -1.52 28.65 -2.29
N CYS B 449 -1.60 28.51 -0.99
CA CYS B 449 -1.27 27.29 -0.24
C CYS B 449 -2.42 26.97 0.65
N SER B 450 -3.04 25.79 0.44
CA SER B 450 -4.32 25.44 1.10
C SER B 450 -4.12 24.05 1.73
N VAL B 451 -4.93 23.74 2.75
CA VAL B 451 -4.77 22.56 3.60
C VAL B 451 -6.11 21.88 3.83
N ASN B 452 -6.10 20.55 3.71
CA ASN B 452 -7.16 19.70 4.18
C ASN B 452 -6.63 18.62 5.14
N ILE B 453 -6.79 18.85 6.41
CA ILE B 453 -6.57 17.84 7.43
C ILE B 453 -7.88 17.19 7.79
N ASP B 454 -7.88 15.88 7.70
CA ASP B 454 -9.07 15.06 8.16
C ASP B 454 -8.60 13.76 8.72
N GLY B 455 -8.59 13.67 10.05
CA GLY B 455 -8.09 12.50 10.71
C GLY B 455 -6.67 12.68 11.16
N MET B 456 -6.53 13.27 12.33
CA MET B 456 -5.23 13.61 12.88
C MET B 456 -5.30 13.26 14.36
N HIS B 457 -4.75 12.11 14.69
CA HIS B 457 -4.89 11.54 16.05
C HIS B 457 -3.58 11.63 16.79
N VAL B 458 -3.50 12.50 17.82
CA VAL B 458 -2.26 12.71 18.56
C VAL B 458 -2.29 11.86 19.83
N HIS B 459 -1.23 11.06 19.97
CA HIS B 459 -1.06 10.09 21.06
C HIS B 459 0.16 10.47 21.90
N MET B 460 0.04 10.36 23.22
N MET B 460 0.00 10.40 23.22
CA MET B 460 1.09 10.57 24.20
CA MET B 460 1.06 10.62 24.21
C MET B 460 1.48 12.02 24.48
C MET B 460 1.51 12.04 24.44
N ALA B 461 0.83 13.01 23.86
CA ALA B 461 1.18 14.39 24.16
C ALA B 461 0.81 14.70 25.60
N PRO B 462 1.76 15.30 26.40
CA PRO B 462 1.53 15.42 27.84
C PRO B 462 0.85 16.69 28.35
N VAL B 463 0.70 17.64 27.44
CA VAL B 463 0.12 18.98 27.75
C VAL B 463 -0.59 19.46 26.51
N ALA B 464 -1.42 20.50 26.65
CA ALA B 464 -1.97 21.24 25.51
C ALA B 464 -0.85 21.62 24.58
N MET B 465 -1.07 21.37 23.30
CA MET B 465 -0.16 21.81 22.26
C MET B 465 -0.56 23.17 21.74
N GLN B 466 0.31 23.79 20.96
CA GLN B 466 -0.06 25.07 20.36
C GLN B 466 -1.22 24.92 19.40
N CYS B 467 -1.14 23.95 18.56
CA CYS B 467 -2.17 23.77 17.52
C CYS B 467 -1.96 22.51 16.73
N PHE B 468 -3.08 22.00 16.15
CA PHE B 468 -3.01 20.99 15.09
C PHE B 468 -2.42 21.56 13.80
N LEU B 469 -2.90 22.72 13.41
CA LEU B 469 -2.43 23.44 12.21
C LEU B 469 -1.93 24.83 12.59
N PHE B 470 -0.70 25.12 12.15
CA PHE B 470 -0.18 26.48 12.12
C PHE B 470 0.00 26.82 10.66
N ALA B 471 -0.56 27.96 10.25
CA ALA B 471 -0.45 28.38 8.84
C ALA B 471 -0.20 29.89 8.74
N ASP B 472 0.95 30.25 8.13
CA ASP B 472 1.26 31.66 7.91
C ASP B 472 2.20 31.82 6.75
N ASP B 473 2.58 33.08 6.48
CA ASP B 473 3.69 33.38 5.63
C ASP B 473 4.65 34.17 6.47
N GLN B 474 5.91 33.76 6.47
CA GLN B 474 6.92 34.38 7.35
C GLN B 474 7.25 35.84 6.93
N VAL B 475 7.05 36.13 5.62
CA VAL B 475 7.48 37.38 5.03
C VAL B 475 6.32 38.35 4.77
N ALA B 476 5.32 37.81 4.09
CA ALA B 476 4.19 38.64 3.64
C ALA B 476 3.24 38.98 4.81
N ALA B 477 2.44 40.03 4.68
CA ALA B 477 1.54 40.43 5.74
C ALA B 477 0.43 39.44 5.94
N THR B 478 0.14 38.70 4.89
CA THR B 478 -0.90 37.68 4.96
C THR B 478 -0.45 36.45 4.20
N LEU B 479 -0.97 35.30 4.58
CA LEU B 479 -0.81 34.07 3.83
C LEU B 479 -1.81 34.02 2.71
N ASN B 480 -1.30 33.77 1.52
CA ASN B 480 -2.15 33.54 0.34
C ASN B 480 -2.64 32.06 0.36
N SER B 481 -3.95 31.86 0.51
CA SER B 481 -4.53 30.54 0.63
C SER B 481 -6.02 30.59 0.26
N ASN B 482 -6.51 29.49 -0.29
CA ASN B 482 -7.92 29.33 -0.57
C ASN B 482 -8.74 28.78 0.56
N TYR B 483 -8.13 27.94 1.43
CA TYR B 483 -8.85 27.35 2.52
C TYR B 483 -7.92 26.62 3.46
N LEU B 484 -8.33 26.50 4.72
CA LEU B 484 -7.71 25.70 5.75
C LEU B 484 -8.80 24.87 6.43
N ILE B 485 -8.73 23.54 6.21
CA ILE B 485 -9.72 22.61 6.76
C ILE B 485 -9.02 21.79 7.84
N ILE B 486 -9.59 21.75 9.02
CA ILE B 486 -9.04 21.00 10.15
C ILE B 486 -10.19 20.19 10.82
N ASP B 487 -10.19 18.87 10.50
CA ASP B 487 -11.28 18.01 10.94
C ASP B 487 -10.75 16.71 11.44
N GLY B 488 -11.55 16.02 12.22
CA GLY B 488 -11.25 14.69 12.71
C GLY B 488 -9.99 14.63 13.56
N VAL B 489 -9.82 15.58 14.47
CA VAL B 489 -8.62 15.62 15.34
C VAL B 489 -8.94 15.01 16.67
N TYR B 490 -7.87 14.54 17.33
CA TYR B 490 -7.88 14.18 18.75
C TYR B 490 -6.53 14.60 19.34
N GLY B 491 -6.52 15.16 20.53
CA GLY B 491 -5.30 15.44 21.23
C GLY B 491 -5.60 16.06 22.57
N PRO B 492 -4.59 16.65 23.22
CA PRO B 492 -4.85 17.21 24.55
C PRO B 492 -5.77 18.40 24.53
N SER B 493 -6.62 18.50 25.54
CA SER B 493 -7.52 19.62 25.69
C SER B 493 -6.73 20.92 25.71
N GLY B 494 -7.24 21.94 25.04
CA GLY B 494 -6.61 23.23 24.92
C GLY B 494 -5.84 23.45 23.65
N THR B 495 -5.71 22.44 22.83
CA THR B 495 -5.01 22.53 21.58
C THR B 495 -5.86 23.20 20.46
N TYR B 496 -5.41 24.34 19.91
CA TYR B 496 -6.18 25.04 18.88
C TYR B 496 -6.26 24.18 17.66
N LEU B 497 -7.40 24.24 16.96
CA LEU B 497 -7.54 23.62 15.66
C LEU B 497 -6.59 24.31 14.64
N LEU B 498 -6.68 25.63 14.59
CA LEU B 498 -5.79 26.48 13.80
C LEU B 498 -5.35 27.58 14.73
N TYR B 499 -4.07 27.85 14.83
CA TYR B 499 -3.61 28.93 15.73
C TYR B 499 -3.88 30.26 15.00
N PRO B 500 -4.68 31.13 15.62
CA PRO B 500 -5.07 32.35 14.88
C PRO B 500 -3.98 33.40 14.91
N THR B 501 -3.77 34.04 13.76
CA THR B 501 -2.91 35.20 13.66
C THR B 501 -3.48 36.15 12.63
N SER B 502 -2.95 37.37 12.58
CA SER B 502 -3.40 38.34 11.57
C SER B 502 -3.16 37.84 10.15
N LYS B 503 -2.17 36.95 10.01
CA LYS B 503 -1.82 36.49 8.72
C LYS B 503 -2.78 35.48 8.13
N ASN B 504 -3.51 34.79 8.99
CA ASN B 504 -4.44 33.75 8.52
C ASN B 504 -5.92 34.08 8.79
N ALA B 505 -6.20 35.23 9.39
CA ALA B 505 -7.52 35.53 9.84
C ALA B 505 -8.55 35.59 8.67
N ALA B 506 -8.10 36.00 7.48
CA ALA B 506 -9.01 36.19 6.39
C ALA B 506 -9.28 34.93 5.56
N ILE B 507 -8.59 33.84 5.87
CA ILE B 507 -8.68 32.64 5.06
C ILE B 507 -9.90 31.81 5.40
N PRO B 508 -10.71 31.44 4.40
CA PRO B 508 -11.85 30.52 4.72
C PRO B 508 -11.42 29.27 5.41
N THR B 509 -12.15 28.87 6.41
CA THR B 509 -11.80 27.72 7.19
C THR B 509 -13.01 26.84 7.53
N ARG B 510 -12.74 25.55 7.65
CA ARG B 510 -13.69 24.54 8.10
C ARG B 510 -13.01 23.86 9.32
N GLN B 511 -13.69 23.87 10.44
CA GLN B 511 -13.16 23.39 11.73
C GLN B 511 -14.16 22.48 12.42
N MET B 512 -13.59 21.37 12.94
CA MET B 512 -14.29 20.23 13.57
C MET B 512 -15.46 20.67 14.46
N HIS B 513 -16.59 19.95 14.27
CA HIS B 513 -17.75 20.08 15.08
C HIS B 513 -17.44 19.55 16.51
N GLN B 514 -17.93 20.25 17.49
CA GLN B 514 -17.79 19.98 18.90
C GLN B 514 -19.12 20.17 19.61
N SER B 515 -19.32 19.54 20.77
CA SER B 515 -20.58 19.66 21.48
C SER B 515 -20.45 19.36 22.93
N GLY B 516 -21.48 19.73 23.68
CA GLY B 516 -21.52 19.42 25.10
C GLY B 516 -22.86 19.69 25.69
N ALA B 517 -22.96 19.53 27.00
CA ALA B 517 -24.18 19.80 27.74
C ALA B 517 -23.84 20.02 29.19
N VAL B 518 -24.65 20.79 29.88
CA VAL B 518 -24.39 21.14 31.28
C VAL B 518 -25.72 21.34 32.00
N ASN B 519 -25.80 20.78 33.19
CA ASN B 519 -26.99 20.92 34.01
C ASN B 519 -26.95 22.27 34.73
N VAL B 520 -28.14 22.90 34.81
CA VAL B 520 -28.30 24.13 35.52
C VAL B 520 -29.50 24.09 36.48
N THR B 521 -29.45 24.91 37.50
CA THR B 521 -30.59 25.18 38.38
C THR B 521 -30.93 26.68 38.18
N THR B 522 -32.22 26.97 38.02
CA THR B 522 -32.64 28.32 37.75
C THR B 522 -32.49 29.21 38.98
N THR B 523 -32.22 30.45 38.72
CA THR B 523 -32.29 31.55 39.69
C THR B 523 -33.53 32.38 39.36
N ALA B 524 -33.85 33.36 40.21
CA ALA B 524 -35.01 34.17 40.00
C ALA B 524 -34.61 35.33 39.08
N SER B 525 -34.51 35.00 37.78
N SER B 525 -34.51 35.03 37.79
CA SER B 525 -33.90 35.83 36.77
CA SER B 525 -33.94 35.95 36.80
C SER B 525 -34.61 35.67 35.44
C SER B 525 -34.60 35.69 35.46
N ALA B 526 -34.48 36.68 34.56
CA ALA B 526 -35.01 36.56 33.23
C ALA B 526 -34.18 35.60 32.40
N THR B 527 -32.88 35.53 32.69
CA THR B 527 -31.95 34.70 31.94
C THR B 527 -31.19 33.82 32.93
N VAL B 528 -31.09 32.53 32.58
CA VAL B 528 -30.26 31.59 33.37
C VAL B 528 -29.21 31.03 32.41
N ALA B 529 -27.98 31.50 32.57
CA ALA B 529 -26.86 31.12 31.74
C ALA B 529 -25.95 30.17 32.48
N ALA B 530 -25.54 29.09 31.82
CA ALA B 530 -24.52 28.21 32.40
C ALA B 530 -23.21 28.97 32.48
N PRO B 531 -22.34 28.58 33.36
CA PRO B 531 -20.98 29.10 33.31
C PRO B 531 -20.28 28.72 32.00
N ALA B 532 -19.20 29.46 31.68
CA ALA B 532 -18.46 29.18 30.48
C ALA B 532 -18.05 27.73 30.38
N GLN B 533 -18.42 27.11 29.30
CA GLN B 533 -18.11 25.69 28.98
C GLN B 533 -16.91 25.67 28.05
N THR B 534 -15.87 24.97 28.47
CA THR B 534 -14.67 24.89 27.66
C THR B 534 -14.91 24.13 26.35
N ILE B 535 -14.42 24.72 25.27
CA ILE B 535 -14.34 24.05 24.02
C ILE B 535 -12.95 23.36 23.98
N ARG B 536 -12.94 22.04 23.86
CA ARG B 536 -11.75 21.28 23.95
C ARG B 536 -10.65 21.71 22.98
N TYR B 537 -11.03 21.88 21.74
CA TYR B 537 -10.11 22.32 20.71
C TYR B 537 -10.53 23.68 20.21
N PRO B 538 -9.93 24.74 20.72
CA PRO B 538 -10.45 26.07 20.36
C PRO B 538 -10.39 26.41 18.84
N TYR B 539 -11.43 27.11 18.40
CA TYR B 539 -11.54 27.58 17.10
C TYR B 539 -10.64 28.77 16.89
N SER B 540 -10.42 29.12 15.62
CA SER B 540 -9.62 30.32 15.26
C SER B 540 -10.44 31.62 15.30
N LYS B 541 -11.75 31.53 15.43
CA LYS B 541 -12.65 32.67 15.47
C LYS B 541 -14.02 32.14 16.02
N ILE B 542 -14.95 33.07 16.23
CA ILE B 542 -16.23 32.72 16.79
C ILE B 542 -16.90 31.60 15.99
N PRO B 543 -17.23 30.47 16.64
CA PRO B 543 -17.87 29.39 15.87
C PRO B 543 -19.36 29.66 15.63
N ASN B 544 -19.88 28.86 14.74
CA ASN B 544 -21.33 28.72 14.49
C ASN B 544 -21.92 27.73 15.46
N VAL B 545 -22.94 28.12 16.19
CA VAL B 545 -23.42 27.34 17.32
C VAL B 545 -24.88 27.01 17.32
N SER B 546 -25.22 25.96 18.04
N SER B 546 -25.21 25.96 18.06
CA SER B 546 -26.61 25.66 18.42
CA SER B 546 -26.57 25.59 18.41
C SER B 546 -26.66 25.51 19.94
C SER B 546 -26.65 25.46 19.94
N VAL B 547 -27.86 25.70 20.48
CA VAL B 547 -28.12 25.56 21.92
C VAL B 547 -29.56 25.00 22.04
N GLN B 548 -29.78 24.13 23.03
CA GLN B 548 -31.10 23.65 23.34
C GLN B 548 -31.24 23.33 24.81
N VAL B 549 -32.49 23.06 25.22
CA VAL B 549 -32.83 22.75 26.56
C VAL B 549 -33.61 21.44 26.65
N SER B 550 -33.25 20.64 27.63
CA SER B 550 -34.01 19.41 27.97
C SER B 550 -34.06 19.31 29.51
N SER B 551 -34.69 18.29 29.99
CA SER B 551 -34.55 17.91 31.36
C SER B 551 -33.16 17.35 31.63
N GLN B 552 -32.79 17.31 32.90
CA GLN B 552 -31.50 16.75 33.27
C GLN B 552 -31.40 15.25 33.04
N SER B 553 -32.53 14.55 33.25
CA SER B 553 -32.62 13.10 33.07
C SER B 553 -32.85 12.67 31.62
N GLY B 554 -33.42 13.59 30.80
CA GLY B 554 -33.97 13.27 29.50
C GLY B 554 -35.43 12.90 29.47
N GLY B 555 -36.00 12.77 30.65
CA GLY B 555 -37.44 12.54 30.72
C GLY B 555 -38.22 13.75 30.26
N GLY B 556 -39.52 13.59 30.09
CA GLY B 556 -40.35 14.63 29.56
C GLY B 556 -40.31 15.90 30.40
N GLN B 557 -40.07 17.03 29.74
CA GLN B 557 -40.08 18.31 30.40
C GLN B 557 -40.36 19.39 29.34
N SER B 558 -41.25 20.31 29.67
CA SER B 558 -41.58 21.43 28.82
C SER B 558 -41.36 22.70 29.66
N ALA B 559 -42.40 23.19 30.34
CA ALA B 559 -42.30 24.34 31.17
C ALA B 559 -41.36 24.10 32.34
N ILE B 560 -40.73 25.18 32.74
CA ILE B 560 -39.87 25.21 33.97
C ILE B 560 -40.59 26.16 34.92
N GLY B 561 -41.26 25.57 35.92
CA GLY B 561 -42.27 26.30 36.67
C GLY B 561 -43.37 26.79 35.71
N SER B 562 -43.65 28.08 35.71
CA SER B 562 -44.65 28.58 34.83
C SER B 562 -44.05 29.16 33.53
N ILE B 563 -42.76 28.91 33.28
CA ILE B 563 -42.04 29.57 32.14
C ILE B 563 -41.77 28.63 31.00
N THR B 564 -42.05 29.09 29.75
CA THR B 564 -41.58 28.43 28.54
C THR B 564 -40.13 28.87 28.27
N PRO B 565 -39.17 27.94 28.43
CA PRO B 565 -37.77 28.33 28.30
C PRO B 565 -37.34 28.55 26.86
N VAL B 566 -36.63 29.66 26.59
CA VAL B 566 -36.19 29.99 25.28
C VAL B 566 -34.65 29.86 25.28
N ALA B 567 -34.13 28.89 24.57
CA ALA B 567 -32.70 28.67 24.48
C ALA B 567 -32.05 29.77 23.65
N ILE B 568 -30.91 30.27 24.14
CA ILE B 568 -30.10 31.24 23.43
C ILE B 568 -28.63 30.95 23.64
N ALA B 569 -27.80 31.49 22.76
CA ALA B 569 -26.33 31.51 22.95
C ALA B 569 -25.94 32.83 23.63
N TYR B 570 -25.79 32.78 24.95
CA TYR B 570 -25.60 33.98 25.74
C TYR B 570 -24.16 34.56 25.47
N ASN B 571 -23.15 33.68 25.32
CA ASN B 571 -21.78 34.11 25.05
C ASN B 571 -21.16 33.03 24.24
N VAL B 572 -20.44 33.42 23.19
CA VAL B 572 -19.73 32.51 22.30
C VAL B 572 -18.32 33.07 22.07
N GLN B 573 -17.32 32.37 22.57
CA GLN B 573 -15.93 32.66 22.31
C GLN B 573 -15.33 31.52 21.47
N PRO B 574 -14.12 31.74 20.93
CA PRO B 574 -13.49 30.64 20.20
C PRO B 574 -13.19 29.42 21.07
N ASN B 575 -13.05 29.66 22.37
CA ASN B 575 -12.56 28.64 23.31
C ASN B 575 -13.56 28.32 24.41
N SER B 576 -14.73 28.90 24.37
CA SER B 576 -15.78 28.60 25.37
C SER B 576 -17.10 29.10 24.97
N ILE B 577 -18.13 28.57 25.63
CA ILE B 577 -19.53 28.93 25.28
C ILE B 577 -20.38 28.97 26.54
N ARG B 578 -21.32 29.89 26.56
CA ARG B 578 -22.34 29.95 27.62
C ARG B 578 -23.73 29.79 27.01
N PRO B 579 -24.25 28.54 26.99
CA PRO B 579 -25.65 28.36 26.65
C PRO B 579 -26.54 28.91 27.80
N ALA B 580 -27.76 29.36 27.43
CA ALA B 580 -28.68 29.93 28.39
C ALA B 580 -30.07 29.66 27.99
N ILE B 581 -30.97 29.90 28.93
CA ILE B 581 -32.42 29.95 28.68
C ILE B 581 -32.96 31.29 29.20
N MET B 582 -33.94 31.83 28.46
CA MET B 582 -34.61 33.05 28.85
C MET B 582 -36.10 32.84 29.05
N ALA B 583 -36.69 33.66 29.90
CA ALA B 583 -38.15 33.75 30.02
C ALA B 583 -38.69 34.68 28.91
N PRO B 584 -39.77 34.28 28.21
CA PRO B 584 -40.34 35.21 27.22
C PRO B 584 -40.75 36.56 27.81
N SER B 585 -41.25 36.54 29.04
CA SER B 585 -41.51 37.76 29.84
C SER B 585 -41.36 37.34 31.28
N GLY B 586 -41.03 38.28 32.13
CA GLY B 586 -40.85 37.99 33.52
C GLY B 586 -39.60 37.21 33.76
N SER B 587 -39.62 36.46 34.85
CA SER B 587 -38.47 35.72 35.35
C SER B 587 -38.82 34.30 35.66
N PHE B 588 -37.83 33.44 35.58
CA PHE B 588 -37.94 32.14 36.16
C PHE B 588 -38.10 32.32 37.68
N ALA B 589 -38.65 31.27 38.29
CA ALA B 589 -38.53 31.07 39.73
C ALA B 589 -37.22 30.34 40.00
N ALA B 590 -36.63 30.60 41.14
CA ALA B 590 -35.45 29.85 41.59
C ALA B 590 -35.77 28.39 41.87
N GLY B 591 -34.83 27.53 41.53
CA GLY B 591 -34.84 26.13 41.94
C GLY B 591 -35.39 25.15 40.90
N GLY B 592 -35.72 25.62 39.72
CA GLY B 592 -36.08 24.73 38.61
C GLY B 592 -34.82 24.13 38.00
N SER B 593 -35.00 23.08 37.21
CA SER B 593 -33.84 22.26 36.71
C SER B 593 -33.92 22.15 35.20
N ALA B 594 -32.78 22.18 34.56
CA ALA B 594 -32.67 21.93 33.15
C ALA B 594 -31.27 21.53 32.79
N ARG B 595 -31.16 21.04 31.54
CA ARG B 595 -29.90 20.69 30.95
C ARG B 595 -29.75 21.50 29.66
N LEU B 596 -28.66 22.24 29.55
CA LEU B 596 -28.40 23.11 28.42
C LEU B 596 -27.38 22.42 27.53
N HIS B 597 -27.78 22.20 26.27
CA HIS B 597 -26.99 21.54 25.30
C HIS B 597 -26.38 22.59 24.34
N TRP B 598 -25.20 22.30 23.77
CA TRP B 598 -24.61 23.17 22.79
C TRP B 598 -23.82 22.40 21.79
N SER B 599 -23.60 23.01 20.62
CA SER B 599 -22.67 22.49 19.62
C SER B 599 -22.07 23.68 18.89
N ALA B 600 -20.98 23.38 18.18
CA ALA B 600 -20.18 24.39 17.51
C ALA B 600 -19.49 23.78 16.32
N SER B 601 -19.26 24.61 15.29
N SER B 601 -19.27 24.62 15.30
CA SER B 601 -18.42 24.22 14.16
CA SER B 601 -18.57 24.21 14.09
C SER B 601 -18.14 25.48 13.33
C SER B 601 -18.18 25.47 13.29
N LEU B 602 -17.22 25.34 12.40
CA LEU B 602 -17.03 26.30 11.33
C LEU B 602 -17.00 25.60 10.02
N ASP B 603 -17.60 26.20 8.98
CA ASP B 603 -17.74 25.56 7.66
C ASP B 603 -17.79 26.62 6.57
N ASP B 604 -16.72 27.38 6.47
CA ASP B 604 -16.65 28.46 5.43
C ASP B 604 -16.56 27.89 3.99
N ILE B 605 -16.01 26.67 3.89
CA ILE B 605 -15.87 25.86 2.74
C ILE B 605 -16.21 24.40 3.08
N ALA C 4 39.79 -18.26 1.82
CA ALA C 4 39.64 -19.34 0.80
C ALA C 4 40.92 -19.50 -0.08
N ASP C 5 41.63 -20.59 0.22
CA ASP C 5 42.55 -21.24 -0.70
C ASP C 5 41.71 -22.30 -1.43
N ARG C 6 40.58 -21.88 -1.93
CA ARG C 6 39.54 -22.75 -2.55
C ARG C 6 39.97 -23.00 -4.01
N LEU C 7 39.61 -24.17 -4.54
CA LEU C 7 39.97 -24.56 -5.92
C LEU C 7 38.90 -24.12 -6.94
N ASN C 8 37.70 -23.71 -6.49
CA ASN C 8 36.59 -23.37 -7.44
C ASN C 8 35.65 -22.33 -6.85
N ASP C 9 34.98 -21.56 -7.77
CA ASP C 9 33.97 -20.59 -7.33
C ASP C 9 32.51 -21.03 -7.42
N THR C 10 32.19 -21.85 -8.43
CA THR C 10 30.90 -22.58 -8.41
C THR C 10 31.15 -24.08 -8.16
N ALA C 11 30.48 -24.67 -7.21
CA ALA C 11 30.50 -26.10 -6.96
C ALA C 11 29.17 -26.70 -7.33
N ASN C 12 29.18 -27.66 -8.25
CA ASN C 12 27.98 -28.31 -8.70
C ASN C 12 27.93 -29.65 -7.93
N VAL C 13 26.86 -29.83 -7.18
CA VAL C 13 26.72 -30.99 -6.28
C VAL C 13 26.88 -32.33 -6.98
N LYS C 14 26.38 -32.44 -8.21
CA LYS C 14 26.60 -33.68 -8.95
C LYS C 14 28.06 -33.97 -9.33
N ASP C 15 28.85 -32.92 -9.47
CA ASP C 15 30.30 -33.10 -9.72
C ASP C 15 30.97 -33.72 -8.51
N TYR C 16 30.35 -33.53 -7.34
CA TYR C 16 30.91 -34.07 -6.10
C TYR C 16 30.38 -35.43 -5.73
N GLY C 17 29.61 -36.02 -6.65
CA GLY C 17 29.25 -37.42 -6.56
C GLY C 17 27.78 -37.73 -6.34
N ALA C 18 26.92 -36.72 -6.24
CA ALA C 18 25.51 -36.95 -5.93
C ALA C 18 24.86 -37.78 -7.00
N ILE C 19 23.89 -38.60 -6.59
CA ILE C 19 23.08 -39.41 -7.48
C ILE C 19 21.74 -38.70 -7.73
N ALA C 20 21.08 -38.32 -6.65
CA ALA C 20 19.85 -37.52 -6.68
C ALA C 20 18.76 -38.13 -7.59
N ASP C 21 18.48 -39.42 -7.36
CA ASP C 21 17.45 -40.08 -8.12
C ASP C 21 16.23 -40.46 -7.26
N GLY C 22 16.13 -39.84 -6.09
CA GLY C 22 14.97 -40.02 -5.24
C GLY C 22 15.00 -41.23 -4.32
N ALA C 23 16.08 -42.00 -4.40
CA ALA C 23 16.27 -43.12 -3.50
C ALA C 23 17.38 -42.86 -2.51
N TYR C 24 17.32 -43.56 -1.41
CA TYR C 24 18.43 -43.52 -0.44
C TYR C 24 19.57 -44.43 -0.91
N HIS C 25 20.74 -43.83 -1.07
CA HIS C 25 21.96 -44.54 -1.42
C HIS C 25 23.03 -44.28 -0.35
N PRO C 26 23.23 -45.23 0.58
CA PRO C 26 24.26 -45.07 1.59
C PRO C 26 25.63 -45.17 0.94
N LEU C 27 26.62 -44.58 1.59
CA LEU C 27 28.02 -44.66 1.15
C LEU C 27 28.51 -46.09 1.02
N SER C 28 27.92 -47.00 1.80
CA SER C 28 28.22 -48.43 1.63
C SER C 28 28.01 -49.02 0.21
N GLU C 29 27.19 -48.32 -0.60
CA GLU C 29 26.99 -48.77 -1.99
C GLU C 29 28.22 -48.55 -2.82
N ARG C 30 29.04 -47.62 -2.38
CA ARG C 30 30.20 -47.21 -3.15
C ARG C 30 31.56 -47.55 -2.48
N PHE C 31 31.57 -47.70 -1.17
CA PHE C 31 32.80 -47.92 -0.37
C PHE C 31 32.65 -49.13 0.53
N ALA C 32 33.66 -50.01 0.53
CA ALA C 32 33.59 -51.23 1.38
C ALA C 32 33.80 -50.92 2.86
N THR C 33 34.65 -49.92 3.16
CA THR C 33 34.94 -49.49 4.54
C THR C 33 34.77 -47.97 4.71
N LEU C 34 34.58 -47.58 5.95
CA LEU C 34 34.47 -46.18 6.31
C LEU C 34 35.76 -45.39 5.96
N ALA C 35 36.89 -46.00 6.15
CA ALA C 35 38.19 -45.38 5.83
C ALA C 35 38.26 -45.04 4.35
N GLU C 36 37.78 -45.96 3.52
CA GLU C 36 37.78 -45.70 2.09
C GLU C 36 36.85 -44.57 1.78
N ALA C 37 35.70 -44.54 2.42
CA ALA C 37 34.74 -43.48 2.19
C ALA C 37 35.34 -42.11 2.58
N GLN C 38 36.01 -42.10 3.74
CA GLN C 38 36.58 -40.86 4.29
C GLN C 38 37.76 -40.33 3.50
N ALA C 39 38.43 -41.18 2.73
CA ALA C 39 39.46 -40.76 1.84
C ALA C 39 38.92 -39.87 0.73
N VAL C 40 37.64 -40.08 0.39
CA VAL C 40 36.95 -39.21 -0.58
C VAL C 40 36.21 -38.07 0.15
N TYR C 41 35.47 -38.44 1.18
CA TYR C 41 34.60 -37.54 1.95
C TYR C 41 35.02 -37.57 3.43
N PRO C 42 35.99 -36.74 3.80
CA PRO C 42 36.52 -36.78 5.18
C PRO C 42 35.47 -36.52 6.28
N HIS C 43 34.42 -35.81 5.90
CA HIS C 43 33.27 -35.49 6.77
C HIS C 43 32.32 -36.65 7.02
N ALA C 44 32.41 -37.74 6.21
CA ALA C 44 31.57 -38.90 6.47
C ALA C 44 31.89 -39.48 7.84
N THR C 45 30.85 -39.80 8.58
CA THR C 45 30.94 -40.42 9.91
C THR C 45 30.51 -41.89 9.96
N ALA C 46 29.68 -42.31 9.02
CA ALA C 46 29.24 -43.72 8.95
C ALA C 46 28.90 -44.08 7.52
N LEU C 47 29.02 -45.35 7.20
CA LEU C 47 28.70 -45.79 5.84
C LEU C 47 27.22 -45.73 5.52
N THR C 48 26.39 -45.51 6.54
CA THR C 48 24.98 -45.22 6.32
C THR C 48 24.71 -43.83 5.85
N ASP C 49 25.66 -42.92 6.00
CA ASP C 49 25.47 -41.54 5.54
C ASP C 49 25.21 -41.55 4.01
N SER C 50 24.24 -40.76 3.54
CA SER C 50 23.85 -40.84 2.11
C SER C 50 24.88 -40.14 1.18
N ILE C 51 25.03 -40.75 0.01
CA ILE C 51 25.92 -40.24 -1.02
C ILE C 51 25.49 -38.80 -1.38
N ASP C 52 24.19 -38.56 -1.51
CA ASP C 52 23.71 -37.22 -1.85
C ASP C 52 24.21 -36.21 -0.79
N TRP C 53 24.10 -36.58 0.49
CA TRP C 53 24.56 -35.69 1.57
C TRP C 53 26.06 -35.50 1.48
N ALA C 54 26.77 -36.59 1.27
CA ALA C 54 28.25 -36.52 1.28
C ALA C 54 28.73 -35.56 0.21
N ALA C 55 28.11 -35.66 -0.95
CA ALA C 55 28.39 -34.78 -2.09
C ALA C 55 28.05 -33.32 -1.85
N TYR C 56 26.87 -33.10 -1.23
CA TYR C 56 26.44 -31.76 -0.93
C TYR C 56 27.40 -31.07 0.05
N GLN C 57 27.73 -31.76 1.14
CA GLN C 57 28.60 -31.18 2.13
C GLN C 57 30.04 -31.01 1.53
N ALA C 58 30.48 -31.93 0.66
CA ALA C 58 31.76 -31.76 -0.04
C ALA C 58 31.76 -30.48 -0.86
N ALA C 59 30.64 -30.24 -1.56
CA ALA C 59 30.55 -29.03 -2.39
C ALA C 59 30.65 -27.77 -1.52
N ILE C 60 29.98 -27.76 -0.39
CA ILE C 60 30.09 -26.64 0.52
C ILE C 60 31.51 -26.51 1.08
N ASN C 61 32.10 -27.66 1.44
CA ASN C 61 33.44 -27.66 2.00
C ASN C 61 34.57 -27.23 1.04
N SER C 62 34.22 -27.18 -0.23
CA SER C 62 35.16 -26.66 -1.21
C SER C 62 35.48 -25.19 -0.98
N GLY C 63 34.59 -24.48 -0.29
CA GLY C 63 34.74 -23.02 -0.12
C GLY C 63 34.05 -22.21 -1.21
N ALA C 64 33.53 -22.88 -2.25
CA ALA C 64 32.91 -22.16 -3.36
C ALA C 64 31.81 -21.25 -2.85
N PRO C 65 31.84 -19.95 -3.24
CA PRO C 65 30.72 -19.06 -2.84
C PRO C 65 29.39 -19.48 -3.36
N HIS C 66 29.37 -20.07 -4.55
CA HIS C 66 28.15 -20.48 -5.20
C HIS C 66 28.07 -22.03 -5.25
N VAL C 67 27.03 -22.62 -4.63
CA VAL C 67 26.80 -24.07 -4.60
C VAL C 67 25.49 -24.27 -5.39
N HIS C 68 25.62 -25.00 -6.53
CA HIS C 68 24.51 -25.27 -7.42
C HIS C 68 24.15 -26.76 -7.33
N ALA C 69 22.87 -27.05 -7.10
CA ALA C 69 22.35 -28.41 -7.07
C ALA C 69 21.47 -28.55 -8.31
N PRO C 70 22.00 -29.23 -9.34
CA PRO C 70 21.21 -29.41 -10.54
C PRO C 70 19.97 -30.27 -10.28
N GLY C 71 19.02 -30.21 -11.21
CA GLY C 71 17.79 -30.97 -11.04
C GLY C 71 18.01 -32.42 -10.61
N GLY C 72 17.19 -32.87 -9.66
CA GLY C 72 17.36 -34.16 -9.06
C GLY C 72 16.63 -34.16 -7.75
N HIS C 73 16.41 -35.37 -7.22
CA HIS C 73 15.78 -35.53 -5.90
C HIS C 73 16.87 -36.07 -4.96
N TYR C 74 17.42 -35.15 -4.20
CA TYR C 74 18.54 -35.39 -3.27
C TYR C 74 17.92 -35.96 -1.99
N VAL C 75 18.34 -37.17 -1.66
CA VAL C 75 17.85 -37.88 -0.45
C VAL C 75 18.95 -37.74 0.60
N MET C 76 18.71 -36.84 1.53
CA MET C 76 19.66 -36.37 2.54
C MET C 76 19.25 -36.98 3.91
N ASN C 77 20.05 -37.86 4.45
CA ASN C 77 19.83 -38.35 5.81
C ASN C 77 20.70 -37.74 6.91
N ARG C 78 21.37 -36.64 6.56
CA ARG C 78 22.01 -35.73 7.47
C ARG C 78 21.81 -34.32 6.95
N GLY C 79 21.92 -33.38 7.87
CA GLY C 79 21.92 -31.95 7.51
C GLY C 79 23.24 -31.47 6.95
N THR C 80 23.23 -30.32 6.30
CA THR C 80 24.45 -29.68 5.86
C THR C 80 24.68 -28.41 6.67
N LEU C 81 25.97 -28.01 6.71
CA LEU C 81 26.34 -26.83 7.46
C LEU C 81 27.30 -25.97 6.66
N ALA C 82 26.99 -24.69 6.58
CA ALA C 82 27.87 -23.65 6.06
C ALA C 82 27.95 -22.54 7.09
N GLU C 83 29.15 -21.98 7.27
CA GLU C 83 29.39 -20.94 8.24
C GLU C 83 30.11 -19.74 7.58
N ARG C 84 29.64 -19.35 6.41
CA ARG C 84 30.26 -18.33 5.62
C ARG C 84 29.24 -17.85 4.60
N ASP C 85 29.56 -16.74 3.92
CA ASP C 85 28.66 -16.20 2.87
C ASP C 85 28.52 -17.31 1.83
N ILE C 86 27.29 -17.51 1.31
CA ILE C 86 27.04 -18.58 0.37
C ILE C 86 25.77 -18.27 -0.44
N ARG C 87 25.81 -18.61 -1.71
CA ARG C 87 24.68 -18.52 -2.63
C ARG C 87 24.31 -19.90 -3.07
N TYR C 88 23.10 -20.34 -2.74
CA TYR C 88 22.59 -21.62 -3.12
C TYR C 88 21.63 -21.46 -4.33
N THR C 89 21.77 -22.33 -5.32
CA THR C 89 20.86 -22.34 -6.42
C THR C 89 20.49 -23.76 -6.79
N GLY C 90 19.36 -23.86 -7.49
CA GLY C 90 18.96 -25.09 -8.13
C GLY C 90 18.36 -24.76 -9.48
N ASP C 91 17.69 -25.78 -10.05
CA ASP C 91 17.04 -25.67 -11.35
C ASP C 91 15.56 -25.41 -11.28
N GLY C 92 15.08 -25.06 -10.10
CA GLY C 92 13.65 -24.84 -9.88
C GLY C 92 13.04 -25.93 -9.01
N TYR C 93 11.77 -26.22 -9.27
CA TYR C 93 11.07 -27.24 -8.53
C TYR C 93 11.72 -28.58 -8.71
N ALA C 94 12.42 -28.75 -9.80
CA ALA C 94 13.11 -29.99 -10.14
C ALA C 94 14.29 -30.28 -9.24
N THR C 95 14.84 -29.24 -8.58
CA THR C 95 15.90 -29.45 -7.62
C THR C 95 15.22 -29.63 -6.28
N ARG C 96 15.01 -30.89 -5.90
CA ARG C 96 14.28 -31.20 -4.65
C ARG C 96 15.31 -31.75 -3.63
N VAL C 97 15.55 -30.97 -2.58
CA VAL C 97 16.45 -31.34 -1.51
C VAL C 97 15.61 -31.84 -0.34
N ASP C 98 15.70 -33.16 -0.14
CA ASP C 98 14.75 -33.86 0.73
C ASP C 98 15.44 -34.43 2.00
N PHE C 99 15.18 -33.79 3.12
CA PHE C 99 15.71 -34.17 4.44
C PHE C 99 14.82 -35.11 5.21
N SER C 100 13.82 -35.71 4.55
CA SER C 100 12.89 -36.65 5.21
C SER C 100 13.58 -37.60 6.17
N LEU C 101 14.65 -38.24 5.69
CA LEU C 101 15.33 -39.25 6.45
C LEU C 101 16.30 -38.74 7.52
N ALA C 102 16.57 -37.46 7.52
CA ALA C 102 17.47 -36.88 8.55
C ALA C 102 16.72 -36.69 9.88
N ASP C 103 17.39 -36.96 10.98
CA ASP C 103 16.81 -36.80 12.30
C ASP C 103 17.82 -36.13 13.26
N GLY C 104 17.27 -35.41 14.22
CA GLY C 104 18.04 -34.75 15.22
C GLY C 104 18.34 -33.29 14.89
N PRO C 105 18.92 -32.59 15.84
CA PRO C 105 19.28 -31.22 15.70
C PRO C 105 20.10 -30.99 14.39
N GLY C 106 19.82 -29.90 13.72
CA GLY C 106 20.54 -29.66 12.42
C GLY C 106 20.18 -30.52 11.21
N SER C 107 19.01 -31.18 11.22
CA SER C 107 18.50 -31.99 10.12
C SER C 107 17.91 -31.11 8.99
N CYS C 108 18.81 -30.29 8.39
CA CYS C 108 18.41 -29.23 7.49
C CYS C 108 19.63 -28.71 6.82
N MET C 109 19.39 -27.86 5.82
CA MET C 109 20.42 -27.06 5.22
C MET C 109 20.58 -25.81 6.05
N LEU C 110 21.59 -25.81 6.90
CA LEU C 110 21.85 -24.74 7.87
C LEU C 110 22.99 -23.85 7.39
N THR C 111 22.79 -22.52 7.42
CA THR C 111 23.88 -21.54 7.23
C THR C 111 23.84 -20.63 8.42
N GLN C 112 24.99 -20.45 9.09
CA GLN C 112 25.04 -19.79 10.38
C GLN C 112 26.24 -18.82 10.42
N GLY C 113 25.97 -17.57 10.76
CA GLY C 113 26.93 -16.52 11.01
C GLY C 113 27.52 -16.55 12.41
N GLU C 114 28.06 -15.41 12.82
N GLU C 114 28.14 -15.42 12.77
CA GLU C 114 28.82 -15.30 14.06
CA GLU C 114 28.85 -15.24 14.06
C GLU C 114 28.13 -14.36 15.01
C GLU C 114 28.03 -14.38 15.01
N LEU C 115 28.02 -14.80 16.28
CA LEU C 115 27.49 -13.97 17.36
C LEU C 115 28.43 -14.14 18.53
N VAL C 116 28.89 -13.01 19.10
CA VAL C 116 29.79 -13.09 20.20
C VAL C 116 29.48 -11.94 21.17
N GLN C 117 29.48 -12.25 22.47
CA GLN C 117 29.25 -11.25 23.48
C GLN C 117 30.44 -10.27 23.51
N ILE C 118 30.14 -8.99 23.60
CA ILE C 118 31.10 -7.95 23.73
C ILE C 118 30.94 -7.17 25.03
N GLY C 119 31.63 -6.06 25.20
CA GLY C 119 31.56 -5.35 26.43
C GLY C 119 30.24 -4.68 26.73
N ASP C 120 30.08 -4.28 27.97
CA ASP C 120 28.86 -3.68 28.43
C ASP C 120 28.66 -2.20 28.09
N LEU C 121 27.39 -1.76 28.01
CA LEU C 121 27.10 -0.36 27.98
C LEU C 121 27.41 0.31 29.35
N SER C 122 27.71 1.61 29.31
CA SER C 122 27.84 2.43 30.50
C SER C 122 26.76 3.52 30.64
N VAL C 123 25.92 3.69 29.61
CA VAL C 123 24.85 4.65 29.57
C VAL C 123 23.58 3.93 29.13
N SER C 124 22.48 4.12 29.87
CA SER C 124 21.23 3.49 29.49
C SER C 124 20.66 4.07 28.17
N VAL C 125 20.16 3.20 27.31
CA VAL C 125 19.52 3.59 26.05
C VAL C 125 18.10 4.06 26.30
N VAL C 126 17.77 5.28 25.84
CA VAL C 126 16.42 5.78 25.91
C VAL C 126 15.65 5.56 24.62
N LYS C 127 14.33 5.69 24.65
CA LYS C 127 13.60 5.63 23.42
C LYS C 127 14.03 6.77 22.48
N GLY C 128 14.26 6.42 21.24
CA GLY C 128 14.70 7.35 20.22
C GLY C 128 16.20 7.55 20.18
N ALA C 129 16.97 6.92 21.07
CA ALA C 129 18.37 7.12 21.03
C ALA C 129 18.98 6.65 19.74
N ARG C 130 20.09 7.28 19.37
CA ARG C 130 20.78 7.02 18.14
C ARG C 130 22.25 6.79 18.26
N THR C 131 22.67 6.53 19.50
CA THR C 131 24.07 6.20 19.83
C THR C 131 23.97 5.20 20.99
N LEU C 132 25.07 4.43 21.14
CA LEU C 132 25.33 3.57 22.32
C LEU C 132 26.66 3.97 22.89
N THR C 133 26.74 4.00 24.24
CA THR C 133 27.96 4.31 24.93
C THR C 133 28.38 3.15 25.80
N PHE C 134 29.65 2.75 25.64
CA PHE C 134 30.24 1.58 26.25
C PHE C 134 31.20 1.98 27.37
N ALA C 135 31.36 1.07 28.36
CA ALA C 135 32.32 1.27 29.42
C ALA C 135 33.77 1.35 28.98
N ALA C 136 34.08 0.65 27.91
CA ALA C 136 35.37 0.66 27.26
C ALA C 136 35.16 0.65 25.75
N ALA C 137 36.21 0.98 25.00
CA ALA C 137 36.12 0.98 23.58
C ALA C 137 35.56 -0.36 23.12
N PRO C 138 34.51 -0.33 22.29
CA PRO C 138 33.86 -1.56 21.90
C PRO C 138 34.48 -2.27 20.74
N ASP C 139 34.38 -3.60 20.74
CA ASP C 139 34.91 -4.44 19.66
C ASP C 139 33.90 -4.54 18.51
N LEU C 140 33.71 -3.42 17.86
CA LEU C 140 32.74 -3.20 16.78
C LEU C 140 33.39 -2.40 15.67
N ALA C 141 32.95 -2.72 14.44
CA ALA C 141 33.39 -2.02 13.25
C ALA C 141 32.16 -1.62 12.42
N PRO C 142 32.30 -0.59 11.57
CA PRO C 142 31.22 -0.21 10.69
C PRO C 142 30.69 -1.42 9.94
N GLY C 143 29.38 -1.54 9.88
CA GLY C 143 28.76 -2.65 9.21
C GLY C 143 28.36 -3.83 10.11
N ASP C 144 29.00 -3.93 11.27
CA ASP C 144 28.60 -4.93 12.23
C ASP C 144 27.14 -4.64 12.67
N VAL C 145 26.48 -5.68 13.21
CA VAL C 145 25.20 -5.51 13.87
C VAL C 145 25.51 -5.62 15.34
N VAL C 146 25.02 -4.68 16.10
CA VAL C 146 25.10 -4.70 17.57
C VAL C 146 23.73 -5.04 18.09
N ILE C 147 23.68 -5.96 19.07
CA ILE C 147 22.44 -6.43 19.65
C ILE C 147 22.51 -6.25 21.15
N VAL C 148 21.55 -5.58 21.72
CA VAL C 148 21.34 -5.57 23.19
C VAL C 148 20.24 -6.56 23.50
N TYR C 149 20.42 -7.25 24.62
CA TYR C 149 19.59 -8.39 25.00
C TYR C 149 19.39 -8.44 26.53
N ASN C 150 18.11 -8.52 26.94
CA ASN C 150 17.74 -8.64 28.31
C ASN C 150 17.41 -10.13 28.57
N PRO C 151 18.29 -10.84 29.31
CA PRO C 151 18.05 -12.25 29.47
C PRO C 151 16.94 -12.61 30.46
N ALA C 152 16.30 -11.66 31.11
CA ALA C 152 15.22 -12.00 32.00
C ALA C 152 14.03 -12.56 31.23
N ASN C 153 13.48 -13.66 31.74
CA ASN C 153 12.31 -14.29 31.12
C ASN C 153 11.17 -13.31 31.05
N GLY C 154 10.49 -13.30 29.87
CA GLY C 154 9.31 -12.46 29.73
C GLY C 154 9.57 -10.96 29.75
N SER C 155 10.85 -10.53 29.61
CA SER C 155 11.16 -9.12 29.73
C SER C 155 10.60 -8.23 28.60
N TRP C 156 10.20 -8.87 27.50
CA TRP C 156 9.30 -8.23 26.53
C TRP C 156 7.87 -8.43 27.01
N LEU C 157 7.38 -9.66 26.94
CA LEU C 157 6.03 -9.97 27.46
C LEU C 157 6.07 -11.19 28.36
N ALA C 158 5.38 -11.10 29.49
CA ALA C 158 5.41 -12.21 30.46
C ALA C 158 4.66 -13.49 29.97
N ASP C 159 3.87 -13.37 28.91
CA ASP C 159 3.09 -14.52 28.44
C ASP C 159 3.92 -15.76 28.14
N ARG C 160 5.17 -15.55 27.67
N ARG C 160 5.17 -15.56 27.68
CA ARG C 160 6.08 -16.66 27.39
CA ARG C 160 6.06 -16.69 27.38
C ARG C 160 7.48 -16.27 27.79
C ARG C 160 7.46 -16.30 27.77
N ASP C 161 8.17 -17.18 28.47
CA ASP C 161 9.54 -16.91 28.91
C ASP C 161 10.47 -16.41 27.80
N PRO C 162 10.45 -17.03 26.60
CA PRO C 162 11.36 -16.54 25.57
C PRO C 162 10.99 -15.21 24.94
N TYR C 163 9.90 -14.57 25.34
CA TYR C 163 9.58 -13.24 24.89
C TYR C 163 10.41 -12.23 25.67
N ARG C 164 11.66 -12.12 25.26
CA ARG C 164 12.63 -11.28 25.95
C ARG C 164 12.92 -9.98 25.15
N ALA C 165 13.25 -8.93 25.88
CA ALA C 165 13.52 -7.62 25.32
C ALA C 165 14.91 -7.53 24.70
N GLY C 166 15.06 -6.70 23.69
CA GLY C 166 16.32 -6.39 23.08
C GLY C 166 16.11 -5.93 21.65
N GLU C 167 17.21 -5.60 20.96
CA GLU C 167 17.15 -4.89 19.73
C GLU C 167 18.43 -5.00 18.97
N MET C 168 18.33 -4.97 17.65
CA MET C 168 19.45 -4.96 16.72
C MET C 168 19.57 -3.63 16.03
N TRP C 169 20.82 -3.19 15.84
CA TRP C 169 21.10 -2.05 14.96
C TRP C 169 22.36 -2.28 14.19
N LYS C 170 22.42 -1.79 12.97
CA LYS C 170 23.64 -1.78 12.18
C LYS C 170 24.51 -0.61 12.68
N VAL C 171 25.82 -0.83 12.72
CA VAL C 171 26.82 0.13 13.13
C VAL C 171 27.28 1.05 11.97
N HIS C 172 27.15 2.36 12.14
CA HIS C 172 27.68 3.32 11.18
C HIS C 172 29.14 3.62 11.43
N SER C 173 29.49 3.88 12.69
CA SER C 173 30.83 4.33 13.02
C SER C 173 31.03 4.21 14.53
N VAL C 174 32.28 4.22 14.94
CA VAL C 174 32.69 4.20 16.32
C VAL C 174 33.69 5.29 16.59
N SER C 175 33.47 6.04 17.66
CA SER C 175 34.36 7.11 18.08
C SER C 175 34.62 6.96 19.57
N GLY C 176 35.82 6.56 19.95
CA GLY C 176 36.10 6.27 21.36
C GLY C 176 35.20 5.13 21.84
N SER C 177 34.39 5.42 22.85
N SER C 177 34.38 5.39 22.84
CA SER C 177 33.48 4.44 23.38
CA SER C 177 33.46 4.37 23.34
C SER C 177 32.05 4.66 22.96
C SER C 177 32.02 4.62 22.91
N THR C 178 31.83 5.54 21.95
CA THR C 178 30.52 5.85 21.45
C THR C 178 30.30 5.28 20.04
N VAL C 179 29.23 4.52 19.92
CA VAL C 179 28.83 3.87 18.66
C VAL C 179 27.64 4.61 18.07
N THR C 180 27.78 5.06 16.82
CA THR C 180 26.66 5.66 16.07
C THR C 180 25.95 4.55 15.32
N ILE C 181 24.66 4.39 15.61
CA ILE C 181 23.83 3.37 15.00
C ILE C 181 22.90 3.96 13.94
N TYR C 182 22.63 3.16 12.91
CA TYR C 182 21.57 3.51 11.99
C TYR C 182 20.21 3.23 12.65
N GLY C 183 19.21 4.03 12.34
CA GLY C 183 17.88 3.89 12.90
C GLY C 183 17.80 4.53 14.27
N ASN C 184 17.01 3.97 15.16
CA ASN C 184 16.85 4.51 16.47
C ASN C 184 16.31 3.45 17.43
N SER C 185 16.44 3.68 18.73
CA SER C 185 16.01 2.70 19.72
C SER C 185 14.47 2.73 19.97
N SER C 186 13.82 1.59 19.79
CA SER C 186 12.41 1.48 20.12
C SER C 186 12.09 1.52 21.60
N SER C 187 13.10 1.29 22.46
CA SER C 187 12.84 0.98 23.88
C SER C 187 13.95 1.55 24.76
N VAL C 188 13.67 1.49 26.07
CA VAL C 188 14.67 1.78 27.12
C VAL C 188 15.42 0.49 27.40
N TYR C 189 16.76 0.59 27.42
CA TYR C 189 17.64 -0.52 27.82
C TYR C 189 18.57 -0.05 28.89
N LEU C 190 18.36 -0.49 30.12
CA LEU C 190 19.19 -0.01 31.19
C LEU C 190 20.54 -0.70 31.15
N PHE C 191 21.65 0.09 31.32
CA PHE C 191 22.95 -0.46 31.03
C PHE C 191 23.35 -1.65 31.91
N SER C 192 22.82 -1.68 33.12
CA SER C 192 23.14 -2.80 34.05
C SER C 192 22.22 -4.00 33.93
N GLU C 193 21.33 -4.00 32.95
N GLU C 193 21.31 -3.96 32.96
CA GLU C 193 20.41 -5.09 32.77
CA GLU C 193 20.32 -5.03 32.74
C GLU C 193 20.65 -5.92 31.47
C GLU C 193 20.38 -5.75 31.36
N VAL C 194 21.25 -5.28 30.46
CA VAL C 194 21.35 -5.90 29.18
C VAL C 194 22.81 -6.41 28.94
N ASP C 195 22.90 -7.48 28.20
CA ASP C 195 24.13 -7.99 27.65
C ASP C 195 24.23 -7.44 26.19
N VAL C 196 25.44 -7.24 25.70
CA VAL C 196 25.66 -6.68 24.39
C VAL C 196 26.42 -7.70 23.57
N TYR C 197 25.96 -7.89 22.33
CA TYR C 197 26.52 -8.83 21.39
C TYR C 197 26.84 -8.16 20.06
N ARG C 198 27.82 -8.73 19.40
CA ARG C 198 28.16 -8.37 18.03
C ARG C 198 27.79 -9.52 17.12
N MET C 199 26.98 -9.22 16.09
N MET C 199 26.98 -9.23 16.11
CA MET C 199 26.57 -10.21 15.11
CA MET C 199 26.59 -10.19 15.10
C MET C 199 27.25 -9.82 13.78
C MET C 199 27.31 -9.79 13.80
N ARG C 200 28.13 -10.70 13.33
CA ARG C 200 28.80 -10.61 11.99
C ARG C 200 28.10 -11.67 11.22
N GLY C 201 27.03 -11.23 10.53
CA GLY C 201 26.14 -12.15 9.90
C GLY C 201 26.66 -12.62 8.58
N VAL C 202 26.14 -13.75 8.13
CA VAL C 202 26.44 -14.25 6.82
C VAL C 202 25.43 -13.73 5.77
N ARG C 203 25.96 -13.39 4.60
CA ARG C 203 25.13 -13.07 3.48
C ARG C 203 24.78 -14.35 2.78
N VAL C 204 23.52 -14.70 2.76
CA VAL C 204 23.07 -15.97 2.25
C VAL C 204 21.97 -15.70 1.25
N SER C 205 22.04 -16.38 0.12
CA SER C 205 20.98 -16.34 -0.88
C SER C 205 20.54 -17.75 -1.28
N VAL C 206 19.25 -17.90 -1.56
CA VAL C 206 18.69 -19.13 -2.11
C VAL C 206 17.74 -18.76 -3.23
N ASP C 207 17.83 -19.48 -4.34
CA ASP C 207 16.98 -19.19 -5.49
C ASP C 207 16.73 -20.48 -6.26
N GLN C 208 15.46 -20.72 -6.66
CA GLN C 208 15.15 -21.81 -7.58
C GLN C 208 15.48 -23.18 -7.02
N MET C 209 14.92 -23.43 -5.86
CA MET C 209 15.12 -24.68 -5.11
C MET C 209 13.81 -25.06 -4.44
N HIS C 210 13.69 -26.37 -4.22
CA HIS C 210 12.53 -27.03 -3.59
C HIS C 210 13.02 -27.91 -2.45
N PHE C 211 12.46 -27.74 -1.24
CA PHE C 211 12.88 -28.48 -0.09
C PHE C 211 11.75 -29.29 0.49
N SER C 212 12.11 -30.44 1.10
CA SER C 212 11.20 -31.18 1.95
C SER C 212 11.90 -31.47 3.27
N PRO C 213 11.18 -31.35 4.39
CA PRO C 213 11.83 -31.43 5.71
C PRO C 213 11.94 -32.85 6.27
N SER C 214 12.66 -32.97 7.39
CA SER C 214 12.70 -34.17 8.18
C SER C 214 11.28 -34.66 8.46
N ASP C 215 11.07 -35.98 8.38
CA ASP C 215 9.82 -36.54 8.79
C ASP C 215 9.63 -36.61 10.29
N THR C 216 10.71 -36.57 11.05
CA THR C 216 10.70 -36.91 12.48
C THR C 216 11.07 -35.80 13.43
N TYR C 217 11.87 -34.84 12.95
CA TYR C 217 12.43 -33.77 13.77
C TYR C 217 11.88 -32.43 13.29
N ALA C 218 11.31 -31.67 14.20
CA ALA C 218 10.70 -30.38 13.84
C ALA C 218 11.77 -29.30 13.62
N ILE C 219 12.13 -29.14 12.33
CA ILE C 219 13.10 -28.15 11.92
C ILE C 219 12.86 -27.80 10.49
N ALA C 220 13.01 -26.51 10.11
CA ALA C 220 12.86 -26.14 8.72
C ALA C 220 13.91 -26.85 7.90
N PRO C 221 13.61 -27.12 6.59
CA PRO C 221 14.60 -27.78 5.76
C PRO C 221 15.72 -26.85 5.25
N PHE C 222 15.47 -25.54 5.27
CA PHE C 222 16.45 -24.52 4.93
C PHE C 222 16.33 -23.48 6.04
N ARG C 223 17.46 -23.23 6.73
CA ARG C 223 17.47 -22.42 7.91
C ARG C 223 18.69 -21.51 7.89
N VAL C 224 18.47 -20.24 8.18
CA VAL C 224 19.57 -19.29 8.32
C VAL C 224 19.52 -18.71 9.71
N VAL C 225 20.68 -18.71 10.40
CA VAL C 225 20.83 -18.21 11.75
C VAL C 225 21.94 -17.16 11.71
N PHE C 226 21.75 -16.01 12.27
CA PHE C 226 22.78 -14.96 12.24
C PHE C 226 23.15 -14.57 10.81
N GLY C 227 22.11 -14.36 10.02
CA GLY C 227 22.23 -13.81 8.70
C GLY C 227 22.17 -12.29 8.71
N ASP C 228 22.83 -11.66 7.76
CA ASP C 228 22.80 -10.21 7.54
C ASP C 228 22.76 -10.03 6.00
N GLY C 229 21.66 -9.56 5.42
CA GLY C 229 21.59 -9.44 3.96
C GLY C 229 21.17 -10.74 3.32
N VAL C 230 20.15 -11.38 3.89
CA VAL C 230 19.63 -12.67 3.46
C VAL C 230 18.57 -12.43 2.36
N LYS C 231 18.71 -13.20 1.29
CA LYS C 231 17.92 -13.07 0.07
C LYS C 231 17.31 -14.42 -0.25
N VAL C 232 15.96 -14.50 -0.29
CA VAL C 232 15.24 -15.72 -0.59
C VAL C 232 14.31 -15.41 -1.76
N SER C 233 14.39 -16.16 -2.84
CA SER C 233 13.50 -15.99 -3.96
C SER C 233 13.17 -17.32 -4.61
N ASN C 234 11.99 -17.44 -5.22
CA ASN C 234 11.70 -18.58 -6.08
C ASN C 234 11.99 -19.90 -5.34
N TYR C 235 11.40 -19.96 -4.18
CA TYR C 235 11.66 -20.98 -3.22
C TYR C 235 10.35 -21.78 -2.99
N TYR C 236 10.50 -23.12 -3.03
CA TYR C 236 9.38 -24.03 -2.88
C TYR C 236 9.62 -25.02 -1.76
N ALA C 237 8.51 -25.46 -1.16
CA ALA C 237 8.53 -26.59 -0.22
C ALA C 237 7.45 -27.59 -0.57
N SER C 238 7.66 -28.85 -0.18
CA SER C 238 6.63 -29.84 -0.21
C SER C 238 6.82 -30.84 0.92
N ASP C 239 5.77 -31.62 1.19
CA ASP C 239 5.79 -32.64 2.23
C ASP C 239 6.21 -32.00 3.57
N VAL C 240 5.65 -30.80 3.83
CA VAL C 240 5.82 -30.16 5.12
C VAL C 240 4.73 -30.73 6.06
N THR C 241 5.07 -31.87 6.63
CA THR C 241 4.12 -32.70 7.32
C THR C 241 4.27 -32.66 8.87
N ARG C 242 5.22 -31.83 9.37
CA ARG C 242 5.48 -31.70 10.78
C ARG C 242 5.54 -30.29 11.33
N TYR C 243 6.28 -29.41 10.67
CA TYR C 243 6.62 -28.09 11.24
C TYR C 243 6.55 -26.96 10.23
N THR C 244 7.63 -26.73 9.49
CA THR C 244 7.70 -25.58 8.59
C THR C 244 8.54 -25.80 7.38
N GLY C 245 8.28 -24.99 6.36
CA GLY C 245 9.02 -25.06 5.09
C GLY C 245 10.27 -24.23 4.93
N LEU C 246 10.46 -23.26 5.82
CA LEU C 246 11.55 -22.27 5.69
C LEU C 246 11.64 -21.53 7.05
N GLU C 247 12.85 -21.29 7.55
CA GLU C 247 13.01 -20.46 8.70
C GLU C 247 14.23 -19.59 8.68
N VAL C 248 14.06 -18.34 9.03
CA VAL C 248 15.17 -17.44 9.33
C VAL C 248 15.07 -17.00 10.78
N GLU C 249 16.23 -17.05 11.46
CA GLU C 249 16.28 -16.82 12.86
C GLU C 249 17.41 -15.90 13.27
N ARG C 250 17.14 -14.89 14.08
CA ARG C 250 18.15 -13.98 14.62
C ARG C 250 19.00 -13.42 13.45
N CYS C 251 18.29 -12.94 12.42
CA CYS C 251 18.83 -12.31 11.26
C CYS C 251 18.43 -10.81 11.19
N PHE C 252 19.25 -10.06 10.46
CA PHE C 252 19.06 -8.65 10.17
C PHE C 252 19.06 -8.45 8.67
N ASP C 253 18.09 -7.73 8.13
CA ASP C 253 18.05 -7.40 6.68
C ASP C 253 17.77 -8.72 5.89
N VAL C 254 16.49 -9.11 5.85
CA VAL C 254 16.04 -10.31 5.21
C VAL C 254 14.96 -9.92 4.16
N SER C 255 15.11 -10.40 2.93
N SER C 255 15.12 -10.42 2.95
CA SER C 255 14.16 -10.14 1.83
CA SER C 255 14.18 -10.21 1.87
C SER C 255 13.70 -11.48 1.28
C SER C 255 13.71 -11.58 1.41
N ILE C 256 12.37 -11.73 1.34
CA ILE C 256 11.76 -12.96 0.90
C ILE C 256 10.73 -12.64 -0.15
N ASN C 257 10.95 -13.09 -1.38
N ASN C 257 10.94 -13.20 -1.34
CA ASN C 257 9.89 -12.90 -2.34
CA ASN C 257 10.20 -12.80 -2.50
C ASN C 257 9.69 -14.10 -3.24
C ASN C 257 9.74 -14.07 -3.30
N ALA C 258 8.49 -14.12 -3.81
CA ALA C 258 8.08 -15.14 -4.74
C ALA C 258 8.28 -16.54 -4.19
N VAL C 259 7.96 -16.71 -2.92
CA VAL C 259 8.02 -18.01 -2.27
C VAL C 259 6.70 -18.73 -2.46
N SER C 260 6.77 -20.08 -2.55
CA SER C 260 5.60 -20.97 -2.55
C SER C 260 5.87 -22.12 -1.57
N SER C 261 5.66 -21.87 -0.26
CA SER C 261 6.08 -22.82 0.77
C SER C 261 4.93 -23.23 1.63
N PRO C 262 4.16 -24.24 1.18
CA PRO C 262 2.94 -24.66 1.93
C PRO C 262 3.30 -25.61 3.08
N ASN C 263 2.62 -25.46 4.19
CA ASN C 263 2.60 -26.41 5.27
C ASN C 263 1.30 -27.21 5.18
N ARG C 264 1.38 -28.49 5.53
CA ARG C 264 0.19 -29.35 5.59
C ARG C 264 0.23 -30.34 6.74
N SER C 265 0.75 -29.90 7.86
CA SER C 265 0.89 -30.76 9.01
C SER C 265 -0.31 -30.82 9.96
N PRO C 266 -0.42 -31.89 10.76
CA PRO C 266 -1.53 -31.96 11.73
C PRO C 266 -1.51 -30.80 12.72
N ALA C 267 -2.67 -30.27 13.05
CA ALA C 267 -2.80 -29.15 13.93
C ALA C 267 -2.51 -29.58 15.35
N VAL C 268 -1.30 -29.25 15.84
CA VAL C 268 -0.88 -29.67 17.17
C VAL C 268 -0.27 -28.49 17.93
N ASN C 269 0.89 -28.05 17.48
CA ASN C 269 1.70 -27.08 18.22
C ASN C 269 2.27 -25.87 17.41
N ASP C 270 2.24 -25.95 16.07
CA ASP C 270 2.84 -24.88 15.33
C ASP C 270 2.20 -24.82 13.95
N GLU C 271 2.74 -25.56 13.01
CA GLU C 271 2.24 -25.75 11.63
C GLU C 271 2.29 -24.45 10.83
N TYR C 272 3.51 -24.16 10.40
CA TYR C 272 3.84 -22.89 9.81
C TYR C 272 4.30 -23.02 8.37
N GLY C 273 3.82 -22.17 7.48
CA GLY C 273 4.34 -22.17 6.11
C GLY C 273 5.77 -21.72 5.94
N ILE C 274 6.01 -20.47 6.31
CA ILE C 274 7.32 -19.94 6.47
C ILE C 274 7.37 -19.31 7.89
N THR C 275 8.57 -19.31 8.47
CA THR C 275 8.77 -18.85 9.82
C THR C 275 9.90 -17.84 9.95
N ILE C 276 9.59 -16.70 10.58
N ILE C 276 9.57 -16.68 10.53
CA ILE C 276 10.56 -15.66 10.83
CA ILE C 276 10.53 -15.60 10.84
C ILE C 276 10.64 -15.51 12.34
C ILE C 276 10.62 -15.56 12.36
N SER C 277 11.81 -15.82 12.90
CA SER C 277 12.02 -15.90 14.34
C SER C 277 13.06 -14.91 14.83
N ASN C 278 12.66 -13.94 15.60
CA ASN C 278 13.59 -13.01 16.24
C ASN C 278 14.49 -12.30 15.19
N CYS C 279 13.85 -11.74 14.17
CA CYS C 279 14.53 -11.00 13.14
C CYS C 279 14.21 -9.49 13.16
N HIS C 280 15.08 -8.68 12.53
CA HIS C 280 14.86 -7.24 12.36
C HIS C 280 15.05 -6.86 10.91
N ASN C 281 14.23 -5.91 10.42
CA ASN C 281 14.34 -5.36 9.03
C ASN C 281 14.12 -6.44 8.00
N PHE C 282 12.96 -7.06 8.09
CA PHE C 282 12.57 -8.12 7.16
C PHE C 282 11.41 -7.72 6.29
N SER C 283 11.38 -8.30 5.09
CA SER C 283 10.32 -8.07 4.12
C SER C 283 9.92 -9.42 3.53
N VAL C 284 8.61 -9.62 3.41
CA VAL C 284 8.05 -10.79 2.78
C VAL C 284 6.99 -10.32 1.80
N TYR C 285 7.17 -10.59 0.50
CA TYR C 285 6.31 -10.03 -0.53
C TYR C 285 6.19 -10.95 -1.71
N GLY C 286 5.18 -10.66 -2.53
CA GLY C 286 5.10 -11.27 -3.87
C GLY C 286 4.90 -12.77 -3.96
N GLY C 287 4.28 -13.37 -2.95
CA GLY C 287 4.23 -14.81 -2.86
C GLY C 287 2.91 -15.36 -2.38
N TYR C 288 2.93 -16.68 -2.21
CA TYR C 288 1.79 -17.50 -1.83
C TYR C 288 2.25 -18.35 -0.66
N ALA C 289 1.61 -18.12 0.46
CA ALA C 289 1.87 -18.82 1.69
C ALA C 289 0.61 -19.56 2.15
N ALA C 290 0.76 -20.80 2.56
CA ALA C 290 -0.33 -21.66 2.99
C ALA C 290 0.07 -22.55 4.14
N ALA C 291 -0.86 -22.81 5.05
CA ALA C 291 -0.54 -23.70 6.16
C ALA C 291 -1.77 -24.21 6.84
N THR C 292 -1.58 -25.23 7.68
CA THR C 292 -2.65 -25.67 8.57
C THR C 292 -3.05 -24.55 9.53
N ARG C 293 -2.04 -23.91 10.19
CA ARG C 293 -2.28 -22.87 11.16
C ARG C 293 -1.82 -21.51 10.68
N HIS C 294 -0.51 -21.26 10.60
CA HIS C 294 0.03 -19.95 10.21
C HIS C 294 0.83 -20.03 8.91
N ALA C 295 0.25 -19.51 7.84
CA ALA C 295 0.94 -19.48 6.57
C ALA C 295 2.22 -18.68 6.67
N VAL C 296 2.13 -17.53 7.30
CA VAL C 296 3.30 -16.76 7.70
C VAL C 296 3.29 -16.73 9.21
N ALA C 297 4.38 -17.26 9.79
CA ALA C 297 4.54 -17.36 11.25
C ALA C 297 5.66 -16.40 11.71
N LEU C 298 5.39 -15.56 12.69
CA LEU C 298 6.30 -14.58 13.22
C LEU C 298 6.48 -14.94 14.68
N GLY C 299 7.54 -15.69 14.96
CA GLY C 299 7.70 -16.29 16.26
C GLY C 299 9.03 -16.00 16.89
N GLY C 300 9.43 -16.89 17.77
CA GLY C 300 10.64 -16.76 18.47
C GLY C 300 11.12 -18.07 19.02
N MET C 301 12.41 -18.10 19.25
N MET C 301 12.44 -18.15 19.16
CA MET C 301 13.02 -19.25 19.89
CA MET C 301 13.11 -19.28 19.82
C MET C 301 13.65 -18.85 21.22
C MET C 301 13.66 -18.86 21.20
N ASP C 302 14.22 -19.82 21.94
CA ASP C 302 14.73 -19.56 23.27
C ASP C 302 16.27 -19.75 23.23
N ALA C 303 16.98 -18.65 23.11
CA ALA C 303 18.44 -18.62 23.00
C ALA C 303 18.88 -17.17 23.19
N VAL C 304 20.17 -16.95 23.38
CA VAL C 304 20.67 -15.60 23.56
C VAL C 304 20.30 -14.76 22.33
N CYS C 305 20.01 -13.48 22.58
CA CYS C 305 19.63 -12.59 21.53
C CYS C 305 18.33 -13.00 20.78
N CYS C 306 17.46 -13.70 21.44
N CYS C 306 17.44 -13.74 21.41
CA CYS C 306 16.10 -13.99 20.96
CA CYS C 306 16.15 -13.98 20.75
C CYS C 306 15.17 -12.78 21.17
C CYS C 306 15.19 -12.83 21.09
N VAL C 307 15.53 -11.68 20.50
CA VAL C 307 14.87 -10.40 20.65
C VAL C 307 13.58 -10.37 19.82
N PRO C 308 12.72 -9.39 20.07
CA PRO C 308 11.43 -9.37 19.30
C PRO C 308 11.67 -9.30 17.78
N ASN C 309 10.76 -9.87 17.02
CA ASN C 309 10.65 -9.49 15.66
C ASN C 309 10.32 -7.99 15.63
N ARG C 310 11.05 -7.23 14.78
CA ARG C 310 10.87 -5.81 14.76
C ARG C 310 11.17 -5.26 13.38
N ASN C 311 10.38 -4.25 12.96
CA ASN C 311 10.58 -3.57 11.70
C ASN C 311 10.43 -4.53 10.54
N GLY C 312 9.23 -5.11 10.44
CA GLY C 312 8.85 -6.11 9.50
C GLY C 312 7.73 -5.60 8.60
N LEU C 313 7.87 -5.90 7.30
CA LEU C 313 6.93 -5.51 6.28
C LEU C 313 6.54 -6.74 5.49
N ILE C 314 5.29 -7.13 5.63
CA ILE C 314 4.72 -8.25 4.90
C ILE C 314 3.66 -7.68 3.98
N TYR C 315 3.84 -7.82 2.66
CA TYR C 315 2.99 -7.09 1.71
C TYR C 315 2.78 -7.81 0.43
N GLY C 316 1.62 -7.62 -0.20
CA GLY C 316 1.38 -8.18 -1.50
C GLY C 316 1.39 -9.69 -1.52
N MET C 317 0.94 -10.29 -0.43
CA MET C 317 0.92 -11.72 -0.21
C MET C 317 -0.48 -12.33 -0.24
N HIS C 318 -0.54 -13.57 -0.79
CA HIS C 318 -1.75 -14.42 -0.73
C HIS C 318 -1.51 -15.38 0.43
N ILE C 319 -2.31 -15.25 1.51
CA ILE C 319 -2.04 -15.96 2.77
C ILE C 319 -3.28 -16.84 3.06
N GLU C 320 -3.09 -18.16 2.98
CA GLU C 320 -4.17 -19.12 3.18
C GLU C 320 -3.96 -20.10 4.31
N GLY C 321 -5.04 -20.42 4.98
CA GLY C 321 -5.06 -21.51 5.96
C GLY C 321 -6.23 -22.44 5.72
N ILE C 322 -6.50 -23.29 6.70
CA ILE C 322 -7.59 -24.23 6.66
C ILE C 322 -8.44 -24.13 7.94
N ASP C 323 -9.66 -24.66 7.85
N ASP C 323 -9.66 -24.66 7.84
CA ASP C 323 -10.51 -24.81 8.99
CA ASP C 323 -10.48 -24.79 8.99
C ASP C 323 -9.94 -25.89 9.89
C ASP C 323 -9.96 -25.89 9.90
N ILE C 324 -9.84 -25.61 11.20
CA ILE C 324 -9.40 -26.60 12.21
C ILE C 324 -10.36 -26.43 13.38
N ASP C 325 -10.19 -27.27 14.40
N ASP C 325 -10.21 -27.26 14.40
CA ASP C 325 -11.04 -27.18 15.62
CA ASP C 325 -11.11 -27.20 15.57
C ASP C 325 -10.74 -25.89 16.38
C ASP C 325 -10.83 -25.90 16.36
N SER C 326 -9.46 -25.63 16.67
N SER C 326 -9.55 -25.67 16.66
CA SER C 326 -9.06 -24.42 17.37
CA SER C 326 -9.11 -24.43 17.35
C SER C 326 -8.66 -23.36 16.36
C SER C 326 -8.67 -23.39 16.35
N ASP C 327 -9.65 -22.79 15.67
CA ASP C 327 -9.42 -21.88 14.60
C ASP C 327 -8.47 -20.76 14.97
N ILE C 328 -7.58 -20.42 14.02
N ILE C 328 -7.55 -20.43 14.05
CA ILE C 328 -6.60 -19.38 14.24
CA ILE C 328 -6.59 -19.35 14.28
C ILE C 328 -6.25 -18.73 12.94
C ILE C 328 -6.24 -18.73 12.96
N GLY C 329 -5.87 -17.47 13.01
CA GLY C 329 -5.58 -16.75 11.80
C GLY C 329 -4.33 -17.24 11.03
N ALA C 330 -4.41 -17.22 9.72
CA ALA C 330 -3.38 -17.65 8.82
C ALA C 330 -2.17 -16.68 8.76
N GLY C 331 -2.39 -15.39 9.03
CA GLY C 331 -1.33 -14.39 9.13
C GLY C 331 -1.04 -14.18 10.62
N ASP C 332 0.08 -14.73 11.10
CA ASP C 332 0.44 -14.67 12.47
C ASP C 332 1.15 -13.42 12.93
N MET C 333 1.16 -13.21 14.21
CA MET C 333 2.09 -12.30 14.88
C MET C 333 2.12 -12.75 16.34
N HIS C 334 3.19 -13.44 16.74
CA HIS C 334 3.34 -13.80 18.14
C HIS C 334 3.55 -12.51 18.98
N GLY C 335 3.41 -12.57 20.29
CA GLY C 335 3.51 -11.39 21.11
C GLY C 335 4.87 -10.74 21.12
N ASN C 336 5.94 -11.48 20.76
CA ASN C 336 7.24 -10.86 20.62
C ASN C 336 7.47 -10.11 19.29
N ALA C 337 6.63 -9.12 19.08
CA ALA C 337 6.55 -8.38 17.84
C ALA C 337 6.48 -6.88 18.17
N ASP C 338 7.20 -6.07 17.38
CA ASP C 338 7.18 -4.62 17.53
C ASP C 338 7.29 -4.02 16.12
N LYS C 339 6.37 -3.14 15.76
CA LYS C 339 6.48 -2.45 14.50
C LYS C 339 6.44 -3.42 13.32
N ILE C 340 5.52 -4.37 13.38
CA ILE C 340 5.24 -5.26 12.27
C ILE C 340 4.01 -4.78 11.56
N THR C 341 4.11 -4.71 10.24
CA THR C 341 3.02 -4.19 9.37
C THR C 341 2.72 -5.15 8.23
N TYR C 342 1.46 -5.60 8.16
CA TYR C 342 0.92 -6.29 7.02
C TYR C 342 0.25 -5.23 6.14
N ASP C 343 0.51 -5.29 4.83
CA ASP C 343 -0.07 -4.29 3.94
C ASP C 343 -0.47 -4.96 2.61
N ASN C 344 -1.68 -4.72 2.09
CA ASN C 344 -2.07 -5.19 0.79
C ASN C 344 -1.91 -6.72 0.68
N CYS C 345 -2.44 -7.44 1.66
CA CYS C 345 -2.47 -8.90 1.67
C CYS C 345 -3.92 -9.43 1.62
N GLU C 346 -4.03 -10.71 1.26
CA GLU C 346 -5.27 -11.45 1.38
C GLU C 346 -5.09 -12.47 2.51
N PHE C 347 -6.05 -12.57 3.43
CA PHE C 347 -5.99 -13.52 4.54
C PHE C 347 -7.23 -14.40 4.47
N ARG C 348 -7.02 -15.64 4.03
CA ARG C 348 -8.10 -16.62 3.91
C ARG C 348 -7.73 -17.86 4.76
N ASN C 349 -7.82 -17.74 6.06
CA ASN C 349 -8.59 -16.76 6.80
C ASN C 349 -7.85 -16.27 8.05
N GLY C 350 -8.01 -14.99 8.33
CA GLY C 350 -7.66 -14.38 9.58
C GLY C 350 -6.27 -13.78 9.69
N VAL C 351 -6.16 -12.72 10.50
CA VAL C 351 -4.89 -12.11 10.82
C VAL C 351 -4.83 -11.95 12.33
N ILE C 352 -3.61 -11.93 12.85
CA ILE C 352 -3.32 -11.70 14.28
C ILE C 352 -2.50 -10.42 14.44
N LEU C 353 -2.91 -9.56 15.33
CA LEU C 353 -2.13 -8.39 15.76
C LEU C 353 -1.81 -8.62 17.21
N GLN C 354 -0.50 -8.67 17.51
CA GLN C 354 0.00 -8.85 18.88
C GLN C 354 1.28 -8.07 19.06
N GLY C 355 1.80 -8.06 20.31
CA GLY C 355 2.98 -7.25 20.57
C GLY C 355 2.70 -5.79 20.68
N ARG C 356 3.63 -4.95 20.18
CA ARG C 356 3.52 -3.52 20.22
C ARG C 356 3.42 -2.97 18.82
N ASP C 357 2.64 -1.92 18.61
CA ASP C 357 2.78 -1.18 17.34
C ASP C 357 2.56 -2.09 16.12
N ALA C 358 1.44 -2.81 16.14
CA ALA C 358 1.05 -3.78 15.15
C ALA C 358 0.09 -3.09 14.15
N THR C 359 0.24 -3.40 12.86
CA THR C 359 -0.55 -2.75 11.82
C THR C 359 -1.00 -3.73 10.74
N VAL C 360 -2.25 -3.55 10.31
CA VAL C 360 -2.71 -4.16 9.07
C VAL C 360 -3.49 -3.10 8.27
N ARG C 361 -3.06 -2.92 7.02
CA ARG C 361 -3.74 -1.98 6.10
C ARG C 361 -4.01 -2.58 4.77
N ASN C 362 -4.99 -2.02 4.06
CA ASN C 362 -5.16 -2.22 2.64
C ASN C 362 -5.39 -3.68 2.24
N SER C 363 -5.97 -4.48 3.15
CA SER C 363 -6.05 -5.91 3.03
C SER C 363 -7.47 -6.43 2.93
N THR C 364 -7.62 -7.63 2.39
CA THR C 364 -8.88 -8.37 2.40
C THR C 364 -8.74 -9.45 3.44
N ILE C 365 -9.61 -9.42 4.50
CA ILE C 365 -9.38 -10.22 5.70
C ILE C 365 -10.64 -11.02 6.02
N TYR C 366 -10.54 -12.34 6.02
CA TYR C 366 -11.64 -13.21 6.33
C TYR C 366 -11.65 -13.63 7.80
N GLY C 367 -12.85 -13.71 8.37
CA GLY C 367 -12.98 -14.32 9.69
C GLY C 367 -12.63 -15.79 9.70
N VAL C 368 -12.01 -16.24 10.77
CA VAL C 368 -11.74 -17.65 10.93
C VAL C 368 -13.07 -18.43 11.06
N SER C 369 -12.98 -19.73 10.80
N SER C 369 -13.02 -19.73 10.75
CA SER C 369 -14.15 -20.59 10.81
CA SER C 369 -14.23 -20.56 10.72
C SER C 369 -14.44 -21.15 12.19
C SER C 369 -14.63 -21.11 12.12
N SER C 370 -14.60 -20.22 13.12
CA SER C 370 -15.11 -20.45 14.45
C SER C 370 -16.54 -19.97 14.51
N VAL C 371 -17.22 -20.21 15.63
CA VAL C 371 -18.58 -19.69 15.77
C VAL C 371 -18.60 -18.16 15.70
N SER C 372 -17.62 -17.52 16.32
CA SER C 372 -17.57 -16.05 16.31
C SER C 372 -17.12 -15.46 14.96
N GLY C 373 -16.27 -16.16 14.25
CA GLY C 373 -15.74 -15.64 13.03
C GLY C 373 -14.83 -14.45 13.15
N GLU C 374 -13.99 -14.41 14.21
CA GLU C 374 -13.06 -13.33 14.41
C GLU C 374 -12.04 -13.29 13.24
N ALA C 375 -11.92 -12.11 12.67
CA ALA C 375 -11.05 -11.89 11.53
C ALA C 375 -9.71 -11.28 11.93
N LEU C 376 -9.69 -10.55 13.02
CA LEU C 376 -8.44 -9.97 13.54
C LEU C 376 -8.49 -10.20 15.04
N TYR C 377 -7.46 -10.88 15.59
CA TYR C 377 -7.47 -11.30 16.98
C TYR C 377 -6.10 -11.07 17.62
N GLY C 378 -6.09 -10.73 18.89
CA GLY C 378 -4.84 -10.68 19.63
C GLY C 378 -5.09 -10.62 21.13
N THR C 379 -4.25 -11.36 21.88
CA THR C 379 -4.26 -11.37 23.31
C THR C 379 -2.91 -11.03 23.99
N GLU C 380 -1.81 -11.35 23.30
CA GLU C 380 -0.47 -11.16 23.78
C GLU C 380 -0.10 -9.72 23.41
N VAL C 381 -0.66 -8.79 24.14
CA VAL C 381 -0.67 -7.38 23.75
C VAL C 381 0.26 -6.57 24.67
N TYR C 382 1.34 -6.03 24.06
CA TYR C 382 2.25 -5.17 24.82
C TYR C 382 1.68 -3.82 25.08
N GLY C 383 1.08 -3.25 24.02
CA GLY C 383 0.52 -1.92 23.99
C GLY C 383 0.96 -1.14 22.77
N GLY C 384 1.05 0.14 22.89
CA GLY C 384 1.32 1.00 21.76
C GLY C 384 0.07 1.10 20.89
N THR C 385 0.30 1.26 19.59
CA THR C 385 -0.76 1.58 18.67
C THR C 385 -1.05 0.43 17.74
N TYR C 386 -2.29 -0.05 17.72
CA TYR C 386 -2.71 -1.08 16.80
C TYR C 386 -3.53 -0.39 15.73
N THR C 387 -2.99 -0.40 14.49
CA THR C 387 -3.58 0.36 13.40
C THR C 387 -4.25 -0.59 12.43
N ILE C 388 -5.52 -0.31 12.11
CA ILE C 388 -6.34 -1.17 11.26
C ILE C 388 -6.99 -0.20 10.28
N GLU C 389 -6.47 -0.14 9.06
CA GLU C 389 -6.94 0.89 8.12
C GLU C 389 -7.11 0.39 6.71
N ASN C 390 -8.17 0.84 6.05
N ASN C 390 -8.19 0.82 6.06
CA ASN C 390 -8.40 0.50 4.65
CA ASN C 390 -8.44 0.48 4.67
C ASN C 390 -8.51 -0.97 4.31
C ASN C 390 -8.50 -0.98 4.33
N ASN C 391 -9.12 -1.72 5.24
CA ASN C 391 -9.32 -3.14 5.03
C ASN C 391 -10.77 -3.43 4.67
N ARG C 392 -10.97 -4.58 4.04
CA ARG C 392 -12.28 -5.14 3.78
C ARG C 392 -12.33 -6.48 4.51
N PHE C 393 -13.18 -6.55 5.50
CA PHE C 393 -13.38 -7.72 6.36
C PHE C 393 -14.60 -8.49 5.88
N ILE C 394 -14.51 -9.81 5.83
CA ILE C 394 -15.65 -10.69 5.52
C ILE C 394 -15.68 -11.79 6.58
N SER C 395 -16.79 -11.95 7.27
CA SER C 395 -16.93 -13.03 8.22
C SER C 395 -18.30 -13.68 8.11
N TYR C 396 -18.31 -14.99 8.30
CA TYR C 396 -19.53 -15.79 8.36
C TYR C 396 -19.95 -16.12 9.79
N GLY C 397 -19.16 -15.67 10.76
CA GLY C 397 -19.48 -15.86 12.15
C GLY C 397 -20.45 -14.86 12.71
N ASN C 398 -20.73 -14.97 14.02
CA ASN C 398 -21.66 -14.13 14.71
C ASN C 398 -21.08 -13.00 15.56
N GLY C 399 -19.74 -12.97 15.70
CA GLY C 399 -19.09 -11.90 16.46
C GLY C 399 -19.61 -11.75 17.88
N ALA C 400 -20.11 -12.86 18.50
CA ALA C 400 -20.80 -12.73 19.75
C ALA C 400 -19.89 -12.93 20.97
N SER C 401 -19.23 -14.08 21.08
CA SER C 401 -18.33 -14.29 22.21
C SER C 401 -16.99 -13.59 22.02
N PHE C 402 -16.57 -13.49 20.76
CA PHE C 402 -15.40 -12.75 20.31
C PHE C 402 -15.83 -11.86 19.16
N GLY C 403 -15.33 -10.63 19.15
CA GLY C 403 -15.69 -9.70 18.12
C GLY C 403 -15.07 -10.04 16.74
N ILE C 404 -15.59 -9.41 15.68
CA ILE C 404 -14.99 -9.56 14.37
C ILE C 404 -13.52 -9.05 14.40
N ILE C 405 -13.31 -7.94 15.05
CA ILE C 405 -12.02 -7.52 15.55
C ILE C 405 -12.07 -7.76 17.05
N HIS C 406 -11.11 -8.53 17.60
CA HIS C 406 -11.13 -8.87 19.02
C HIS C 406 -9.73 -8.67 19.59
N ILE C 407 -9.56 -7.64 20.41
N ILE C 407 -9.56 -7.67 20.44
CA ILE C 407 -8.28 -7.32 21.01
CA ILE C 407 -8.28 -7.32 20.99
C ILE C 407 -8.47 -7.38 22.51
C ILE C 407 -8.45 -7.35 22.51
N SER C 408 -7.64 -8.21 23.17
CA SER C 408 -7.86 -8.56 24.55
C SER C 408 -6.54 -8.63 25.34
N PRO C 409 -6.01 -7.49 25.73
CA PRO C 409 -4.78 -7.46 26.55
C PRO C 409 -5.03 -7.99 27.95
N GLY C 410 -3.99 -8.52 28.57
CA GLY C 410 -4.06 -9.04 29.92
C GLY C 410 -3.11 -8.37 30.87
N THR C 411 -2.78 -9.10 31.94
CA THR C 411 -1.90 -8.56 32.92
C THR C 411 -0.49 -8.24 32.41
N SER C 412 -0.12 -8.86 31.27
CA SER C 412 1.22 -8.67 30.72
C SER C 412 1.42 -7.35 30.00
N GLN C 413 0.34 -6.62 29.75
CA GLN C 413 0.41 -5.35 29.03
C GLN C 413 1.41 -4.42 29.75
N ARG C 414 2.32 -3.78 28.99
CA ARG C 414 3.36 -2.90 29.50
C ARG C 414 3.19 -1.41 29.22
N GLU C 415 2.42 -1.06 28.16
CA GLU C 415 2.17 0.32 27.79
C GLU C 415 0.72 0.51 27.44
N ALA C 416 0.22 1.74 27.54
CA ALA C 416 -1.13 2.06 27.12
C ALA C 416 -1.30 1.57 25.70
N LEU C 417 -2.51 1.11 25.43
CA LEU C 417 -2.95 0.63 24.11
C LEU C 417 -3.87 1.65 23.47
N LEU C 418 -3.63 1.90 22.19
CA LEU C 418 -4.49 2.68 21.36
C LEU C 418 -4.85 1.86 20.12
N ILE C 419 -6.14 1.63 19.92
CA ILE C 419 -6.62 0.95 18.72
C ILE C 419 -7.20 2.01 17.80
N ILE C 420 -6.58 2.14 16.62
N ILE C 420 -6.66 2.08 16.61
CA ILE C 420 -6.96 3.04 15.49
CA ILE C 420 -7.15 3.02 15.65
C ILE C 420 -7.62 2.17 14.42
C ILE C 420 -7.60 2.29 14.38
N ALA C 421 -8.89 2.37 14.15
CA ALA C 421 -9.60 1.60 13.13
C ALA C 421 -10.31 2.60 12.22
N ARG C 422 -9.68 2.90 11.09
CA ARG C 422 -10.18 3.93 10.23
C ARG C 422 -10.38 3.43 8.80
N ASN C 423 -11.57 3.68 8.25
CA ASN C 423 -11.99 3.30 6.92
C ASN C 423 -11.83 1.83 6.66
N ASN C 424 -12.68 1.05 7.35
CA ASN C 424 -12.79 -0.35 7.15
C ASN C 424 -14.25 -0.70 6.74
N THR C 425 -14.39 -1.79 6.00
CA THR C 425 -15.67 -2.33 5.62
C THR C 425 -15.83 -3.72 6.19
N PHE C 426 -17.06 -4.09 6.59
CA PHE C 426 -17.30 -5.39 7.31
C PHE C 426 -18.49 -6.03 6.68
N GLU C 427 -18.28 -7.16 6.07
CA GLU C 427 -19.31 -7.92 5.38
C GLU C 427 -19.73 -9.06 6.28
N LEU C 428 -20.91 -8.94 6.91
CA LEU C 428 -21.35 -9.80 8.03
C LEU C 428 -22.74 -10.40 7.77
N PRO C 429 -22.83 -11.32 6.80
CA PRO C 429 -24.16 -11.84 6.41
C PRO C 429 -24.86 -12.61 7.50
N ASN C 430 -24.13 -13.13 8.48
CA ASN C 430 -24.72 -13.90 9.54
C ASN C 430 -24.69 -13.17 10.92
N ALA C 431 -24.59 -11.84 10.87
CA ALA C 431 -24.69 -11.04 12.05
C ALA C 431 -26.06 -11.27 12.75
N THR C 432 -26.02 -11.14 14.09
CA THR C 432 -27.14 -11.30 14.94
C THR C 432 -27.23 -10.12 15.94
N GLY C 433 -28.25 -10.14 16.79
CA GLY C 433 -28.34 -9.15 17.85
C GLY C 433 -27.28 -9.21 18.92
N SER C 434 -26.39 -10.21 18.83
CA SER C 434 -25.24 -10.34 19.73
C SER C 434 -23.91 -9.95 19.07
N THR C 435 -23.95 -9.55 17.80
CA THR C 435 -22.70 -9.26 17.11
C THR C 435 -22.07 -7.95 17.58
N LYS C 436 -20.75 -8.05 17.79
CA LYS C 436 -19.91 -6.91 18.20
C LYS C 436 -18.82 -6.74 17.14
N VAL C 437 -18.82 -5.63 16.44
CA VAL C 437 -17.91 -5.51 15.28
C VAL C 437 -16.42 -5.42 15.82
N LEU C 438 -16.16 -4.53 16.77
CA LEU C 438 -14.88 -4.38 17.41
C LEU C 438 -15.13 -4.58 18.90
N PHE C 439 -14.44 -5.60 19.44
CA PHE C 439 -14.58 -6.01 20.85
C PHE C 439 -13.20 -5.79 21.51
N LEU C 440 -13.13 -4.80 22.40
CA LEU C 440 -11.99 -4.54 23.25
C LEU C 440 -12.35 -5.16 24.62
N ARG C 441 -11.55 -6.15 25.03
CA ARG C 441 -11.79 -6.88 26.29
C ARG C 441 -10.51 -6.94 27.12
N GLY C 442 -10.32 -6.00 28.03
CA GLY C 442 -9.21 -6.15 28.96
C GLY C 442 -9.44 -7.39 29.82
N ARG C 443 -8.33 -8.03 30.25
CA ARG C 443 -8.38 -9.16 31.20
C ARG C 443 -7.54 -8.81 32.36
N ASN C 444 -8.11 -8.02 33.24
CA ASN C 444 -7.35 -7.38 34.32
C ASN C 444 -6.17 -6.57 33.75
N SER C 445 -6.46 -5.81 32.69
N SER C 445 -6.47 -5.82 32.67
N SER C 445 -6.46 -5.78 32.72
CA SER C 445 -5.43 -5.02 32.03
CA SER C 445 -5.42 -5.02 32.11
CA SER C 445 -5.45 -4.96 32.08
C SER C 445 -4.99 -3.81 32.92
C SER C 445 -4.98 -3.93 33.13
C SER C 445 -5.00 -3.85 33.04
N PRO C 446 -3.67 -3.66 33.19
CA PRO C 446 -3.16 -2.69 34.11
C PRO C 446 -3.06 -1.26 33.66
N LEU C 447 -3.30 -0.99 32.38
CA LEU C 447 -3.03 0.32 31.80
C LEU C 447 -4.13 0.68 30.81
N PRO C 448 -4.26 1.95 30.46
CA PRO C 448 -5.40 2.35 29.61
C PRO C 448 -5.40 1.65 28.26
N CYS C 449 -6.59 1.32 27.79
CA CYS C 449 -6.87 0.87 26.44
C CYS C 449 -7.95 1.77 25.87
N SER C 450 -7.64 2.43 24.76
CA SER C 450 -8.46 3.51 24.15
C SER C 450 -8.64 3.18 22.71
N VAL C 451 -9.74 3.71 22.13
CA VAL C 451 -10.20 3.33 20.77
C VAL C 451 -10.62 4.55 19.99
N ASN C 452 -10.16 4.58 18.73
CA ASN C 452 -10.66 5.52 17.72
C ASN C 452 -11.16 4.77 16.49
N ILE C 453 -12.45 4.59 16.37
CA ILE C 453 -13.12 4.10 15.16
C ILE C 453 -13.59 5.30 14.38
N ASP C 454 -13.18 5.38 13.11
CA ASP C 454 -13.71 6.40 12.22
C ASP C 454 -13.80 5.80 10.82
N GLY C 455 -15.02 5.45 10.41
CA GLY C 455 -15.24 4.82 9.13
C GLY C 455 -15.34 3.37 9.28
N MET C 456 -16.56 2.88 9.54
CA MET C 456 -16.83 1.46 9.85
C MET C 456 -18.15 1.15 9.16
N HIS C 457 -18.03 0.55 7.96
CA HIS C 457 -19.16 0.38 7.09
C HIS C 457 -19.59 -1.09 7.09
N VAL C 458 -20.76 -1.41 7.64
CA VAL C 458 -21.14 -2.81 7.77
C VAL C 458 -22.16 -3.10 6.63
N HIS C 459 -21.83 -4.15 5.85
CA HIS C 459 -22.56 -4.60 4.68
C HIS C 459 -23.16 -5.98 4.95
N MET C 460 -24.41 -6.21 4.47
N MET C 460 -24.41 -6.19 4.49
CA MET C 460 -25.11 -7.49 4.53
CA MET C 460 -25.09 -7.48 4.50
C MET C 460 -25.64 -7.96 5.88
C MET C 460 -25.59 -7.98 5.88
N ALA C 461 -25.46 -7.18 6.94
CA ALA C 461 -26.01 -7.57 8.23
C ALA C 461 -27.50 -7.60 8.19
N PRO C 462 -28.11 -8.73 8.58
CA PRO C 462 -29.57 -8.88 8.35
C PRO C 462 -30.50 -8.35 9.41
N VAL C 463 -29.93 -8.06 10.60
CA VAL C 463 -30.68 -7.58 11.77
C VAL C 463 -29.83 -6.57 12.51
N ALA C 464 -30.43 -5.85 13.47
CA ALA C 464 -29.72 -5.00 14.39
C ALA C 464 -28.64 -5.82 15.08
N MET C 465 -27.44 -5.30 15.16
CA MET C 465 -26.35 -5.92 15.84
C MET C 465 -26.31 -5.42 17.28
N GLN C 466 -25.46 -6.06 18.10
CA GLN C 466 -25.32 -5.59 19.46
C GLN C 466 -24.70 -4.19 19.46
N CYS C 467 -23.63 -4.03 18.70
CA CYS C 467 -22.90 -2.79 18.73
C CYS C 467 -21.78 -2.76 17.71
N PHE C 468 -21.40 -1.55 17.32
CA PHE C 468 -20.13 -1.33 16.57
C PHE C 468 -18.92 -1.57 17.49
N LEU C 469 -18.98 -1.03 18.73
CA LEU C 469 -17.94 -1.19 19.68
C LEU C 469 -18.51 -1.78 20.93
N PHE C 470 -17.82 -2.82 21.42
CA PHE C 470 -17.98 -3.36 22.79
C PHE C 470 -16.68 -3.17 23.50
N ALA C 471 -16.71 -2.55 24.66
CA ALA C 471 -15.49 -2.29 25.42
C ALA C 471 -15.71 -2.57 26.88
N ASP C 472 -14.93 -3.52 27.44
CA ASP C 472 -14.99 -3.81 28.87
C ASP C 472 -13.69 -4.43 29.35
N ASP C 473 -13.66 -4.75 30.65
CA ASP C 473 -12.65 -5.62 31.22
C ASP C 473 -13.41 -6.81 31.81
N GLN C 474 -12.96 -8.03 31.49
CA GLN C 474 -13.66 -9.23 31.87
C GLN C 474 -13.53 -9.51 33.35
N VAL C 475 -12.44 -9.00 33.96
CA VAL C 475 -12.08 -9.31 35.36
C VAL C 475 -12.34 -8.13 36.30
N ALA C 476 -11.85 -6.96 35.87
CA ALA C 476 -11.93 -5.81 36.71
C ALA C 476 -13.36 -5.23 36.72
N ALA C 477 -13.69 -4.44 37.74
CA ALA C 477 -15.00 -3.79 37.84
C ALA C 477 -15.26 -2.73 36.79
N THR C 478 -14.18 -2.14 36.27
CA THR C 478 -14.26 -1.14 35.24
C THR C 478 -13.10 -1.32 34.26
N LEU C 479 -13.31 -0.86 33.04
CA LEU C 479 -12.24 -0.80 32.03
C LEU C 479 -11.47 0.49 32.22
N ASN C 480 -10.15 0.33 32.26
CA ASN C 480 -9.23 1.44 32.28
C ASN C 480 -9.00 1.93 30.87
N SER C 481 -9.43 3.17 30.55
CA SER C 481 -9.34 3.75 29.22
C SER C 481 -9.35 5.25 29.31
N ASN C 482 -8.74 5.89 28.32
CA ASN C 482 -8.78 7.33 28.19
C ASN C 482 -9.90 7.86 27.34
N TYR C 483 -10.37 7.04 26.40
CA TYR C 483 -11.45 7.48 25.47
C TYR C 483 -11.90 6.35 24.57
N LEU C 484 -13.12 6.43 24.16
CA LEU C 484 -13.74 5.59 23.15
C LEU C 484 -14.41 6.48 22.12
N ILE C 485 -13.90 6.49 20.90
CA ILE C 485 -14.45 7.30 19.83
C ILE C 485 -15.07 6.37 18.79
N ILE C 486 -16.34 6.61 18.44
CA ILE C 486 -17.05 5.82 17.51
C ILE C 486 -17.75 6.74 16.47
N ASP C 487 -17.14 6.84 15.30
CA ASP C 487 -17.58 7.80 14.31
C ASP C 487 -17.62 7.15 12.91
N GLY C 488 -18.44 7.72 12.03
CA GLY C 488 -18.46 7.30 10.66
C GLY C 488 -18.91 5.87 10.43
N VAL C 489 -19.94 5.49 11.15
CA VAL C 489 -20.45 4.12 11.03
C VAL C 489 -21.64 4.09 10.08
N TYR C 490 -21.87 2.90 9.54
CA TYR C 490 -23.13 2.53 8.85
C TYR C 490 -23.41 1.08 9.19
N GLY C 491 -24.67 0.78 9.46
CA GLY C 491 -25.11 -0.60 9.60
C GLY C 491 -26.59 -0.66 9.85
N PRO C 492 -27.06 -1.81 10.32
CA PRO C 492 -28.50 -1.94 10.55
C PRO C 492 -29.02 -1.01 11.65
N SER C 493 -30.24 -0.50 11.47
CA SER C 493 -30.88 0.31 12.46
C SER C 493 -30.97 -0.47 13.78
N GLY C 494 -30.75 0.22 14.89
CA GLY C 494 -30.79 -0.37 16.21
C GLY C 494 -29.48 -0.80 16.81
N THR C 495 -28.42 -0.71 16.04
CA THR C 495 -27.08 -1.09 16.45
C THR C 495 -26.46 0.03 17.29
N TYR C 496 -26.11 -0.24 18.56
CA TYR C 496 -25.49 0.73 19.43
C TYR C 496 -24.15 1.16 18.85
N LEU C 497 -23.80 2.41 19.05
CA LEU C 497 -22.45 2.89 18.77
C LEU C 497 -21.44 2.21 19.72
N LEU C 498 -21.73 2.31 21.01
CA LEU C 498 -21.00 1.65 22.06
C LEU C 498 -22.06 0.98 22.96
N TYR C 499 -21.91 -0.34 23.22
CA TYR C 499 -22.88 -1.02 24.12
C TYR C 499 -22.57 -0.57 25.55
N PRO C 500 -23.55 0.04 26.23
CA PRO C 500 -23.25 0.61 27.55
C PRO C 500 -23.28 -0.47 28.64
N THR C 501 -22.29 -0.41 29.50
CA THR C 501 -22.28 -1.21 30.72
C THR C 501 -21.71 -0.41 31.85
N SER C 502 -21.83 -0.94 33.07
CA SER C 502 -21.24 -0.25 34.21
C SER C 502 -19.72 -0.15 34.07
N LYS C 503 -19.15 -1.06 33.26
CA LYS C 503 -17.68 -1.12 33.16
C LYS C 503 -17.11 -0.04 32.26
N ASN C 504 -17.93 0.53 31.40
CA ASN C 504 -17.46 1.57 30.48
C ASN C 504 -18.17 2.90 30.63
N ALA C 505 -19.10 3.03 31.60
CA ALA C 505 -19.92 4.22 31.68
C ALA C 505 -19.14 5.51 31.99
N ALA C 506 -18.00 5.36 32.67
CA ALA C 506 -17.21 6.50 33.11
C ALA C 506 -16.23 6.98 32.05
N ILE C 507 -16.10 6.25 30.95
CA ILE C 507 -15.02 6.56 30.00
C ILE C 507 -15.48 7.66 29.04
N PRO C 508 -14.65 8.73 28.90
CA PRO C 508 -15.04 9.78 27.90
C PRO C 508 -15.27 9.19 26.52
N THR C 509 -16.28 9.68 25.84
CA THR C 509 -16.63 9.14 24.56
C THR C 509 -17.06 10.21 23.58
N ARG C 510 -16.76 9.94 22.32
CA ARG C 510 -17.18 10.71 21.17
C ARG C 510 -17.98 9.80 20.26
N GLN C 511 -19.22 10.15 19.97
CA GLN C 511 -20.12 9.31 19.19
C GLN C 511 -20.78 10.11 18.09
N MET C 512 -20.89 9.45 16.94
CA MET C 512 -21.35 9.99 15.66
C MET C 512 -22.59 10.89 15.76
N HIS C 513 -22.49 12.02 15.07
CA HIS C 513 -23.61 12.94 14.88
C HIS C 513 -24.72 12.28 14.05
N GLN C 514 -25.97 12.49 14.47
CA GLN C 514 -27.16 11.93 13.81
C GLN C 514 -28.22 13.05 13.77
N SER C 515 -29.20 12.94 12.87
CA SER C 515 -30.18 14.01 12.75
C SER C 515 -31.47 13.45 12.12
N GLY C 516 -32.51 14.24 12.18
CA GLY C 516 -33.79 13.91 11.58
C GLY C 516 -34.76 15.07 11.60
N ALA C 517 -35.96 14.82 11.08
CA ALA C 517 -37.07 15.80 11.11
C ALA C 517 -38.40 15.08 10.96
N VAL C 518 -39.42 15.68 11.52
CA VAL C 518 -40.74 15.06 11.50
C VAL C 518 -41.82 16.15 11.42
N ASN C 519 -42.78 15.94 10.53
CA ASN C 519 -43.90 16.83 10.42
C ASN C 519 -44.89 16.60 11.53
N VAL C 520 -45.45 17.69 12.07
CA VAL C 520 -46.48 17.63 13.12
C VAL C 520 -47.65 18.58 12.75
N THR C 521 -48.84 18.22 13.27
CA THR C 521 -50.01 19.05 13.23
C THR C 521 -50.25 19.44 14.69
N THR C 522 -50.49 20.74 14.94
CA THR C 522 -50.70 21.17 16.30
C THR C 522 -52.04 20.69 16.88
N THR C 523 -52.02 20.51 18.20
CA THR C 523 -53.22 20.34 18.97
C THR C 523 -53.48 21.59 19.77
N ALA C 524 -54.64 21.65 20.42
CA ALA C 524 -54.95 22.81 21.27
C ALA C 524 -54.26 22.61 22.65
N SER C 525 -52.96 22.86 22.67
CA SER C 525 -52.06 22.52 23.77
C SER C 525 -50.97 23.60 23.88
N ALA C 526 -50.39 23.72 25.05
CA ALA C 526 -49.22 24.55 25.24
C ALA C 526 -47.97 23.97 24.63
N THR C 527 -47.87 22.65 24.58
CA THR C 527 -46.73 21.96 24.00
C THR C 527 -47.24 20.99 22.96
N VAL C 528 -46.57 21.01 21.81
CA VAL C 528 -46.84 20.08 20.71
C VAL C 528 -45.54 19.29 20.50
N ALA C 529 -45.52 18.05 21.00
CA ALA C 529 -44.33 17.20 20.89
C ALA C 529 -44.55 16.12 19.87
N ALA C 530 -43.57 15.95 19.00
CA ALA C 530 -43.62 14.84 18.09
C ALA C 530 -43.59 13.50 18.86
N PRO C 531 -44.10 12.43 18.29
CA PRO C 531 -43.80 11.12 18.87
C PRO C 531 -42.30 10.85 18.90
N ALA C 532 -41.89 9.91 19.71
CA ALA C 532 -40.49 9.56 19.82
C ALA C 532 -39.93 9.15 18.47
N GLN C 533 -38.84 9.82 18.10
CA GLN C 533 -38.17 9.57 16.82
C GLN C 533 -36.97 8.69 17.12
N THR C 534 -36.86 7.60 16.39
CA THR C 534 -35.77 6.65 16.56
C THR C 534 -34.44 7.23 16.16
N ILE C 535 -33.47 7.05 17.06
CA ILE C 535 -32.05 7.27 16.77
C ILE C 535 -31.50 5.96 16.20
N ARG C 536 -31.08 5.97 14.95
CA ARG C 536 -30.71 4.75 14.24
C ARG C 536 -29.64 3.97 14.93
N TYR C 537 -28.59 4.67 15.42
CA TYR C 537 -27.49 4.02 16.13
C TYR C 537 -27.47 4.56 17.55
N PRO C 538 -28.08 3.85 18.51
CA PRO C 538 -28.20 4.44 19.85
C PRO C 538 -26.88 4.81 20.50
N TYR C 539 -26.89 5.88 21.25
CA TYR C 539 -25.77 6.36 22.05
C TYR C 539 -25.67 5.51 23.32
N SER C 540 -24.54 5.62 23.98
CA SER C 540 -24.29 4.94 25.26
C SER C 540 -24.86 5.67 26.48
N LYS C 541 -25.29 6.91 26.26
CA LYS C 541 -25.85 7.77 27.29
C LYS C 541 -26.58 8.93 26.57
N ILE C 542 -27.27 9.79 27.32
CA ILE C 542 -28.09 10.82 26.71
C ILE C 542 -27.20 11.68 25.81
N PRO C 543 -27.60 11.88 24.55
CA PRO C 543 -26.76 12.71 23.70
C PRO C 543 -26.98 14.20 23.95
N ASN C 544 -26.05 14.98 23.37
CA ASN C 544 -26.17 16.41 23.21
C ASN C 544 -27.00 16.72 21.97
N VAL C 545 -28.05 17.53 22.13
CA VAL C 545 -29.04 17.71 21.07
C VAL C 545 -29.31 19.12 20.65
N SER C 546 -29.81 19.25 19.40
N SER C 546 -29.84 19.22 19.42
CA SER C 546 -30.48 20.44 18.94
CA SER C 546 -30.42 20.43 18.88
C SER C 546 -31.86 20.13 18.46
C SER C 546 -31.84 20.13 18.42
N VAL C 547 -32.71 21.14 18.48
CA VAL C 547 -34.10 21.06 17.94
C VAL C 547 -34.46 22.39 17.33
N GLN C 548 -35.17 22.34 16.20
CA GLN C 548 -35.66 23.55 15.57
C GLN C 548 -36.98 23.34 14.84
N VAL C 549 -37.62 24.43 14.44
CA VAL C 549 -38.89 24.43 13.78
C VAL C 549 -38.83 25.17 12.43
N SER C 550 -39.45 24.58 11.41
CA SER C 550 -39.65 25.23 10.15
C SER C 550 -41.05 24.86 9.65
N SER C 551 -41.44 25.35 8.48
CA SER C 551 -42.64 24.83 7.78
C SER C 551 -42.34 23.43 7.27
N GLN C 552 -43.38 22.70 6.88
CA GLN C 552 -43.27 21.37 6.37
C GLN C 552 -42.55 21.35 5.04
N SER C 553 -42.80 22.35 4.22
CA SER C 553 -42.19 22.38 2.89
C SER C 553 -40.82 23.08 2.85
N GLY C 554 -40.60 23.95 3.79
CA GLY C 554 -39.46 24.85 3.83
C GLY C 554 -39.81 26.24 3.25
N GLY C 555 -41.06 26.44 2.85
CA GLY C 555 -41.54 27.77 2.52
C GLY C 555 -41.56 28.67 3.75
N GLY C 556 -41.66 29.97 3.55
CA GLY C 556 -41.67 30.86 4.68
C GLY C 556 -42.75 30.67 5.69
N GLN C 557 -42.36 30.60 6.97
CA GLN C 557 -43.28 30.43 8.04
C GLN C 557 -42.64 30.98 9.32
N SER C 558 -43.41 31.75 10.07
CA SER C 558 -43.03 32.27 11.32
C SER C 558 -44.04 31.81 12.38
N ALA C 559 -45.00 32.65 12.69
CA ALA C 559 -46.07 32.24 13.61
C ALA C 559 -46.83 31.05 13.14
N ILE C 560 -47.34 30.31 14.09
CA ILE C 560 -48.30 29.22 13.84
C ILE C 560 -49.61 29.68 14.47
N GLY C 561 -50.57 30.09 13.62
CA GLY C 561 -51.67 30.80 14.10
C GLY C 561 -51.16 32.09 14.76
N SER C 562 -51.59 32.33 16.01
CA SER C 562 -51.16 33.52 16.67
C SER C 562 -49.97 33.26 17.61
N ILE C 563 -49.29 32.11 17.47
CA ILE C 563 -48.30 31.73 18.44
C ILE C 563 -46.90 31.75 17.82
N THR C 564 -45.95 32.32 18.52
CA THR C 564 -44.52 32.21 18.25
C THR C 564 -43.98 30.90 18.80
N PRO C 565 -43.61 29.95 17.88
CA PRO C 565 -43.27 28.61 18.41
C PRO C 565 -41.88 28.58 19.01
N VAL C 566 -41.72 27.99 20.20
CA VAL C 566 -40.44 27.83 20.90
C VAL C 566 -40.02 26.36 20.87
N ALA C 567 -38.99 26.07 20.09
CA ALA C 567 -38.47 24.73 19.97
C ALA C 567 -37.78 24.31 21.30
N ILE C 568 -38.07 23.10 21.76
CA ILE C 568 -37.46 22.49 22.94
C ILE C 568 -37.19 21.02 22.69
N ALA C 569 -36.29 20.46 23.49
CA ALA C 569 -36.10 18.98 23.52
C ALA C 569 -36.96 18.40 24.63
N TYR C 570 -38.15 17.91 24.28
CA TYR C 570 -39.14 17.48 25.29
C TYR C 570 -38.70 16.20 25.98
N ASN C 571 -38.12 15.27 25.24
CA ASN C 571 -37.61 14.01 25.79
C ASN C 571 -36.39 13.59 25.02
N VAL C 572 -35.36 13.20 25.70
CA VAL C 572 -34.12 12.74 25.07
C VAL C 572 -33.65 11.42 25.72
N GLN C 573 -33.64 10.33 24.95
CA GLN C 573 -33.13 9.06 25.36
C GLN C 573 -31.91 8.73 24.51
N PRO C 574 -31.14 7.72 24.92
CA PRO C 574 -30.03 7.31 24.11
C PRO C 574 -30.43 6.83 22.73
N ASN C 575 -31.68 6.31 22.62
CA ASN C 575 -32.16 5.69 21.40
C ASN C 575 -33.37 6.35 20.76
N SER C 576 -33.80 7.50 21.29
CA SER C 576 -34.94 8.22 20.73
C SER C 576 -34.95 9.67 21.23
N ILE C 577 -35.72 10.51 20.51
CA ILE C 577 -35.87 11.89 20.89
C ILE C 577 -37.27 12.36 20.55
N ARG C 578 -37.80 13.24 21.39
CA ARG C 578 -39.04 13.94 21.12
C ARG C 578 -38.83 15.44 21.03
N PRO C 579 -38.58 15.93 19.77
CA PRO C 579 -38.58 17.38 19.61
C PRO C 579 -39.99 17.93 19.82
N ALA C 580 -40.10 19.17 20.26
CA ALA C 580 -41.40 19.80 20.49
C ALA C 580 -41.30 21.28 20.24
N ILE C 581 -42.46 21.90 20.16
CA ILE C 581 -42.61 23.36 20.22
C ILE C 581 -43.60 23.75 21.32
N MET C 582 -43.32 24.85 21.98
CA MET C 582 -44.16 25.35 23.03
C MET C 582 -44.65 26.78 22.67
N ALA C 583 -45.84 27.11 23.18
CA ALA C 583 -46.35 28.47 23.18
C ALA C 583 -45.64 29.26 24.35
N PRO C 584 -45.19 30.51 24.08
CA PRO C 584 -44.68 31.32 25.18
C PRO C 584 -45.69 31.52 26.32
N SER C 585 -46.97 31.70 25.97
CA SER C 585 -48.07 31.72 26.94
C SER C 585 -49.29 31.20 26.19
N GLY C 586 -50.23 30.67 26.92
CA GLY C 586 -51.39 30.09 26.31
C GLY C 586 -51.09 28.81 25.54
N SER C 587 -51.88 28.57 24.51
CA SER C 587 -51.86 27.34 23.76
C SER C 587 -51.91 27.63 22.26
N PHE C 588 -51.35 26.71 21.48
CA PHE C 588 -51.61 26.66 20.06
C PHE C 588 -53.10 26.40 19.87
N ALA C 589 -53.58 26.79 18.67
CA ALA C 589 -54.82 26.30 18.10
C ALA C 589 -54.54 25.00 17.38
N ALA C 590 -55.53 24.10 17.36
CA ALA C 590 -55.38 22.83 16.65
C ALA C 590 -55.38 23.08 15.18
N GLY C 591 -54.61 22.28 14.45
CA GLY C 591 -54.65 22.28 12.97
C GLY C 591 -53.55 23.07 12.30
N GLY C 592 -52.64 23.63 13.06
CA GLY C 592 -51.48 24.30 12.41
C GLY C 592 -50.46 23.25 12.00
N SER C 593 -49.51 23.64 11.16
CA SER C 593 -48.54 22.74 10.62
C SER C 593 -47.12 23.21 10.88
N ALA C 594 -46.24 22.23 11.20
CA ALA C 594 -44.80 22.49 11.33
C ALA C 594 -43.99 21.26 11.07
N ARG C 595 -42.70 21.51 10.98
CA ARG C 595 -41.69 20.48 10.85
C ARG C 595 -40.71 20.67 11.98
N LEU C 596 -40.49 19.61 12.79
CA LEU C 596 -39.60 19.65 13.92
C LEU C 596 -38.31 18.88 13.56
N HIS C 597 -37.19 19.61 13.61
CA HIS C 597 -35.84 19.16 13.26
C HIS C 597 -35.12 18.80 14.55
N TRP C 598 -34.22 17.82 14.47
CA TRP C 598 -33.39 17.48 15.61
C TRP C 598 -32.05 16.94 15.18
N SER C 599 -31.06 17.09 16.06
CA SER C 599 -29.77 16.48 15.88
C SER C 599 -29.19 16.03 17.22
N ALA C 600 -28.17 15.17 17.13
CA ALA C 600 -27.60 14.58 18.35
C ALA C 600 -26.15 14.22 18.08
N SER C 601 -25.34 14.29 19.15
N SER C 601 -25.37 14.23 19.17
CA SER C 601 -23.94 13.82 19.13
CA SER C 601 -23.94 13.91 19.13
C SER C 601 -23.43 13.71 20.55
C SER C 601 -23.42 13.74 20.55
N LEU C 602 -22.28 13.08 20.70
CA LEU C 602 -21.50 13.13 21.95
C LEU C 602 -20.06 13.46 21.57
N ASP C 603 -19.44 14.31 22.36
CA ASP C 603 -18.11 14.81 22.05
C ASP C 603 -17.30 15.09 23.31
N ASP C 604 -17.10 14.07 24.18
CA ASP C 604 -16.42 14.28 25.43
C ASP C 604 -14.91 14.56 25.24
N ILE C 605 -14.37 14.05 24.15
CA ILE C 605 -13.01 14.28 23.65
C ILE C 605 -13.06 14.51 22.12
CA CA D . -5.21 -7.25 -31.92
CA CA E . -9.45 9.69 -27.57
NA NA F . -35.56 28.72 20.81
NA NA G . -22.67 -30.32 -15.00
NA NA H . -0.52 -29.12 -26.06
NA NA I . -20.52 -13.97 -25.97
NA NA J . -4.04 -39.30 -6.79
NA NA K . -3.21 -40.15 -9.67
C1 EDO L . 21.53 -7.79 -21.80
O1 EDO L . 21.05 -8.88 -22.38
C2 EDO L . 20.67 -6.94 -20.92
O2 EDO L . 19.41 -7.15 -20.68
C1 EDO M . -36.76 42.05 8.58
O1 EDO M . -38.11 42.40 8.64
C2 EDO M . -36.83 40.93 7.50
O2 EDO M . -37.49 39.83 8.07
C1 EDO N . 6.48 -34.04 -33.95
O1 EDO N . 7.64 -34.82 -34.11
C2 EDO N . 6.63 -32.98 -35.02
O2 EDO N . 7.54 -31.90 -34.68
C1 EDO O . 28.14 -24.53 -29.27
O1 EDO O . 27.55 -23.88 -28.09
C2 EDO O . 29.24 -25.47 -28.75
O2 EDO O . 28.57 -26.65 -28.07
C ACT P . -6.14 -11.34 -34.86
O ACT P . -5.18 -10.53 -35.17
OXT ACT P . -6.81 -11.22 -33.86
CH3 ACT P . -6.44 -12.57 -35.60
CA CA Q . 30.28 13.22 0.41
CA CA R . 20.94 16.05 15.56
NA NA S . -26.74 40.49 29.47
NA NA T . 28.89 14.14 -6.54
C1 EDO U . 26.15 -14.86 -1.04
O1 EDO U . 25.92 -13.54 -0.88
C2 EDO U . 27.65 -15.07 -1.01
O2 EDO U . 28.35 -14.71 -2.10
C1 EDO V . 13.29 30.26 -2.99
O1 EDO V . 12.00 29.81 -2.99
C2 EDO V . 13.63 30.87 -1.60
O2 EDO V . 14.18 29.78 -0.80
C1 EDO W . 25.82 17.90 6.70
O1 EDO W . 24.69 17.33 6.86
C2 EDO W . 25.92 18.99 5.73
O2 EDO W . 24.65 19.65 5.50
C ACT X . 33.84 14.88 -2.82
O ACT X . 32.69 15.31 -3.04
OXT ACT X . 34.10 13.96 -1.99
CH3 ACT X . 34.82 15.18 -3.82
C ACT Y . 16.19 26.52 -26.90
O ACT Y . 17.05 25.87 -27.45
OXT ACT Y . 15.04 26.23 -27.02
CH3 ACT Y . 16.54 27.70 -26.14
C ACT Z . -15.83 23.90 32.07
O ACT Z . -14.62 24.12 32.45
OXT ACT Z . -16.78 23.96 32.75
CH3 ACT Z . -16.24 23.38 30.83
CA CA AA . 3.82 -29.54 14.37
CA CA BA . -13.38 -24.47 12.94
NA NA CA . -26.77 -3.86 4.12
NA NA DA . 37.35 -48.20 8.28
C1 EDO EA . 28.62 -11.80 32.29
O1 EDO EA . 29.69 -11.99 31.36
C2 EDO EA . 27.62 -10.80 31.74
O2 EDO EA . 26.81 -11.42 30.81
C1 EDO FA . 11.71 -26.72 -12.92
O1 EDO FA . 12.64 -27.00 -12.12
C2 EDO FA . 11.04 -25.31 -12.78
O2 EDO FA . 10.61 -25.00 -11.56
C1 EDO GA . -46.18 16.86 25.38
O1 EDO GA . -46.79 17.78 26.29
C2 EDO GA . -46.65 15.45 25.69
O2 EDO GA . -47.60 15.03 24.72
C1 EDO HA . 34.72 -32.46 -7.78
O1 EDO HA . 35.87 -33.30 -7.47
C2 EDO HA . 35.10 -31.01 -7.79
O2 EDO HA . 35.61 -30.64 -9.06
C1 EDO IA . -2.63 -13.25 30.88
O1 EDO IA . -3.07 -13.97 29.72
C2 EDO IA . -1.31 -12.57 30.52
O2 EDO IA . -1.48 -11.26 30.21
C1 EDO JA . -3.85 -26.81 17.52
O1 EDO JA . -4.63 -26.12 16.54
C2 EDO JA . -4.35 -26.46 18.92
O2 EDO JA . -3.90 -25.12 19.23
C ACT KA . 7.42 -32.10 16.97
O ACT KA . 6.81 -32.64 16.00
OXT ACT KA . 7.21 -30.94 17.34
CH3 ACT KA . 8.58 -32.77 17.49
C ACT LA . 21.85 -20.54 24.13
O ACT LA . 22.96 -20.94 24.80
OXT ACT LA . 21.84 -19.56 23.29
CH3 ACT LA . 20.61 -21.33 24.18
C ACT MA . -40.16 6.85 14.46
O ACT MA . -40.98 7.32 13.72
OXT ACT MA . -40.40 5.95 15.35
CH3 ACT MA . -38.80 7.27 14.20
#